data_8ZUI
#
_entry.id   8ZUI
#
_cell.length_a   1.00
_cell.length_b   1.00
_cell.length_c   1.00
_cell.angle_alpha   90.00
_cell.angle_beta   90.00
_cell.angle_gamma   90.00
#
_symmetry.space_group_name_H-M   'P 1'
#
loop_
_entity.id
_entity.type
_entity.pdbx_description
1 polymer 'Tumor necrosis factor'
2 polymer 'Tumor necrosis factor receptor superfamily member 1A, membrane form'
#
loop_
_entity_poly.entity_id
_entity_poly.type
_entity_poly.pdbx_seq_one_letter_code
_entity_poly.pdbx_strand_id
1 'polypeptide(L)'
;ADPVRSSSRTPSDKPVAHVVANPQAEGQLQWLNRRANALLANGVELRDNQLVVPSEGLYLIYSQVLFKGQGCPSTHVLLT
HTISRIAVSYQTKVNLLSAIKSPCQRETPEGAEAKPWYEPIYLGGVFQLEKGDRLSAEINRPDYLDFAESGQVYFGIIAL
EFRSGRLVPR
;
A,B,C,G,H,I
2 'polypeptide(L)'
;ADPLVPHLGDREKRDSVCPQGKYIHPQNNSICCTKCHKGTYLYNDCPGPGQDTDCRECESGSFTASENHLRHCLSCSKCR
KEMGQVEISSCTVDRDTVCGCRKNQYRHYWSENLFQCFNCSLCLNGTVHLSCQEKQNTVCTCHAGFFLRENECVSCSNCK
KSLECTKLCLPQIENVKGTEDSGTTGGGGSHHHHHHHH
;
D,E,F,J,K,L
#
# COMPACT_ATOMS: atom_id res chain seq x y z
N ASP A 13 4.78 38.16 -15.92
CA ASP A 13 4.08 39.42 -15.78
C ASP A 13 2.68 39.34 -16.38
N LYS A 14 2.35 38.18 -16.93
CA LYS A 14 1.04 37.99 -17.56
C LYS A 14 -0.01 37.75 -16.49
N PRO A 15 -1.09 38.55 -16.47
CA PRO A 15 -2.18 38.31 -15.49
C PRO A 15 -2.81 36.95 -15.69
N VAL A 16 -2.71 36.10 -14.67
CA VAL A 16 -3.17 34.72 -14.76
C VAL A 16 -3.96 34.38 -13.49
N ALA A 17 -5.02 33.60 -13.66
CA ALA A 17 -5.83 33.14 -12.54
C ALA A 17 -6.35 31.74 -12.87
N HIS A 18 -6.13 30.81 -11.96
CA HIS A 18 -6.67 29.45 -12.05
C HIS A 18 -7.11 29.07 -10.64
N VAL A 19 -8.42 29.14 -10.41
CA VAL A 19 -9.02 28.93 -9.10
C VAL A 19 -9.82 27.64 -9.09
N VAL A 20 -9.85 27.00 -7.92
CA VAL A 20 -10.52 25.72 -7.74
C VAL A 20 -11.66 25.89 -6.74
N ALA A 21 -12.69 25.07 -6.89
CA ALA A 21 -13.84 25.12 -6.01
C ALA A 21 -13.47 24.65 -4.60
N ASN A 22 -14.15 25.23 -3.61
CA ASN A 22 -13.89 24.90 -2.21
C ASN A 22 -14.56 23.59 -1.84
N PRO A 23 -13.84 22.59 -1.37
CA PRO A 23 -14.45 21.30 -0.99
C PRO A 23 -15.02 21.24 0.42
N GLN A 24 -15.04 22.35 1.16
CA GLN A 24 -15.52 22.35 2.53
C GLN A 24 -16.85 23.07 2.72
N ALA A 25 -17.35 23.73 1.70
CA ALA A 25 -18.60 24.50 1.79
C ALA A 25 -19.63 23.84 0.86
N GLU A 26 -20.37 22.89 1.41
CA GLU A 26 -21.40 22.21 0.63
C GLU A 26 -22.61 23.11 0.46
N GLY A 27 -23.13 23.17 -0.77
CA GLY A 27 -24.28 23.99 -1.09
C GLY A 27 -23.96 25.31 -1.75
N GLN A 28 -22.70 25.67 -1.88
CA GLN A 28 -22.30 26.92 -2.53
C GLN A 28 -20.99 26.70 -3.28
N LEU A 29 -20.76 27.56 -4.27
CA LEU A 29 -19.57 27.50 -5.12
C LEU A 29 -18.66 28.65 -4.74
N GLN A 30 -17.55 28.34 -4.07
CA GLN A 30 -16.57 29.33 -3.63
C GLN A 30 -15.22 29.01 -4.23
N TRP A 31 -14.55 30.04 -4.74
CA TRP A 31 -13.26 29.88 -5.39
C TRP A 31 -12.12 30.15 -4.41
N LEU A 32 -11.04 29.38 -4.53
CA LEU A 32 -9.87 29.49 -3.68
C LEU A 32 -8.62 29.73 -4.51
N ASN A 33 -7.63 30.34 -3.88
CA ASN A 33 -6.33 30.63 -4.50
C ASN A 33 -5.17 29.95 -3.79
N ARG A 34 -5.17 29.92 -2.47
CA ARG A 34 -4.05 29.39 -1.68
C ARG A 34 -4.12 27.87 -1.59
N ARG A 35 -4.14 27.22 -2.75
CA ARG A 35 -4.11 25.78 -2.86
C ARG A 35 -3.14 25.39 -3.95
N ALA A 36 -2.70 24.13 -3.92
CA ALA A 36 -1.76 23.63 -4.92
C ALA A 36 -2.40 23.63 -6.29
N ASN A 37 -1.58 23.93 -7.32
CA ASN A 37 -2.01 24.01 -8.71
C ASN A 37 -3.11 25.05 -8.91
N ALA A 38 -3.06 26.13 -8.12
CA ALA A 38 -3.98 27.26 -8.25
C ALA A 38 -3.16 28.54 -8.24
N LEU A 39 -3.54 29.49 -9.09
CA LEU A 39 -2.75 30.69 -9.30
C LEU A 39 -3.62 31.94 -9.25
N LEU A 40 -3.05 33.02 -8.69
CA LEU A 40 -3.60 34.37 -8.81
C LEU A 40 -2.39 35.30 -8.90
N ALA A 41 -1.95 35.58 -10.13
CA ALA A 41 -0.70 36.30 -10.33
C ALA A 41 -0.88 37.45 -11.29
N ASN A 42 -0.13 38.52 -11.03
CA ASN A 42 0.00 39.69 -11.89
C ASN A 42 -1.33 40.45 -12.03
N GLY A 43 -1.87 40.84 -10.88
CA GLY A 43 -2.91 41.85 -10.80
C GLY A 43 -4.32 41.32 -10.72
N VAL A 44 -4.57 40.07 -11.10
CA VAL A 44 -5.93 39.54 -11.07
C VAL A 44 -6.35 39.34 -9.62
N GLU A 45 -7.54 39.84 -9.27
CA GLU A 45 -8.02 39.82 -7.90
C GLU A 45 -9.25 38.94 -7.77
N LEU A 46 -9.45 38.39 -6.59
CA LEU A 46 -10.61 37.56 -6.27
C LEU A 46 -11.46 38.29 -5.24
N ARG A 47 -12.53 38.94 -5.71
CA ARG A 47 -13.42 39.71 -4.85
C ARG A 47 -14.85 39.28 -5.07
N ASP A 48 -15.57 39.02 -3.97
CA ASP A 48 -16.97 38.63 -4.00
C ASP A 48 -17.21 37.41 -4.87
N ASN A 49 -16.31 36.42 -4.75
CA ASN A 49 -16.34 35.19 -5.54
C ASN A 49 -16.30 35.47 -7.04
N GLN A 50 -15.63 36.55 -7.43
CA GLN A 50 -15.51 36.94 -8.83
C GLN A 50 -14.08 37.34 -9.12
N LEU A 51 -13.69 37.22 -10.39
CA LEU A 51 -12.34 37.54 -10.82
C LEU A 51 -12.32 38.91 -11.49
N VAL A 52 -11.39 39.75 -11.05
CA VAL A 52 -11.23 41.11 -11.57
C VAL A 52 -9.89 41.18 -12.28
N VAL A 53 -9.92 41.54 -13.56
CA VAL A 53 -8.72 41.66 -14.39
C VAL A 53 -8.04 42.98 -14.10
N PRO A 54 -6.72 43.07 -14.20
CA PRO A 54 -6.02 44.33 -13.91
C PRO A 54 -5.76 45.22 -15.11
N SER A 55 -5.99 44.74 -16.33
CA SER A 55 -5.66 45.51 -17.52
C SER A 55 -6.57 45.11 -18.67
N GLU A 56 -6.58 45.95 -19.71
CA GLU A 56 -7.36 45.70 -20.90
C GLU A 56 -6.53 44.89 -21.89
N GLY A 57 -7.11 43.79 -22.37
CA GLY A 57 -6.41 42.94 -23.31
C GLY A 57 -7.24 41.72 -23.65
N LEU A 58 -6.61 40.78 -24.34
CA LEU A 58 -7.25 39.55 -24.75
C LEU A 58 -7.01 38.47 -23.71
N TYR A 59 -8.09 37.90 -23.19
CA TYR A 59 -8.02 36.88 -22.15
C TYR A 59 -8.70 35.60 -22.62
N LEU A 60 -8.02 34.47 -22.41
CA LEU A 60 -8.64 33.16 -22.54
C LEU A 60 -9.35 32.83 -21.23
N ILE A 61 -10.66 32.65 -21.31
CA ILE A 61 -11.51 32.35 -20.16
C ILE A 61 -11.97 30.90 -20.30
N TYR A 62 -11.72 30.10 -19.26
CA TYR A 62 -12.08 28.70 -19.27
C TYR A 62 -12.68 28.33 -17.92
N SER A 63 -13.50 27.29 -17.93
CA SER A 63 -14.12 26.77 -16.71
C SER A 63 -14.60 25.35 -16.95
N GLN A 64 -14.64 24.57 -15.89
CA GLN A 64 -15.16 23.21 -15.95
C GLN A 64 -15.91 22.89 -14.68
N VAL A 65 -17.14 22.42 -14.83
CA VAL A 65 -18.03 22.11 -13.71
C VAL A 65 -18.50 20.67 -13.85
N LEU A 66 -18.32 19.88 -12.80
CA LEU A 66 -18.75 18.48 -12.77
C LEU A 66 -19.94 18.35 -11.83
N PHE A 67 -21.04 17.82 -12.35
CA PHE A 67 -22.26 17.59 -11.56
C PHE A 67 -22.39 16.11 -11.25
N LYS A 68 -22.70 15.80 -9.99
CA LYS A 68 -22.87 14.43 -9.54
C LYS A 68 -24.32 14.24 -9.09
N GLY A 69 -24.79 13.00 -9.18
CA GLY A 69 -26.13 12.70 -8.70
C GLY A 69 -26.38 11.24 -8.36
N GLN A 70 -26.99 11.01 -7.20
CA GLN A 70 -27.36 9.67 -6.78
C GLN A 70 -28.77 9.38 -7.31
N GLY A 71 -28.84 8.67 -8.44
CA GLY A 71 -30.10 8.36 -9.05
C GLY A 71 -30.68 9.53 -9.83
N CYS A 72 -31.83 9.28 -10.46
CA CYS A 72 -32.51 10.29 -11.25
C CYS A 72 -33.75 10.77 -10.52
N PRO A 73 -33.89 12.06 -10.24
CA PRO A 73 -35.08 12.55 -9.54
C PRO A 73 -36.33 12.44 -10.41
N SER A 74 -37.48 12.46 -9.75
CA SER A 74 -38.76 12.36 -10.46
C SER A 74 -38.96 13.54 -11.39
N THR A 75 -38.66 14.75 -10.91
CA THR A 75 -38.75 15.93 -11.76
C THR A 75 -37.49 16.05 -12.62
N HIS A 76 -37.66 16.65 -13.80
CA HIS A 76 -36.53 16.84 -14.69
C HIS A 76 -35.55 17.86 -14.11
N VAL A 77 -34.27 17.63 -14.32
CA VAL A 77 -33.20 18.46 -13.76
C VAL A 77 -32.38 19.03 -14.90
N LEU A 78 -32.17 20.34 -14.87
CA LEU A 78 -31.34 21.05 -15.85
C LEU A 78 -30.15 21.67 -15.13
N LEU A 79 -28.96 21.49 -15.70
CA LEU A 79 -27.73 22.03 -15.14
C LEU A 79 -27.21 23.11 -16.08
N THR A 80 -27.13 24.35 -15.59
CA THR A 80 -26.69 25.47 -16.39
C THR A 80 -25.40 26.04 -15.83
N HIS A 81 -24.39 26.16 -16.69
CA HIS A 81 -23.13 26.79 -16.33
C HIS A 81 -22.93 28.02 -17.20
N THR A 82 -22.70 29.16 -16.57
CA THR A 82 -22.61 30.42 -17.29
C THR A 82 -21.43 31.24 -16.77
N ILE A 83 -20.55 31.63 -17.68
CA ILE A 83 -19.51 32.61 -17.39
C ILE A 83 -20.02 33.96 -17.87
N SER A 84 -20.20 34.89 -16.94
CA SER A 84 -20.80 36.18 -17.20
C SER A 84 -19.83 37.30 -16.85
N ARG A 85 -20.01 38.44 -17.52
CA ARG A 85 -19.10 39.57 -17.41
C ARG A 85 -19.88 40.81 -17.03
N ILE A 86 -19.40 41.51 -16.01
CA ILE A 86 -19.92 42.82 -15.61
C ILE A 86 -18.77 43.80 -15.80
N ALA A 87 -18.81 44.54 -16.90
CA ALA A 87 -17.73 45.44 -17.28
C ALA A 87 -18.05 46.88 -16.88
N VAL A 88 -17.02 47.71 -16.90
CA VAL A 88 -17.20 49.15 -16.69
C VAL A 88 -17.79 49.85 -17.90
N SER A 89 -17.88 49.15 -19.04
CA SER A 89 -18.42 49.74 -20.25
C SER A 89 -19.91 49.50 -20.43
N TYR A 90 -20.49 48.54 -19.71
CA TYR A 90 -21.92 48.25 -19.86
C TYR A 90 -22.62 48.25 -18.51
N GLN A 91 -21.89 47.87 -17.45
CA GLN A 91 -22.37 47.90 -16.07
C GLN A 91 -23.59 47.00 -15.85
N THR A 92 -23.76 45.99 -16.70
CA THR A 92 -24.78 44.97 -16.49
C THR A 92 -24.15 43.60 -16.72
N LYS A 93 -24.84 42.57 -16.24
CA LYS A 93 -24.35 41.20 -16.41
C LYS A 93 -24.57 40.77 -17.85
N VAL A 94 -23.49 40.30 -18.49
CA VAL A 94 -23.54 39.83 -19.87
C VAL A 94 -22.93 38.44 -19.92
N ASN A 95 -23.68 37.47 -20.44
CA ASN A 95 -23.24 36.08 -20.47
C ASN A 95 -22.21 35.90 -21.57
N LEU A 96 -20.94 35.79 -21.18
CA LEU A 96 -19.89 35.52 -22.17
C LEU A 96 -20.00 34.10 -22.70
N LEU A 97 -20.16 33.13 -21.82
CA LEU A 97 -20.26 31.73 -22.20
C LEU A 97 -21.42 31.08 -21.44
N SER A 98 -22.07 30.11 -22.08
CA SER A 98 -23.21 29.46 -21.44
C SER A 98 -23.35 28.04 -21.98
N ALA A 99 -23.80 27.14 -21.11
CA ALA A 99 -24.09 25.77 -21.51
C ALA A 99 -25.16 25.18 -20.60
N ILE A 100 -25.97 24.30 -21.17
CA ILE A 100 -27.08 23.66 -20.46
C ILE A 100 -26.98 22.15 -20.71
N LYS A 101 -27.25 21.36 -19.67
CA LYS A 101 -27.25 19.91 -19.76
C LYS A 101 -28.49 19.35 -19.09
N SER A 102 -28.92 18.17 -19.57
CA SER A 102 -30.04 17.44 -19.02
C SER A 102 -29.56 16.04 -18.67
N PRO A 103 -29.03 15.85 -17.45
CA PRO A 103 -28.42 14.55 -17.11
C PRO A 103 -29.38 13.38 -17.12
N CYS A 104 -30.64 13.59 -16.73
CA CYS A 104 -31.59 12.50 -16.56
C CYS A 104 -32.71 12.64 -17.58
N GLN A 105 -33.04 11.53 -18.24
CA GLN A 105 -34.14 11.49 -19.20
C GLN A 105 -35.40 10.83 -18.63
N ARG A 106 -35.25 9.91 -17.68
CA ARG A 106 -36.38 9.22 -17.08
C ARG A 106 -36.12 9.01 -15.60
N GLU A 107 -37.21 8.86 -14.85
CA GLU A 107 -37.10 8.63 -13.42
C GLU A 107 -36.58 7.23 -13.14
N THR A 108 -35.73 7.11 -12.12
CA THR A 108 -35.21 5.81 -11.72
C THR A 108 -36.32 4.98 -11.10
N PRO A 109 -36.58 3.76 -11.60
CA PRO A 109 -37.62 2.87 -11.07
C PRO A 109 -37.36 2.45 -9.62
N ALA A 112 -35.65 0.32 -7.78
CA ALA A 112 -34.38 -0.27 -8.19
C ALA A 112 -33.20 0.49 -7.59
N GLU A 113 -32.00 0.02 -7.89
CA GLU A 113 -30.80 0.67 -7.38
C GLU A 113 -30.57 1.99 -8.10
N ALA A 114 -30.24 3.03 -7.32
CA ALA A 114 -30.02 4.36 -7.87
C ALA A 114 -28.58 4.44 -8.38
N LYS A 115 -28.40 4.23 -9.67
CA LYS A 115 -27.08 4.30 -10.27
C LYS A 115 -26.62 5.76 -10.35
N PRO A 116 -25.42 6.07 -9.91
CA PRO A 116 -24.96 7.47 -9.94
C PRO A 116 -24.72 7.95 -11.36
N TRP A 117 -24.87 9.26 -11.54
CA TRP A 117 -24.61 9.92 -12.81
C TRP A 117 -23.65 11.07 -12.61
N TYR A 118 -22.81 11.30 -13.63
CA TYR A 118 -21.82 12.37 -13.64
C TYR A 118 -21.91 13.10 -14.96
N GLU A 119 -21.84 14.44 -14.90
CA GLU A 119 -21.92 15.24 -16.11
C GLU A 119 -20.90 16.39 -16.06
N PRO A 120 -19.92 16.41 -16.96
CA PRO A 120 -19.01 17.56 -17.04
C PRO A 120 -19.45 18.58 -18.07
N ILE A 121 -19.28 19.85 -17.72
CA ILE A 121 -19.56 20.97 -18.62
C ILE A 121 -18.32 21.84 -18.68
N TYR A 122 -17.81 22.08 -19.88
CA TYR A 122 -16.61 22.88 -20.07
C TYR A 122 -16.93 24.08 -20.96
N LEU A 123 -16.45 25.25 -20.55
CA LEU A 123 -16.57 26.48 -21.31
C LEU A 123 -15.18 27.04 -21.57
N GLY A 124 -14.97 27.56 -22.77
CA GLY A 124 -13.69 28.15 -23.12
C GLY A 124 -13.77 29.09 -24.30
N GLY A 125 -13.19 30.28 -24.15
CA GLY A 125 -13.24 31.27 -25.22
C GLY A 125 -12.17 32.32 -25.03
N VAL A 126 -12.07 33.22 -26.01
CA VAL A 126 -11.14 34.34 -25.98
C VAL A 126 -11.95 35.62 -26.12
N PHE A 127 -11.74 36.55 -25.17
CA PHE A 127 -12.53 37.77 -25.15
C PHE A 127 -11.63 38.97 -24.89
N GLN A 128 -12.05 40.13 -25.42
CA GLN A 128 -11.38 41.39 -25.17
C GLN A 128 -12.01 42.04 -23.95
N LEU A 129 -11.24 42.23 -22.89
CA LEU A 129 -11.74 42.70 -21.61
C LEU A 129 -11.02 43.98 -21.21
N GLU A 130 -11.77 44.94 -20.68
CA GLU A 130 -11.20 46.19 -20.20
C GLU A 130 -10.83 46.07 -18.73
N LYS A 131 -10.16 47.10 -18.22
CA LYS A 131 -9.77 47.12 -16.82
C LYS A 131 -10.99 47.26 -15.92
N GLY A 132 -11.00 46.50 -14.82
CA GLY A 132 -12.08 46.55 -13.86
C GLY A 132 -13.24 45.62 -14.14
N ASP A 133 -13.20 44.87 -15.25
CA ASP A 133 -14.27 43.94 -15.55
C ASP A 133 -14.28 42.78 -14.56
N ARG A 134 -15.48 42.37 -14.15
CA ARG A 134 -15.66 41.30 -13.18
C ARG A 134 -16.27 40.09 -13.89
N LEU A 135 -15.60 38.94 -13.76
CA LEU A 135 -16.04 37.71 -14.40
C LEU A 135 -16.52 36.73 -13.34
N SER A 136 -17.71 36.19 -13.54
CA SER A 136 -18.32 35.28 -12.57
C SER A 136 -18.75 34.00 -13.26
N ALA A 137 -18.32 32.87 -12.71
CA ALA A 137 -18.74 31.54 -13.18
C ALA A 137 -19.84 31.06 -12.25
N GLU A 138 -21.07 31.00 -12.76
CA GLU A 138 -22.24 30.69 -11.96
C GLU A 138 -22.91 29.42 -12.45
N ILE A 139 -23.59 28.74 -11.53
CA ILE A 139 -24.32 27.52 -11.80
C ILE A 139 -25.71 27.63 -11.20
N ASN A 140 -26.60 26.76 -11.65
CA ASN A 140 -27.99 26.79 -11.19
C ASN A 140 -28.26 25.81 -10.06
N ARG A 141 -27.48 24.75 -9.93
CA ARG A 141 -27.70 23.71 -8.91
C ARG A 141 -26.40 23.51 -8.14
N PRO A 142 -26.12 24.35 -7.15
CA PRO A 142 -24.90 24.18 -6.34
C PRO A 142 -24.87 22.88 -5.55
N ASP A 143 -26.02 22.30 -5.22
CA ASP A 143 -26.05 21.08 -4.41
C ASP A 143 -25.54 19.87 -5.16
N TYR A 144 -25.44 19.95 -6.48
CA TYR A 144 -24.98 18.82 -7.29
C TYR A 144 -23.48 18.87 -7.57
N LEU A 145 -22.77 19.86 -7.01
CA LEU A 145 -21.37 20.09 -7.32
C LEU A 145 -20.48 18.96 -6.84
N ASP A 146 -19.37 18.77 -7.56
CA ASP A 146 -18.40 17.73 -7.27
C ASP A 146 -17.22 18.32 -6.50
N PHE A 147 -17.06 17.89 -5.24
CA PHE A 147 -15.96 18.33 -4.40
C PHE A 147 -15.08 17.16 -3.98
N ALA A 148 -15.23 16.01 -4.65
CA ALA A 148 -14.54 14.81 -4.23
C ALA A 148 -13.03 14.91 -4.47
N GLU A 149 -12.63 15.31 -5.68
CA GLU A 149 -11.22 15.41 -6.02
C GLU A 149 -10.94 16.72 -6.71
N SER A 150 -9.68 17.16 -6.61
CA SER A 150 -9.25 18.41 -7.23
C SER A 150 -9.17 18.25 -8.74
N GLY A 151 -9.32 19.37 -9.43
CA GLY A 151 -9.28 19.38 -10.88
C GLY A 151 -10.58 19.06 -11.57
N GLN A 152 -11.66 18.86 -10.82
CA GLN A 152 -12.97 18.57 -11.40
C GLN A 152 -13.79 19.83 -11.67
N VAL A 153 -13.83 20.76 -10.72
CA VAL A 153 -14.52 22.03 -10.89
C VAL A 153 -13.49 23.14 -10.71
N TYR A 154 -13.34 23.99 -11.72
CA TYR A 154 -12.36 25.06 -11.66
C TYR A 154 -12.74 26.16 -12.63
N PHE A 155 -12.15 27.33 -12.42
CA PHE A 155 -12.36 28.50 -13.24
C PHE A 155 -10.99 29.12 -13.53
N GLY A 156 -10.89 29.87 -14.62
CA GLY A 156 -9.62 30.49 -14.94
C GLY A 156 -9.64 31.49 -16.07
N ILE A 157 -8.75 32.48 -15.97
CA ILE A 157 -8.56 33.49 -17.01
C ILE A 157 -7.07 33.74 -17.17
N ILE A 158 -6.59 33.73 -18.41
CA ILE A 158 -5.19 33.99 -18.70
C ILE A 158 -5.08 35.08 -19.75
N ALA A 159 -4.34 36.14 -19.45
CA ALA A 159 -4.14 37.22 -20.40
C ALA A 159 -3.25 36.75 -21.55
N LEU A 160 -3.53 37.26 -22.75
CA LEU A 160 -2.78 36.84 -23.92
C LEU A 160 -2.37 38.04 -24.78
N ASP B 13 10.14 29.29 -30.45
CA ASP B 13 10.96 28.86 -29.32
C ASP B 13 10.08 28.44 -28.14
N LYS B 14 8.78 28.54 -28.31
CA LYS B 14 7.85 28.20 -27.25
C LYS B 14 7.69 26.69 -27.17
N PRO B 15 7.93 26.07 -26.01
CA PRO B 15 7.71 24.62 -25.86
C PRO B 15 6.26 24.25 -26.11
N VAL B 16 6.05 23.43 -27.15
CA VAL B 16 4.70 23.06 -27.57
C VAL B 16 4.65 21.56 -27.83
N ALA B 17 3.52 20.95 -27.47
CA ALA B 17 3.30 19.54 -27.71
C ALA B 17 1.82 19.32 -28.00
N HIS B 18 1.53 18.66 -29.12
CA HIS B 18 0.17 18.26 -29.47
C HIS B 18 0.28 16.84 -30.05
N VAL B 19 -0.08 15.86 -29.23
CA VAL B 19 0.07 14.45 -29.57
C VAL B 19 -1.30 13.82 -29.76
N VAL B 20 -1.34 12.83 -30.65
CA VAL B 20 -2.58 12.13 -31.01
C VAL B 20 -2.45 10.67 -30.61
N ALA B 21 -3.59 10.05 -30.31
CA ALA B 21 -3.63 8.65 -29.92
C ALA B 21 -3.27 7.75 -31.09
N ASN B 22 -2.65 6.62 -30.77
CA ASN B 22 -2.23 5.67 -31.79
C ASN B 22 -3.42 4.83 -32.24
N PRO B 23 -3.74 4.81 -33.54
CA PRO B 23 -4.87 4.02 -34.03
C PRO B 23 -4.55 2.56 -34.35
N GLN B 24 -3.34 2.08 -34.05
CA GLN B 24 -2.96 0.72 -34.37
C GLN B 24 -2.80 -0.19 -33.16
N ALA B 25 -2.89 0.36 -31.95
CA ALA B 25 -2.71 -0.41 -30.72
C ALA B 25 -4.04 -0.40 -29.96
N GLU B 26 -4.89 -1.38 -30.26
CA GLU B 26 -6.17 -1.48 -29.58
C GLU B 26 -5.98 -2.02 -28.16
N GLY B 27 -6.66 -1.39 -27.21
CA GLY B 27 -6.57 -1.78 -25.82
C GLY B 27 -5.65 -0.93 -24.96
N GLN B 28 -4.91 0.00 -25.56
CA GLN B 28 -4.02 0.87 -24.81
C GLN B 28 -4.00 2.25 -25.45
N LEU B 29 -3.62 3.24 -24.67
CA LEU B 29 -3.56 4.63 -25.10
C LEU B 29 -2.09 5.02 -25.26
N GLN B 30 -1.64 5.18 -26.50
CA GLN B 30 -0.26 5.53 -26.80
C GLN B 30 -0.24 6.82 -27.62
N TRP B 31 0.65 7.73 -27.24
CA TRP B 31 0.75 9.03 -27.89
C TRP B 31 1.83 8.99 -28.98
N LEU B 32 1.56 9.70 -30.08
CA LEU B 32 2.49 9.78 -31.22
C LEU B 32 2.81 11.22 -31.54
N ASN B 33 3.97 11.42 -32.16
CA ASN B 33 4.45 12.74 -32.58
C ASN B 33 4.65 12.84 -34.08
N ARG B 34 5.18 11.80 -34.72
CA ARG B 34 5.52 11.85 -36.14
C ARG B 34 4.29 11.57 -37.01
N ARG B 35 3.27 12.41 -36.81
CA ARG B 35 2.05 12.36 -37.60
C ARG B 35 1.65 13.78 -37.97
N ALA B 36 0.81 13.89 -38.99
CA ALA B 36 0.35 15.20 -39.44
C ALA B 36 -0.48 15.87 -38.36
N ASN B 37 -0.35 17.20 -38.27
CA ASN B 37 -1.04 18.02 -37.27
C ASN B 37 -0.71 17.60 -35.85
N ALA B 38 0.52 17.12 -35.64
CA ALA B 38 1.04 16.77 -34.32
C ALA B 38 2.40 17.40 -34.15
N LEU B 39 2.67 17.92 -32.96
CA LEU B 39 3.89 18.69 -32.71
C LEU B 39 4.58 18.24 -31.44
N LEU B 40 5.92 18.27 -31.47
CA LEU B 40 6.76 18.15 -30.28
C LEU B 40 7.95 19.07 -30.53
N ALA B 41 7.84 20.32 -30.08
CA ALA B 41 8.83 21.33 -30.43
C ALA B 41 9.30 22.09 -29.19
N ASN B 42 10.57 22.46 -29.22
CA ASN B 42 11.22 23.33 -28.24
C ASN B 42 11.26 22.69 -26.84
N GLY B 43 11.86 21.49 -26.81
CA GLY B 43 12.30 20.89 -25.57
C GLY B 43 11.35 19.89 -24.94
N VAL B 44 10.07 19.90 -25.31
CA VAL B 44 9.12 18.97 -24.70
C VAL B 44 9.41 17.56 -25.22
N GLU B 45 9.49 16.62 -24.29
CA GLU B 45 9.87 15.24 -24.62
C GLU B 45 8.71 14.30 -24.35
N LEU B 46 8.69 13.18 -25.08
CA LEU B 46 7.68 12.14 -24.92
C LEU B 46 8.39 10.88 -24.41
N ARG B 47 8.30 10.65 -23.11
CA ARG B 47 8.95 9.51 -22.47
C ARG B 47 7.93 8.73 -21.65
N ASP B 48 7.91 7.42 -21.83
CA ASP B 48 7.03 6.51 -21.08
C ASP B 48 5.56 6.92 -21.21
N ASN B 49 5.17 7.30 -22.42
CA ASN B 49 3.81 7.76 -22.73
C ASN B 49 3.42 8.97 -21.90
N GLN B 50 4.41 9.81 -21.55
CA GLN B 50 4.19 11.00 -20.75
C GLN B 50 4.94 12.16 -21.36
N LEU B 51 4.47 13.38 -21.09
CA LEU B 51 5.07 14.59 -21.62
C LEU B 51 5.92 15.25 -20.54
N VAL B 52 7.16 15.58 -20.90
CA VAL B 52 8.10 16.22 -20.00
C VAL B 52 8.40 17.62 -20.53
N VAL B 53 8.13 18.62 -19.69
CA VAL B 53 8.35 20.02 -20.05
C VAL B 53 9.83 20.36 -19.90
N PRO B 54 10.38 21.27 -20.70
CA PRO B 54 11.80 21.60 -20.60
C PRO B 54 12.12 22.79 -19.69
N SER B 55 11.12 23.55 -19.24
CA SER B 55 11.38 24.75 -18.47
C SER B 55 10.21 25.04 -17.54
N GLU B 56 10.46 25.91 -16.58
CA GLU B 56 9.44 26.33 -15.62
C GLU B 56 8.68 27.53 -16.18
N GLY B 57 7.37 27.44 -16.19
CA GLY B 57 6.54 28.51 -16.70
C GLY B 57 5.07 28.13 -16.66
N LEU B 58 4.26 28.97 -17.31
CA LEU B 58 2.83 28.75 -17.37
C LEU B 58 2.48 27.99 -18.64
N TYR B 59 1.81 26.85 -18.48
CA TYR B 59 1.44 25.98 -19.60
C TYR B 59 -0.07 25.81 -19.63
N LEU B 60 -0.63 25.95 -20.83
CA LEU B 60 -2.01 25.54 -21.09
C LEU B 60 -2.00 24.04 -21.42
N ILE B 61 -2.69 23.26 -20.60
CA ILE B 61 -2.79 21.82 -20.73
C ILE B 61 -4.20 21.48 -21.17
N TYR B 62 -4.32 20.77 -22.29
CA TYR B 62 -5.62 20.39 -22.84
C TYR B 62 -5.58 18.94 -23.28
N SER B 63 -6.76 18.33 -23.31
CA SER B 63 -6.91 16.95 -23.75
C SER B 63 -8.36 16.70 -24.12
N GLN B 64 -8.57 15.77 -25.05
CA GLN B 64 -9.91 15.36 -25.43
C GLN B 64 -9.93 13.86 -25.70
N VAL B 65 -10.87 13.16 -25.07
CA VAL B 65 -10.98 11.72 -25.18
C VAL B 65 -12.40 11.38 -25.60
N LEU B 66 -12.55 10.59 -26.67
CA LEU B 66 -13.84 10.17 -27.18
C LEU B 66 -14.02 8.69 -26.89
N PHE B 67 -15.10 8.34 -26.21
CA PHE B 67 -15.43 6.96 -25.89
C PHE B 67 -16.56 6.48 -26.78
N LYS B 68 -16.41 5.29 -27.35
CA LYS B 68 -17.41 4.68 -28.21
C LYS B 68 -17.94 3.41 -27.56
N GLY B 69 -19.18 3.06 -27.90
CA GLY B 69 -19.74 1.84 -27.38
C GLY B 69 -20.88 1.27 -28.20
N GLN B 70 -20.83 -0.05 -28.47
CA GLN B 70 -21.89 -0.75 -29.18
C GLN B 70 -22.90 -1.23 -28.14
N GLY B 71 -23.98 -0.48 -27.96
CA GLY B 71 -24.99 -0.82 -27.00
C GLY B 71 -24.59 -0.45 -25.57
N CYS B 72 -25.51 -0.71 -24.65
CA CYS B 72 -25.28 -0.42 -23.24
C CYS B 72 -25.07 -1.72 -22.47
N PRO B 73 -23.96 -1.89 -21.77
CA PRO B 73 -23.74 -3.12 -21.02
C PRO B 73 -24.68 -3.23 -19.83
N SER B 74 -24.84 -4.47 -19.36
CA SER B 74 -25.72 -4.71 -18.22
C SER B 74 -25.22 -4.00 -16.97
N THR B 75 -23.91 -4.07 -16.70
CA THR B 75 -23.33 -3.35 -15.59
C THR B 75 -23.12 -1.88 -15.97
N HIS B 76 -23.18 -1.01 -14.96
CA HIS B 76 -22.96 0.40 -15.19
C HIS B 76 -21.50 0.66 -15.54
N VAL B 77 -21.28 1.61 -16.45
CA VAL B 77 -19.94 1.92 -16.95
C VAL B 77 -19.63 3.37 -16.66
N LEU B 78 -18.46 3.61 -16.07
CA LEU B 78 -17.98 4.95 -15.77
C LEU B 78 -16.70 5.21 -16.55
N LEU B 79 -16.62 6.36 -17.19
CA LEU B 79 -15.46 6.76 -17.98
C LEU B 79 -14.77 7.93 -17.28
N THR B 80 -13.52 7.72 -16.86
CA THR B 80 -12.77 8.73 -16.14
C THR B 80 -11.57 9.16 -16.96
N HIS B 81 -11.43 10.46 -17.18
CA HIS B 81 -10.27 11.04 -17.84
C HIS B 81 -9.55 11.97 -16.86
N THR B 82 -8.26 11.72 -16.67
CA THR B 82 -7.49 12.48 -15.68
C THR B 82 -6.15 12.88 -16.25
N ILE B 83 -5.86 14.19 -16.21
CA ILE B 83 -4.53 14.71 -16.48
C ILE B 83 -3.84 14.89 -15.15
N SER B 84 -2.75 14.15 -14.93
CA SER B 84 -2.05 14.11 -13.67
C SER B 84 -0.61 14.56 -13.86
N ARG B 85 -0.03 15.08 -12.78
CA ARG B 85 1.30 15.68 -12.80
C ARG B 85 2.17 15.02 -11.75
N ILE B 86 3.36 14.59 -12.16
CA ILE B 86 4.40 14.10 -11.25
C ILE B 86 5.56 15.07 -11.38
N ALA B 87 5.69 15.96 -10.42
CA ALA B 87 6.70 17.02 -10.46
C ALA B 87 7.91 16.66 -9.61
N VAL B 88 8.99 17.40 -9.83
CA VAL B 88 10.19 17.27 -8.99
C VAL B 88 10.00 17.91 -7.62
N SER B 89 8.92 18.67 -7.42
CA SER B 89 8.68 19.34 -6.15
C SER B 89 7.82 18.51 -5.19
N TYR B 90 7.12 17.50 -5.68
CA TYR B 90 6.26 16.70 -4.82
C TYR B 90 6.55 15.21 -4.98
N GLN B 91 6.98 14.81 -6.19
CA GLN B 91 7.40 13.44 -6.50
C GLN B 91 6.28 12.42 -6.29
N THR B 92 5.02 12.88 -6.34
CA THR B 92 3.88 11.96 -6.33
C THR B 92 2.91 12.40 -7.42
N LYS B 93 2.00 11.50 -7.78
CA LYS B 93 1.01 11.80 -8.80
C LYS B 93 -0.05 12.73 -8.21
N VAL B 94 -0.29 13.86 -8.90
CA VAL B 94 -1.27 14.85 -8.50
C VAL B 94 -2.18 15.12 -9.68
N ASN B 95 -3.49 14.96 -9.47
CA ASN B 95 -4.47 15.11 -10.54
C ASN B 95 -4.68 16.59 -10.83
N LEU B 96 -4.10 17.08 -11.93
CA LEU B 96 -4.33 18.46 -12.33
C LEU B 96 -5.75 18.67 -12.81
N LEU B 97 -6.24 17.78 -13.67
CA LEU B 97 -7.59 17.87 -14.21
C LEU B 97 -8.24 16.50 -14.15
N SER B 98 -9.56 16.48 -13.96
CA SER B 98 -10.28 15.22 -13.87
C SER B 98 -11.72 15.40 -14.32
N ALA B 99 -12.26 14.36 -14.93
CA ALA B 99 -13.66 14.35 -15.33
C ALA B 99 -14.18 12.92 -15.38
N ILE B 100 -15.46 12.75 -15.04
CA ILE B 100 -16.13 11.46 -15.00
C ILE B 100 -17.42 11.56 -15.80
N LYS B 101 -17.72 10.51 -16.56
CA LYS B 101 -18.95 10.43 -17.34
C LYS B 101 -19.62 9.08 -17.13
N SER B 102 -20.94 9.07 -17.28
CA SER B 102 -21.76 7.86 -17.19
C SER B 102 -22.56 7.74 -18.48
N PRO B 103 -22.00 7.12 -19.52
CA PRO B 103 -22.67 7.10 -20.83
C PRO B 103 -24.02 6.39 -20.84
N CYS B 104 -24.17 5.32 -20.06
CA CYS B 104 -25.37 4.49 -20.11
C CYS B 104 -26.12 4.60 -18.79
N GLN B 105 -27.43 4.79 -18.89
CA GLN B 105 -28.29 4.84 -17.72
C GLN B 105 -29.08 3.55 -17.51
N ARG B 106 -29.38 2.81 -18.58
CA ARG B 106 -30.14 1.58 -18.48
C ARG B 106 -29.59 0.58 -19.48
N GLU B 107 -29.81 -0.71 -19.18
CA GLU B 107 -29.35 -1.77 -20.06
C GLU B 107 -30.18 -1.80 -21.34
N THR B 108 -29.52 -2.07 -22.46
CA THR B 108 -30.21 -2.19 -23.73
C THR B 108 -31.06 -3.46 -23.75
N PRO B 109 -32.37 -3.35 -24.02
CA PRO B 109 -33.27 -4.51 -24.08
C PRO B 109 -32.91 -5.50 -25.17
N ALA B 112 -33.19 -6.07 -28.40
CA ALA B 112 -33.37 -5.03 -29.41
C ALA B 112 -32.03 -4.68 -30.05
N GLU B 113 -32.06 -3.75 -31.00
CA GLU B 113 -30.85 -3.33 -31.68
C GLU B 113 -29.98 -2.49 -30.75
N ALA B 114 -28.68 -2.79 -30.74
CA ALA B 114 -27.72 -2.08 -29.87
C ALA B 114 -27.31 -0.78 -30.57
N LYS B 115 -27.98 0.31 -30.20
CA LYS B 115 -27.63 1.60 -30.78
C LYS B 115 -26.31 2.09 -30.21
N PRO B 116 -25.38 2.53 -31.05
CA PRO B 116 -24.08 2.98 -30.57
C PRO B 116 -24.19 4.29 -29.78
N TRP B 117 -23.25 4.46 -28.85
CA TRP B 117 -23.16 5.68 -28.06
C TRP B 117 -21.75 6.24 -28.15
N TYR B 118 -21.66 7.57 -28.11
CA TYR B 118 -20.41 8.30 -28.16
C TYR B 118 -20.40 9.36 -27.07
N GLU B 119 -19.26 9.48 -26.38
CA GLU B 119 -19.14 10.46 -25.30
C GLU B 119 -17.78 11.16 -25.37
N PRO B 120 -17.75 12.48 -25.59
CA PRO B 120 -16.49 13.22 -25.53
C PRO B 120 -16.27 13.85 -24.16
N ILE B 121 -15.02 13.82 -23.72
CA ILE B 121 -14.59 14.45 -22.47
C ILE B 121 -13.42 15.35 -22.79
N TYR B 122 -13.53 16.63 -22.44
CA TYR B 122 -12.49 17.61 -22.70
C TYR B 122 -12.01 18.21 -21.39
N LEU B 123 -10.69 18.30 -21.24
CA LEU B 123 -10.05 18.96 -20.11
C LEU B 123 -9.16 20.08 -20.61
N GLY B 124 -9.15 21.20 -19.88
CA GLY B 124 -8.33 22.33 -20.25
C GLY B 124 -8.08 23.28 -19.11
N GLY B 125 -6.82 23.66 -18.90
CA GLY B 125 -6.48 24.54 -17.80
C GLY B 125 -5.12 25.18 -18.02
N VAL B 126 -4.77 26.08 -17.11
CA VAL B 126 -3.48 26.76 -17.12
C VAL B 126 -2.80 26.49 -15.78
N PHE B 127 -1.57 25.98 -15.84
CA PHE B 127 -0.86 25.59 -14.62
C PHE B 127 0.59 26.08 -14.68
N GLN B 128 1.14 26.35 -13.49
CA GLN B 128 2.54 26.70 -13.35
C GLN B 128 3.34 25.42 -13.11
N LEU B 129 4.24 25.10 -14.04
CA LEU B 129 4.98 23.84 -14.02
C LEU B 129 6.47 24.11 -13.98
N GLU B 130 7.18 23.33 -13.18
CA GLU B 130 8.62 23.43 -13.07
C GLU B 130 9.30 22.51 -14.09
N LYS B 131 10.62 22.63 -14.19
CA LYS B 131 11.38 21.81 -15.11
C LYS B 131 11.40 20.36 -14.63
N GLY B 132 11.24 19.43 -15.57
CA GLY B 132 11.26 18.02 -15.26
C GLY B 132 9.92 17.42 -14.87
N ASP B 133 8.87 18.21 -14.81
CA ASP B 133 7.55 17.70 -14.46
C ASP B 133 7.02 16.80 -15.58
N ARG B 134 6.39 15.69 -15.19
CA ARG B 134 5.85 14.73 -16.13
C ARG B 134 4.33 14.76 -16.08
N LEU B 135 3.70 14.96 -17.23
CA LEU B 135 2.26 15.07 -17.34
C LEU B 135 1.71 13.85 -18.08
N SER B 136 0.72 13.19 -17.48
CA SER B 136 0.15 11.97 -18.03
C SER B 136 -1.37 12.12 -18.16
N ALA B 137 -1.89 11.85 -19.35
CA ALA B 137 -3.33 11.81 -19.58
C ALA B 137 -3.77 10.35 -19.55
N GLU B 138 -4.52 9.98 -18.52
CA GLU B 138 -4.89 8.60 -18.27
C GLU B 138 -6.40 8.44 -18.31
N ILE B 139 -6.82 7.22 -18.67
CA ILE B 139 -8.23 6.86 -18.75
C ILE B 139 -8.42 5.53 -18.03
N ASN B 140 -9.67 5.24 -17.70
CA ASN B 140 -10.00 4.02 -16.97
C ASN B 140 -10.43 2.86 -17.86
N ARG B 141 -10.94 3.15 -19.06
CA ARG B 141 -11.44 2.13 -19.98
C ARG B 141 -10.79 2.32 -21.34
N PRO B 142 -9.55 1.81 -21.51
CA PRO B 142 -8.88 1.92 -22.81
C PRO B 142 -9.59 1.20 -23.95
N ASP B 143 -10.39 0.17 -23.65
CA ASP B 143 -11.04 -0.60 -24.70
C ASP B 143 -12.16 0.17 -25.38
N TYR B 144 -12.61 1.27 -24.79
CA TYR B 144 -13.69 2.06 -25.35
C TYR B 144 -13.18 3.22 -26.20
N LEU B 145 -11.86 3.33 -26.38
CA LEU B 145 -11.25 4.48 -27.06
C LEU B 145 -11.63 4.55 -28.53
N ASP B 146 -11.64 5.77 -29.06
CA ASP B 146 -12.00 6.05 -30.44
C ASP B 146 -10.72 6.25 -31.26
N PHE B 147 -10.48 5.33 -32.19
CA PHE B 147 -9.34 5.40 -33.10
C PHE B 147 -9.77 5.52 -34.55
N ALA B 148 -11.05 5.83 -34.78
CA ALA B 148 -11.58 5.81 -36.14
C ALA B 148 -11.01 6.94 -36.99
N GLU B 149 -11.03 8.16 -36.46
CA GLU B 149 -10.56 9.32 -37.20
C GLU B 149 -9.65 10.17 -36.31
N SER B 150 -8.76 10.92 -36.97
CA SER B 150 -7.84 11.79 -36.25
C SER B 150 -8.57 13.00 -35.69
N GLY B 151 -8.01 13.56 -34.63
CA GLY B 151 -8.59 14.71 -33.97
C GLY B 151 -9.66 14.39 -32.94
N GLN B 152 -9.94 13.12 -32.68
CA GLN B 152 -10.92 12.72 -31.69
C GLN B 152 -10.33 12.54 -30.30
N VAL B 153 -9.18 11.88 -30.19
CA VAL B 153 -8.49 11.71 -28.91
C VAL B 153 -7.11 12.32 -29.07
N TYR B 154 -6.78 13.28 -28.21
CA TYR B 154 -5.49 13.96 -28.30
C TYR B 154 -5.16 14.58 -26.95
N PHE B 155 -3.87 14.91 -26.80
CA PHE B 155 -3.34 15.54 -25.60
C PHE B 155 -2.42 16.67 -26.04
N GLY B 156 -2.23 17.66 -25.17
CA GLY B 156 -1.37 18.76 -25.52
C GLY B 156 -1.02 19.73 -24.41
N ILE B 157 0.17 20.30 -24.50
CA ILE B 157 0.63 21.33 -23.56
C ILE B 157 1.35 22.41 -24.36
N ILE B 158 1.00 23.67 -24.10
CA ILE B 158 1.66 24.79 -24.77
C ILE B 158 2.13 25.78 -23.72
N ALA B 159 3.43 26.12 -23.77
CA ALA B 159 3.98 27.09 -22.84
C ALA B 159 3.47 28.48 -23.17
N LEU B 160 3.26 29.29 -22.13
CA LEU B 160 2.72 30.63 -22.32
C LEU B 160 3.50 31.67 -21.51
N ASP C 13 -1.49 43.16 -32.13
CA ASP C 13 -1.05 42.76 -33.46
C ASP C 13 -1.22 41.26 -33.67
N LYS C 14 -1.70 40.58 -32.63
CA LYS C 14 -1.89 39.14 -32.71
C LYS C 14 -3.17 38.82 -33.48
N PRO C 15 -3.09 38.00 -34.53
CA PRO C 15 -4.30 37.61 -35.27
C PRO C 15 -5.27 36.85 -34.38
N VAL C 16 -6.46 37.42 -34.19
CA VAL C 16 -7.45 36.87 -33.28
C VAL C 16 -8.81 36.88 -33.96
N ALA C 17 -9.60 35.82 -33.71
CA ALA C 17 -10.94 35.72 -34.23
C ALA C 17 -11.81 34.99 -33.21
N HIS C 18 -12.93 35.59 -32.85
CA HIS C 18 -13.93 34.98 -31.97
C HIS C 18 -15.28 35.33 -32.56
N VAL C 19 -15.89 34.37 -33.26
CA VAL C 19 -17.13 34.58 -33.99
C VAL C 19 -18.26 33.80 -33.31
N VAL C 20 -19.47 34.35 -33.42
CA VAL C 20 -20.66 33.78 -32.79
C VAL C 20 -21.65 33.39 -33.89
N ALA C 21 -22.46 32.38 -33.59
CA ALA C 21 -23.47 31.91 -34.54
C ALA C 21 -24.57 32.94 -34.72
N ASN C 22 -25.12 32.97 -35.93
CA ASN C 22 -26.19 33.92 -36.26
C ASN C 22 -27.52 33.44 -35.71
N PRO C 23 -28.20 34.23 -34.87
CA PRO C 23 -29.49 33.80 -34.31
C PRO C 23 -30.70 34.10 -35.19
N GLN C 24 -30.51 34.58 -36.43
CA GLN C 24 -31.63 34.93 -37.29
C GLN C 24 -31.80 33.98 -38.48
N ALA C 25 -30.87 33.06 -38.70
CA ALA C 25 -30.92 32.14 -39.83
C ALA C 25 -31.09 30.72 -39.29
N GLU C 26 -32.35 30.32 -39.11
CA GLU C 26 -32.64 28.98 -38.63
C GLU C 26 -32.40 27.95 -39.73
N GLY C 27 -31.73 26.86 -39.37
CA GLY C 27 -31.43 25.79 -40.31
C GLY C 27 -30.03 25.80 -40.87
N GLN C 28 -29.23 26.83 -40.58
CA GLN C 28 -27.86 26.90 -41.05
C GLN C 28 -26.99 27.57 -39.99
N LEU C 29 -25.69 27.30 -40.06
CA LEU C 29 -24.71 27.81 -39.12
C LEU C 29 -23.89 28.90 -39.83
N GLN C 30 -24.12 30.16 -39.45
CA GLN C 30 -23.44 31.29 -40.05
C GLN C 30 -22.72 32.07 -38.96
N TRP C 31 -21.47 32.44 -39.23
CA TRP C 31 -20.64 33.14 -38.26
C TRP C 31 -20.71 34.65 -38.50
N LEU C 32 -20.70 35.42 -37.41
CA LEU C 32 -20.78 36.87 -37.44
C LEU C 32 -19.59 37.48 -36.70
N ASN C 33 -19.25 38.71 -37.08
CA ASN C 33 -18.16 39.47 -36.48
C ASN C 33 -18.63 40.76 -35.84
N ARG C 34 -19.57 41.48 -36.47
CA ARG C 34 -20.00 42.80 -36.01
C ARG C 34 -21.06 42.66 -34.91
N ARG C 35 -20.67 41.96 -33.84
CA ARG C 35 -21.51 41.79 -32.66
C ARG C 35 -20.64 41.98 -31.42
N ALA C 36 -21.30 42.25 -30.30
CA ALA C 36 -20.58 42.44 -29.06
C ALA C 36 -19.89 41.16 -28.62
N ASN C 37 -18.71 41.31 -28.01
CA ASN C 37 -17.88 40.20 -27.56
C ASN C 37 -17.50 39.27 -28.71
N ALA C 38 -17.34 39.82 -29.90
CA ALA C 38 -16.88 39.09 -31.08
C ALA C 38 -15.77 39.89 -31.74
N LEU C 39 -14.73 39.19 -32.21
CA LEU C 39 -13.53 39.85 -32.71
C LEU C 39 -13.10 39.26 -34.04
N LEU C 40 -12.59 40.12 -34.91
CA LEU C 40 -11.86 39.72 -36.13
C LEU C 40 -10.75 40.76 -36.30
N ALA C 41 -9.57 40.48 -35.74
CA ALA C 41 -8.52 41.48 -35.69
C ALA C 41 -7.20 40.90 -36.18
N ASN C 42 -6.42 41.78 -36.81
CA ASN C 42 -5.04 41.50 -37.23
C ASN C 42 -4.97 40.39 -38.29
N GLY C 43 -5.71 40.60 -39.38
CA GLY C 43 -5.51 39.87 -40.61
C GLY C 43 -6.43 38.68 -40.82
N VAL C 44 -7.06 38.16 -39.78
CA VAL C 44 -7.94 37.00 -39.93
C VAL C 44 -9.20 37.43 -40.66
N GLU C 45 -9.55 36.67 -41.70
CA GLU C 45 -10.69 37.02 -42.55
C GLU C 45 -11.78 35.97 -42.43
N LEU C 46 -13.02 36.41 -42.68
CA LEU C 46 -14.20 35.53 -42.66
C LEU C 46 -14.74 35.45 -44.08
N ARG C 47 -14.42 34.37 -44.78
CA ARG C 47 -14.84 34.16 -46.16
C ARG C 47 -15.52 32.81 -46.29
N ASP C 48 -16.69 32.79 -46.93
CA ASP C 48 -17.44 31.57 -47.19
C ASP C 48 -17.72 30.79 -45.91
N ASN C 49 -18.08 31.52 -44.85
CA ASN C 49 -18.34 30.95 -43.52
C ASN C 49 -17.14 30.20 -42.97
N GLN C 50 -15.94 30.63 -43.35
CA GLN C 50 -14.70 30.00 -42.91
C GLN C 50 -13.71 31.08 -42.49
N LEU C 51 -12.78 30.70 -41.62
CA LEU C 51 -11.77 31.61 -41.10
C LEU C 51 -10.45 31.39 -41.81
N VAL C 52 -9.86 32.48 -42.31
CA VAL C 52 -8.59 32.45 -43.03
C VAL C 52 -7.56 33.18 -42.20
N VAL C 53 -6.49 32.48 -41.85
CA VAL C 53 -5.39 33.04 -41.04
C VAL C 53 -4.49 33.88 -41.94
N PRO C 54 -3.87 34.95 -41.42
CA PRO C 54 -3.01 35.80 -42.24
C PRO C 54 -1.53 35.43 -42.23
N SER C 55 -1.10 34.53 -41.36
CA SER C 55 0.32 34.23 -41.22
C SER C 55 0.50 32.81 -40.71
N GLU C 56 1.73 32.31 -40.85
CA GLU C 56 2.09 30.99 -40.38
C GLU C 56 2.55 31.07 -38.93
N GLY C 57 1.97 30.23 -38.08
CA GLY C 57 2.33 30.22 -36.68
C GLY C 57 1.47 29.24 -35.92
N LEU C 58 1.59 29.31 -34.59
CA LEU C 58 0.83 28.43 -33.71
C LEU C 58 -0.46 29.12 -33.29
N TYR C 59 -1.59 28.45 -33.54
CA TYR C 59 -2.91 28.98 -33.24
C TYR C 59 -3.64 28.04 -32.30
N LEU C 60 -4.25 28.62 -31.27
CA LEU C 60 -5.22 27.92 -30.44
C LEU C 60 -6.59 28.02 -31.11
N ILE C 61 -7.14 26.86 -31.48
CA ILE C 61 -8.43 26.76 -32.16
C ILE C 61 -9.43 26.18 -31.16
N TYR C 62 -10.54 26.88 -30.95
CA TYR C 62 -11.56 26.46 -30.02
C TYR C 62 -12.93 26.66 -30.65
N SER C 63 -13.89 25.88 -30.17
CA SER C 63 -15.27 25.98 -30.62
C SER C 63 -16.19 25.32 -29.61
N GLN C 64 -17.42 25.81 -29.54
CA GLN C 64 -18.42 25.21 -28.67
C GLN C 64 -19.78 25.26 -29.36
N VAL C 65 -20.45 24.11 -29.43
CA VAL C 65 -21.73 23.96 -30.10
C VAL C 65 -22.73 23.36 -29.11
N LEU C 66 -23.87 24.02 -28.95
CA LEU C 66 -24.93 23.55 -28.07
C LEU C 66 -26.10 23.06 -28.91
N PHE C 67 -26.50 21.81 -28.69
CA PHE C 67 -27.63 21.21 -29.39
C PHE C 67 -28.82 21.14 -28.46
N LYS C 68 -29.98 21.54 -28.97
CA LYS C 68 -31.23 21.52 -28.21
C LYS C 68 -32.21 20.55 -28.87
N GLY C 69 -33.11 20.00 -28.06
CA GLY C 69 -34.12 19.12 -28.61
C GLY C 69 -35.37 18.96 -27.76
N GLN C 70 -36.53 19.06 -28.40
CA GLN C 70 -37.81 18.87 -27.73
C GLN C 70 -38.16 17.38 -27.81
N GLY C 71 -37.87 16.64 -26.74
CA GLY C 71 -38.13 15.22 -26.70
C GLY C 71 -37.07 14.43 -27.45
N CYS C 72 -37.24 13.10 -27.41
CA CYS C 72 -36.32 12.20 -28.08
C CYS C 72 -36.99 11.60 -29.31
N PRO C 73 -36.40 11.74 -30.49
CA PRO C 73 -37.03 11.18 -31.69
C PRO C 73 -36.97 9.65 -31.68
N SER C 74 -37.85 9.05 -32.49
CA SER C 74 -37.91 7.60 -32.58
C SER C 74 -36.60 7.03 -33.11
N THR C 75 -36.05 7.63 -34.16
CA THR C 75 -34.76 7.21 -34.68
C THR C 75 -33.63 7.79 -33.83
N HIS C 76 -32.52 7.08 -33.79
CA HIS C 76 -31.36 7.54 -33.03
C HIS C 76 -30.74 8.75 -33.72
N VAL C 77 -30.26 9.69 -32.91
CA VAL C 77 -29.72 10.95 -33.39
C VAL C 77 -28.28 11.08 -32.94
N LEU C 78 -27.38 11.38 -33.88
CA LEU C 78 -25.97 11.60 -33.60
C LEU C 78 -25.60 13.03 -33.96
N LEU C 79 -24.89 13.70 -33.06
CA LEU C 79 -24.47 15.08 -33.25
C LEU C 79 -22.95 15.10 -33.41
N THR C 80 -22.47 15.54 -34.56
CA THR C 80 -21.04 15.55 -34.87
C THR C 80 -20.58 16.99 -35.04
N HIS C 81 -19.54 17.37 -34.31
CA HIS C 81 -18.91 18.68 -34.46
C HIS C 81 -17.47 18.48 -34.90
N THR C 82 -17.09 19.11 -36.00
CA THR C 82 -15.76 18.91 -36.57
C THR C 82 -15.16 20.24 -36.99
N ILE C 83 -13.97 20.52 -36.48
CA ILE C 83 -13.14 21.63 -36.96
C ILE C 83 -12.16 21.06 -37.97
N SER C 84 -12.28 21.50 -39.21
CA SER C 84 -11.51 20.96 -40.32
C SER C 84 -10.66 22.06 -40.96
N ARG C 85 -9.56 21.64 -41.58
CA ARG C 85 -8.57 22.56 -42.14
C ARG C 85 -8.35 22.23 -43.60
N ILE C 86 -8.42 23.24 -44.46
CA ILE C 86 -8.06 23.15 -45.86
C ILE C 86 -6.87 24.09 -46.05
N ALA C 87 -5.67 23.52 -46.10
CA ALA C 87 -4.44 24.29 -46.17
C ALA C 87 -3.92 24.36 -47.60
N VAL C 88 -2.99 25.29 -47.81
CA VAL C 88 -2.29 25.37 -49.10
C VAL C 88 -1.25 24.28 -49.27
N SER C 89 -0.96 23.53 -48.21
CA SER C 89 0.04 22.46 -48.28
C SER C 89 -0.56 21.11 -48.61
N TYR C 90 -1.87 20.93 -48.47
CA TYR C 90 -2.49 19.64 -48.75
C TYR C 90 -3.67 19.79 -49.70
N GLN C 91 -4.35 20.95 -49.63
CA GLN C 91 -5.45 21.30 -50.53
C GLN C 91 -6.63 20.32 -50.44
N THR C 92 -6.76 19.62 -49.31
CA THR C 92 -7.92 18.80 -49.04
C THR C 92 -8.39 19.09 -47.62
N LYS C 93 -9.63 18.69 -47.34
CA LYS C 93 -10.19 18.88 -46.01
C LYS C 93 -9.58 17.87 -45.04
N VAL C 94 -9.04 18.38 -43.94
CA VAL C 94 -8.42 17.54 -42.91
C VAL C 94 -9.04 17.91 -41.57
N ASN C 95 -9.59 16.91 -40.87
CA ASN C 95 -10.28 17.14 -39.62
C ASN C 95 -9.26 17.38 -38.52
N LEU C 96 -9.11 18.65 -38.11
CA LEU C 96 -8.22 18.96 -36.99
C LEU C 96 -8.79 18.45 -35.68
N LEU C 97 -10.08 18.71 -35.43
CA LEU C 97 -10.74 18.30 -34.20
C LEU C 97 -12.10 17.70 -34.55
N SER C 98 -12.53 16.72 -33.75
CA SER C 98 -13.80 16.06 -34.02
C SER C 98 -14.38 15.52 -32.72
N ALA C 99 -15.71 15.54 -32.64
CA ALA C 99 -16.41 14.97 -31.50
C ALA C 99 -17.81 14.52 -31.94
N ILE C 100 -18.29 13.45 -31.32
CA ILE C 100 -19.59 12.86 -31.60
C ILE C 100 -20.33 12.67 -30.29
N LYS C 101 -21.63 12.95 -30.30
CA LYS C 101 -22.49 12.78 -29.14
C LYS C 101 -23.77 12.05 -29.54
N SER C 102 -24.35 11.34 -28.57
CA SER C 102 -25.62 10.63 -28.74
C SER C 102 -26.55 11.11 -27.63
N PRO C 103 -27.30 12.19 -27.88
CA PRO C 103 -28.12 12.77 -26.81
C PRO C 103 -29.22 11.87 -26.29
N CYS C 104 -29.83 11.06 -27.14
CA CYS C 104 -30.99 10.26 -26.78
C CYS C 104 -30.63 8.77 -26.83
N GLN C 105 -31.01 8.04 -25.78
CA GLN C 105 -30.81 6.60 -25.73
C GLN C 105 -32.07 5.81 -26.01
N ARG C 106 -33.24 6.37 -25.71
CA ARG C 106 -34.51 5.69 -25.93
C ARG C 106 -35.55 6.70 -26.39
N GLU C 107 -36.56 6.19 -27.09
CA GLU C 107 -37.63 7.04 -27.58
C GLU C 107 -38.52 7.50 -26.43
N THR C 108 -38.96 8.76 -26.50
CA THR C 108 -39.85 9.29 -25.48
C THR C 108 -41.22 8.64 -25.60
N PRO C 109 -41.75 8.04 -24.52
CA PRO C 109 -43.07 7.38 -24.52
C PRO C 109 -44.22 8.35 -24.81
N ALA C 112 -46.15 10.60 -23.40
CA ALA C 112 -45.78 11.38 -22.22
C ALA C 112 -45.26 12.75 -22.62
N GLU C 113 -44.90 13.56 -21.63
CA GLU C 113 -44.39 14.89 -21.89
C GLU C 113 -42.98 14.81 -22.46
N ALA C 114 -42.72 15.59 -23.51
CA ALA C 114 -41.43 15.60 -24.18
C ALA C 114 -40.49 16.52 -23.41
N LYS C 115 -39.68 15.95 -22.52
CA LYS C 115 -38.74 16.74 -21.76
C LYS C 115 -37.58 17.19 -22.65
N PRO C 116 -37.23 18.47 -22.63
CA PRO C 116 -36.15 18.96 -23.50
C PRO C 116 -34.80 18.43 -23.07
N TRP C 117 -33.91 18.31 -24.06
CA TRP C 117 -32.53 17.89 -23.82
C TRP C 117 -31.57 18.90 -24.42
N TYR C 118 -30.44 19.07 -23.75
CA TYR C 118 -29.38 19.98 -24.17
C TYR C 118 -28.03 19.25 -24.12
N GLU C 119 -27.22 19.45 -25.15
CA GLU C 119 -25.91 18.80 -25.20
C GLU C 119 -24.83 19.77 -25.70
N PRO C 120 -23.84 20.10 -24.88
CA PRO C 120 -22.72 20.93 -25.35
C PRO C 120 -21.54 20.08 -25.79
N ILE C 121 -20.91 20.53 -26.88
CA ILE C 121 -19.70 19.90 -27.42
C ILE C 121 -18.64 20.98 -27.56
N TYR C 122 -17.49 20.76 -26.94
CA TYR C 122 -16.40 21.73 -26.96
C TYR C 122 -15.17 21.08 -27.59
N LEU C 123 -14.53 21.81 -28.50
CA LEU C 123 -13.27 21.40 -29.11
C LEU C 123 -12.23 22.47 -28.85
N GLY C 124 -10.99 22.04 -28.58
CA GLY C 124 -9.91 22.96 -28.33
C GLY C 124 -8.54 22.34 -28.51
N GLY C 125 -7.66 23.01 -29.27
CA GLY C 125 -6.34 22.47 -29.52
C GLY C 125 -5.39 23.55 -29.98
N VAL C 126 -4.14 23.17 -30.15
CA VAL C 126 -3.09 24.06 -30.65
C VAL C 126 -2.50 23.44 -31.90
N PHE C 127 -2.47 24.19 -32.99
CA PHE C 127 -2.01 23.66 -34.27
C PHE C 127 -1.08 24.66 -34.95
N GLN C 128 -0.15 24.13 -35.74
CA GLN C 128 0.73 24.94 -36.57
C GLN C 128 0.08 25.12 -37.95
N LEU C 129 -0.22 26.37 -38.29
CA LEU C 129 -0.98 26.68 -39.49
C LEU C 129 -0.17 27.62 -40.38
N GLU C 130 -0.22 27.35 -41.68
CA GLU C 130 0.47 28.20 -42.65
C GLU C 130 -0.47 29.31 -43.14
N LYS C 131 0.10 30.23 -43.92
CA LYS C 131 -0.69 31.33 -44.46
C LYS C 131 -1.68 30.82 -45.51
N GLY C 132 -2.89 31.34 -45.47
CA GLY C 132 -3.92 30.96 -46.43
C GLY C 132 -4.75 29.76 -46.04
N ASP C 133 -4.46 29.13 -44.90
CA ASP C 133 -5.25 27.99 -44.46
C ASP C 133 -6.66 28.42 -44.08
N ARG C 134 -7.64 27.60 -44.45
CA ARG C 134 -9.04 27.89 -44.17
C ARG C 134 -9.57 26.90 -43.14
N LEU C 135 -10.14 27.41 -42.05
CA LEU C 135 -10.64 26.59 -40.96
C LEU C 135 -12.16 26.69 -40.92
N SER C 136 -12.82 25.53 -40.89
CA SER C 136 -14.28 25.48 -40.92
C SER C 136 -14.79 24.64 -39.76
N ALA C 137 -15.71 25.19 -38.98
CA ALA C 137 -16.38 24.47 -37.91
C ALA C 137 -17.74 24.01 -38.44
N GLU C 138 -17.89 22.71 -38.64
CA GLU C 138 -19.06 22.14 -39.26
C GLU C 138 -19.79 21.20 -38.31
N ILE C 139 -21.10 21.09 -38.53
CA ILE C 139 -21.96 20.22 -37.75
C ILE C 139 -22.83 19.40 -38.70
N ASN C 140 -23.41 18.33 -38.16
CA ASN C 140 -24.22 17.43 -38.98
C ASN C 140 -25.71 17.73 -38.89
N ARG C 141 -26.18 18.36 -37.81
CA ARG C 141 -27.60 18.65 -37.61
C ARG C 141 -27.77 20.13 -37.31
N PRO C 142 -27.79 20.98 -38.34
CA PRO C 142 -27.99 22.41 -38.11
C PRO C 142 -29.33 22.77 -37.49
N ASP C 143 -30.36 21.94 -37.68
CA ASP C 143 -31.69 22.25 -37.15
C ASP C 143 -31.77 22.15 -35.64
N TYR C 144 -30.78 21.53 -35.00
CA TYR C 144 -30.76 21.37 -33.56
C TYR C 144 -29.98 22.47 -32.85
N LEU C 145 -29.48 23.45 -33.59
CA LEU C 145 -28.59 24.47 -33.05
C LEU C 145 -29.29 25.38 -32.06
N ASP C 146 -28.51 25.90 -31.11
CA ASP C 146 -29.00 26.78 -30.06
C ASP C 146 -28.70 28.23 -30.42
N PHE C 147 -29.75 29.01 -30.66
CA PHE C 147 -29.65 30.43 -30.96
C PHE C 147 -30.33 31.29 -29.91
N ALA C 148 -30.66 30.69 -28.76
CA ALA C 148 -31.45 31.40 -27.75
C ALA C 148 -30.66 32.54 -27.10
N GLU C 149 -29.43 32.25 -26.67
CA GLU C 149 -28.61 33.24 -25.99
C GLU C 149 -27.20 33.21 -26.55
N SER C 150 -26.52 34.35 -26.43
CA SER C 150 -25.16 34.48 -26.91
C SER C 150 -24.20 33.71 -26.01
N GLY C 151 -23.07 33.30 -26.59
CA GLY C 151 -22.07 32.55 -25.86
C GLY C 151 -22.30 31.06 -25.79
N GLN C 152 -23.35 30.55 -26.45
CA GLN C 152 -23.63 29.12 -26.47
C GLN C 152 -22.96 28.40 -27.63
N VAL C 153 -23.03 28.97 -28.83
CA VAL C 153 -22.36 28.41 -30.01
C VAL C 153 -21.40 29.46 -30.53
N TYR C 154 -20.12 29.10 -30.63
CA TYR C 154 -19.12 30.05 -31.09
C TYR C 154 -17.91 29.30 -31.62
N PHE C 155 -17.09 30.02 -32.37
CA PHE C 155 -15.86 29.50 -32.95
C PHE C 155 -14.76 30.53 -32.74
N GLY C 156 -13.52 30.08 -32.73
CA GLY C 156 -12.43 31.03 -32.53
C GLY C 156 -11.04 30.48 -32.76
N ILE C 157 -10.14 31.36 -33.21
CA ILE C 157 -8.73 31.04 -33.39
C ILE C 157 -7.90 32.22 -32.90
N ILE C 158 -6.88 31.93 -32.09
CA ILE C 158 -6.00 32.98 -31.58
C ILE C 158 -4.55 32.57 -31.85
N ALA C 159 -3.82 33.46 -32.52
CA ALA C 159 -2.40 33.19 -32.80
C ALA C 159 -1.59 33.27 -31.52
N LEU C 160 -0.57 32.43 -31.42
CA LEU C 160 0.25 32.38 -30.22
C LEU C 160 1.73 32.36 -30.56
N VAL D 17 -11.20 61.69 -12.05
CA VAL D 17 -12.53 61.15 -11.79
C VAL D 17 -13.58 62.06 -12.41
N CYS D 18 -13.94 61.79 -13.66
CA CYS D 18 -14.94 62.59 -14.35
C CYS D 18 -16.33 62.28 -13.79
N PRO D 19 -17.27 63.23 -13.91
CA PRO D 19 -18.63 63.00 -13.37
C PRO D 19 -19.37 61.87 -14.07
N GLN D 20 -20.58 61.57 -13.57
CA GLN D 20 -21.34 60.45 -14.08
C GLN D 20 -21.80 60.70 -15.52
N GLY D 21 -21.96 59.60 -16.26
CA GLY D 21 -22.35 59.67 -17.66
C GLY D 21 -21.22 59.89 -18.64
N LYS D 22 -19.96 59.91 -18.17
CA LYS D 22 -18.82 60.13 -19.03
C LYS D 22 -17.78 59.04 -18.79
N TYR D 23 -17.09 58.65 -19.87
CA TYR D 23 -16.04 57.65 -19.84
C TYR D 23 -14.72 58.30 -20.28
N ILE D 24 -13.63 57.75 -19.75
CA ILE D 24 -12.30 58.24 -20.08
C ILE D 24 -11.90 57.76 -21.46
N HIS D 25 -11.26 58.64 -22.23
CA HIS D 25 -10.77 58.27 -23.55
C HIS D 25 -9.67 57.22 -23.42
N PRO D 26 -9.70 56.16 -24.24
CA PRO D 26 -8.65 55.12 -24.13
C PRO D 26 -7.24 55.64 -24.38
N GLN D 27 -7.08 56.61 -25.28
CA GLN D 27 -5.81 57.25 -25.54
C GLN D 27 -5.86 58.70 -25.05
N ASN D 28 -4.71 59.21 -24.62
CA ASN D 28 -4.60 60.56 -24.05
C ASN D 28 -5.53 60.71 -22.85
N ASN D 29 -5.25 59.95 -21.80
CA ASN D 29 -6.15 59.83 -20.66
C ASN D 29 -6.19 61.10 -19.82
N SER D 30 -6.66 62.19 -20.42
CA SER D 30 -6.94 63.42 -19.70
C SER D 30 -8.25 64.06 -20.14
N ILE D 31 -8.94 63.50 -21.13
CA ILE D 31 -10.19 64.03 -21.65
C ILE D 31 -11.23 62.91 -21.60
N CYS D 32 -12.39 63.20 -21.03
CA CYS D 32 -13.48 62.24 -20.95
C CYS D 32 -14.66 62.75 -21.75
N CYS D 33 -15.45 61.81 -22.29
CA CYS D 33 -16.58 62.16 -23.15
C CYS D 33 -17.80 61.34 -22.77
N THR D 34 -18.97 61.86 -23.13
CA THR D 34 -20.23 61.26 -22.73
C THR D 34 -20.42 59.89 -23.35
N LYS D 35 -20.98 58.95 -22.58
CA LYS D 35 -21.27 57.62 -23.09
C LYS D 35 -22.45 57.66 -24.06
N CYS D 36 -22.44 56.73 -25.01
CA CYS D 36 -23.57 56.59 -25.92
C CYS D 36 -24.78 56.06 -25.17
N HIS D 37 -25.96 56.53 -25.58
CA HIS D 37 -27.20 56.14 -24.93
C HIS D 37 -27.66 54.76 -25.42
N LYS D 38 -28.85 54.36 -24.97
CA LYS D 38 -29.41 53.09 -25.38
C LYS D 38 -29.76 53.11 -26.86
N GLY D 39 -29.59 51.95 -27.51
CA GLY D 39 -29.84 51.83 -28.92
C GLY D 39 -28.70 52.27 -29.82
N THR D 40 -27.58 52.70 -29.24
CA THR D 40 -26.44 53.17 -30.01
C THR D 40 -25.16 52.52 -29.51
N TYR D 41 -24.21 52.35 -30.41
CA TYR D 41 -22.89 51.81 -30.09
C TYR D 41 -21.82 52.76 -30.59
N LEU D 42 -20.66 52.71 -29.93
CA LEU D 42 -19.55 53.57 -30.31
C LEU D 42 -18.96 53.12 -31.63
N TYR D 43 -18.84 54.05 -32.58
CA TYR D 43 -18.15 53.80 -33.84
C TYR D 43 -16.79 54.49 -33.90
N ASN D 44 -16.68 55.69 -33.35
CA ASN D 44 -15.41 56.40 -33.26
C ASN D 44 -15.36 57.14 -31.93
N ASP D 45 -14.14 57.43 -31.49
CA ASP D 45 -13.94 58.12 -30.23
C ASP D 45 -14.18 59.63 -30.40
N CYS D 46 -13.95 60.37 -29.32
CA CYS D 46 -14.22 61.80 -29.33
C CYS D 46 -13.15 62.52 -30.15
N PRO D 47 -13.53 63.32 -31.16
CA PRO D 47 -12.57 64.10 -31.95
C PRO D 47 -12.16 65.41 -31.27
N GLY D 48 -11.78 65.32 -30.00
CA GLY D 48 -11.41 66.49 -29.23
C GLY D 48 -12.30 66.69 -28.03
N PRO D 49 -11.86 67.54 -27.09
CA PRO D 49 -12.66 67.79 -25.89
C PRO D 49 -13.88 68.65 -26.20
N GLY D 50 -15.03 68.22 -25.68
CA GLY D 50 -16.28 68.96 -25.83
C GLY D 50 -17.15 68.51 -26.99
N GLN D 51 -16.59 67.81 -27.96
CA GLN D 51 -17.37 67.35 -29.10
C GLN D 51 -18.21 66.13 -28.73
N ASP D 52 -19.20 65.85 -29.57
CA ASP D 52 -20.07 64.70 -29.36
C ASP D 52 -19.38 63.42 -29.81
N THR D 53 -19.78 62.31 -29.20
CA THR D 53 -19.24 61.01 -29.54
C THR D 53 -19.96 60.41 -30.74
N ASP D 54 -19.23 59.61 -31.51
CA ASP D 54 -19.78 58.95 -32.68
C ASP D 54 -20.57 57.72 -32.22
N CYS D 55 -21.88 57.88 -32.07
CA CYS D 55 -22.77 56.81 -31.67
C CYS D 55 -23.66 56.46 -32.86
N ARG D 56 -23.66 55.19 -33.26
CA ARG D 56 -24.42 54.73 -34.41
C ARG D 56 -25.51 53.76 -33.95
N GLU D 57 -26.66 53.80 -34.60
CA GLU D 57 -27.77 52.94 -34.24
C GLU D 57 -27.44 51.48 -34.53
N CYS D 58 -27.88 50.60 -33.63
CA CYS D 58 -27.66 49.17 -33.81
C CYS D 58 -28.43 48.65 -35.02
N GLU D 59 -27.84 47.68 -35.71
CA GLU D 59 -28.45 47.08 -36.88
C GLU D 59 -29.52 46.06 -36.43
N SER D 60 -30.09 45.35 -37.40
CA SER D 60 -31.09 44.34 -37.08
C SER D 60 -30.47 43.17 -36.34
N GLY D 61 -31.17 42.68 -35.32
CA GLY D 61 -30.68 41.59 -34.51
C GLY D 61 -29.70 41.99 -33.43
N SER D 62 -29.46 43.29 -33.24
CA SER D 62 -28.52 43.77 -32.25
C SER D 62 -29.17 44.87 -31.42
N PHE D 63 -28.74 44.99 -30.17
CA PHE D 63 -29.36 45.93 -29.25
C PHE D 63 -28.37 46.32 -28.16
N THR D 64 -28.66 47.46 -27.51
CA THR D 64 -27.94 47.91 -26.33
C THR D 64 -28.98 48.42 -25.34
N ALA D 65 -29.05 47.80 -24.17
CA ALA D 65 -30.12 48.06 -23.20
C ALA D 65 -29.73 49.08 -22.14
N SER D 66 -28.54 49.66 -22.21
CA SER D 66 -28.10 50.63 -21.21
C SER D 66 -27.07 51.54 -21.83
N GLU D 67 -26.72 52.60 -21.09
CA GLU D 67 -25.68 53.51 -21.53
C GLU D 67 -24.34 52.78 -21.61
N ASN D 68 -23.64 52.98 -22.72
CA ASN D 68 -22.44 52.19 -22.98
C ASN D 68 -21.53 52.92 -23.96
N HIS D 69 -20.28 52.48 -24.00
CA HIS D 69 -19.33 52.88 -25.03
C HIS D 69 -18.75 51.64 -25.70
N LEU D 70 -19.55 50.58 -25.81
CA LEU D 70 -19.09 49.33 -26.41
C LEU D 70 -18.92 49.48 -27.91
N ARG D 71 -17.97 48.72 -28.46
CA ARG D 71 -17.67 48.81 -29.89
C ARG D 71 -18.74 48.16 -30.75
N HIS D 72 -19.61 47.33 -30.17
CA HIS D 72 -20.67 46.67 -30.92
C HIS D 72 -21.85 46.43 -29.99
N CYS D 73 -23.01 46.19 -30.59
CA CYS D 73 -24.24 45.97 -29.85
C CYS D 73 -24.39 44.49 -29.49
N LEU D 74 -25.06 44.24 -28.36
CA LEU D 74 -25.33 42.87 -27.93
C LEU D 74 -26.34 42.20 -28.86
N SER D 75 -26.15 40.89 -29.06
CA SER D 75 -27.08 40.12 -29.87
C SER D 75 -28.33 39.82 -29.05
N CYS D 76 -29.49 40.21 -29.57
CA CYS D 76 -30.73 40.01 -28.84
C CYS D 76 -31.11 38.54 -28.81
N SER D 77 -31.74 38.12 -27.70
CA SER D 77 -32.04 36.72 -27.48
C SER D 77 -33.19 36.26 -28.36
N LYS D 78 -33.36 34.95 -28.44
CA LYS D 78 -34.48 34.31 -29.13
C LYS D 78 -35.26 33.45 -28.16
N CYS D 79 -36.58 33.43 -28.33
CA CYS D 79 -37.44 32.63 -27.47
C CYS D 79 -37.29 31.15 -27.79
N ARG D 80 -37.19 30.33 -26.74
CA ARG D 80 -36.97 28.91 -26.89
C ARG D 80 -38.30 28.22 -27.22
N LYS D 81 -38.34 27.53 -28.36
CA LYS D 81 -39.56 26.84 -28.77
C LYS D 81 -39.81 25.57 -27.97
N GLU D 82 -38.76 24.90 -27.51
CA GLU D 82 -38.91 23.68 -26.74
C GLU D 82 -39.35 23.95 -25.31
N MET D 83 -39.27 25.18 -24.83
CA MET D 83 -39.74 25.55 -23.50
C MET D 83 -41.16 26.09 -23.51
N GLY D 84 -41.80 26.15 -24.67
CA GLY D 84 -43.12 26.73 -24.78
C GLY D 84 -43.17 28.24 -24.73
N GLN D 85 -42.02 28.91 -24.85
CA GLN D 85 -41.98 30.35 -24.75
C GLN D 85 -42.57 31.00 -26.00
N VAL D 86 -43.10 32.22 -25.82
CA VAL D 86 -43.65 33.01 -26.90
C VAL D 86 -43.03 34.40 -26.84
N GLU D 87 -43.01 35.05 -28.00
CA GLU D 87 -42.33 36.34 -28.16
C GLU D 87 -43.32 37.46 -27.82
N ILE D 88 -43.23 37.96 -26.58
CA ILE D 88 -44.11 39.05 -26.17
C ILE D 88 -43.70 40.35 -26.85
N SER D 89 -42.40 40.63 -26.90
CA SER D 89 -41.86 41.83 -27.52
C SER D 89 -40.76 41.45 -28.49
N SER D 90 -40.68 42.20 -29.59
CA SER D 90 -39.71 41.93 -30.64
C SER D 90 -38.33 42.47 -30.26
N CYS D 91 -37.34 42.10 -31.05
CA CYS D 91 -35.95 42.54 -30.84
C CYS D 91 -35.82 43.95 -31.40
N THR D 92 -35.81 44.94 -30.50
CA THR D 92 -35.66 46.33 -30.90
C THR D 92 -34.20 46.73 -30.80
N VAL D 93 -33.91 48.03 -30.98
CA VAL D 93 -32.54 48.50 -30.92
C VAL D 93 -32.10 48.84 -29.50
N ASP D 94 -33.03 49.12 -28.59
CA ASP D 94 -32.70 49.50 -27.23
C ASP D 94 -33.27 48.56 -26.16
N ARG D 95 -34.10 47.59 -26.53
CA ARG D 95 -34.70 46.67 -25.58
C ARG D 95 -34.47 45.24 -26.05
N ASP D 96 -34.14 44.36 -25.11
CA ASP D 96 -33.95 42.96 -25.42
C ASP D 96 -35.28 42.28 -25.75
N THR D 97 -35.19 41.16 -26.44
CA THR D 97 -36.38 40.37 -26.77
C THR D 97 -37.01 39.84 -25.47
N VAL D 98 -38.32 39.98 -25.37
CA VAL D 98 -39.07 39.54 -24.19
C VAL D 98 -39.77 38.24 -24.54
N CYS D 99 -39.49 37.19 -23.77
CA CYS D 99 -40.10 35.89 -23.95
C CYS D 99 -40.91 35.54 -22.72
N GLY D 100 -42.09 34.96 -22.93
CA GLY D 100 -42.99 34.62 -21.85
C GLY D 100 -43.79 33.38 -22.15
N CYS D 101 -44.95 33.27 -21.52
CA CYS D 101 -45.85 32.14 -21.72
C CYS D 101 -47.22 32.66 -22.14
N ARG D 102 -48.02 31.76 -22.72
CA ARG D 102 -49.34 32.11 -23.21
C ARG D 102 -50.34 32.14 -22.04
N LYS D 103 -51.63 32.20 -22.37
CA LYS D 103 -52.67 32.28 -21.35
C LYS D 103 -52.72 30.99 -20.54
N ASN D 104 -52.99 31.13 -19.23
CA ASN D 104 -53.13 30.01 -18.30
C ASN D 104 -51.86 29.17 -18.24
N GLN D 105 -50.71 29.84 -18.26
CA GLN D 105 -49.42 29.18 -18.12
C GLN D 105 -48.52 30.02 -17.22
N TYR D 106 -47.60 29.34 -16.54
CA TYR D 106 -46.64 29.99 -15.65
C TYR D 106 -45.24 29.51 -15.97
N ARG D 107 -44.25 30.37 -15.70
CA ARG D 107 -42.86 30.07 -15.99
C ARG D 107 -42.17 29.54 -14.73
N HIS D 108 -41.45 28.43 -14.89
CA HIS D 108 -40.62 27.85 -13.85
C HIS D 108 -39.17 28.08 -14.21
N TYR D 109 -38.43 28.73 -13.31
CA TYR D 109 -37.06 29.15 -13.60
C TYR D 109 -36.09 28.04 -13.20
N TRP D 110 -35.45 27.43 -14.19
CA TRP D 110 -34.36 26.50 -13.90
C TRP D 110 -33.11 27.24 -13.46
N SER D 111 -32.84 28.40 -14.06
CA SER D 111 -31.71 29.24 -13.70
C SER D 111 -32.17 30.69 -13.73
N GLU D 112 -31.21 31.61 -13.71
CA GLU D 112 -31.53 33.04 -13.70
C GLU D 112 -32.17 33.47 -15.01
N ASN D 113 -31.67 32.96 -16.14
CA ASN D 113 -32.13 33.39 -17.46
C ASN D 113 -32.84 32.28 -18.23
N LEU D 114 -33.07 31.13 -17.62
CA LEU D 114 -33.71 30.00 -18.28
C LEU D 114 -35.00 29.65 -17.55
N PHE D 115 -36.09 29.56 -18.30
CA PHE D 115 -37.38 29.21 -17.71
C PHE D 115 -38.17 28.37 -18.71
N GLN D 116 -39.07 27.54 -18.17
CA GLN D 116 -39.93 26.68 -18.96
C GLN D 116 -41.39 26.97 -18.63
N CYS D 117 -42.23 27.02 -19.65
CA CYS D 117 -43.65 27.32 -19.48
C CYS D 117 -44.42 26.03 -19.20
N PHE D 118 -45.17 26.03 -18.11
CA PHE D 118 -46.02 24.91 -17.73
C PHE D 118 -47.46 25.38 -17.57
N ASN D 119 -48.40 24.52 -17.95
CA ASN D 119 -49.81 24.83 -17.78
C ASN D 119 -50.16 24.95 -16.31
N CYS D 120 -51.01 25.91 -15.98
CA CYS D 120 -51.42 26.11 -14.59
C CYS D 120 -52.21 24.92 -14.09
N SER D 121 -51.87 24.49 -12.87
CA SER D 121 -52.51 23.31 -12.29
C SER D 121 -53.94 23.64 -11.86
N LEU D 122 -54.91 22.99 -12.51
CA LEU D 122 -56.31 23.18 -12.16
C LEU D 122 -56.66 22.40 -10.91
N CYS D 123 -57.44 23.01 -10.03
CA CYS D 123 -57.80 22.37 -8.76
C CYS D 123 -58.80 21.24 -9.00
N LEU D 124 -58.50 20.07 -8.43
CA LEU D 124 -59.40 18.93 -8.47
C LEU D 124 -59.66 18.49 -7.03
N ASN D 125 -60.93 18.50 -6.64
CA ASN D 125 -61.34 18.21 -5.27
C ASN D 125 -60.63 19.14 -4.27
N GLY D 126 -60.53 20.41 -4.64
CA GLY D 126 -59.86 21.38 -3.81
C GLY D 126 -60.20 22.79 -4.27
N THR D 127 -59.71 23.77 -3.50
CA THR D 127 -59.98 25.17 -3.76
C THR D 127 -58.67 25.90 -4.07
N VAL D 128 -58.82 27.04 -4.73
CA VAL D 128 -57.67 27.86 -5.15
C VAL D 128 -57.36 28.84 -4.03
N HIS D 129 -56.28 28.58 -3.28
CA HIS D 129 -55.85 29.53 -2.26
C HIS D 129 -55.20 30.75 -2.87
N LEU D 130 -54.44 30.57 -3.96
CA LEU D 130 -53.81 31.68 -4.67
C LEU D 130 -53.86 31.39 -6.16
N SER D 131 -54.20 32.40 -6.95
CA SER D 131 -54.33 32.23 -8.39
C SER D 131 -52.97 32.03 -9.04
N CYS D 132 -53.00 31.56 -10.28
CA CYS D 132 -51.78 31.29 -11.04
C CYS D 132 -51.09 32.61 -11.37
N GLN D 133 -49.94 32.85 -10.74
CA GLN D 133 -49.19 34.08 -10.98
C GLN D 133 -48.28 33.89 -12.20
N GLU D 134 -47.45 34.90 -12.48
CA GLU D 134 -46.56 34.82 -13.63
C GLU D 134 -45.44 33.80 -13.39
N LYS D 135 -44.83 33.82 -12.21
CA LYS D 135 -43.71 32.96 -11.87
C LYS D 135 -44.04 32.01 -10.72
N GLN D 136 -45.31 31.63 -10.60
CA GLN D 136 -45.74 30.75 -9.52
C GLN D 136 -46.93 29.92 -9.99
N ASN D 137 -46.92 28.64 -9.63
CA ASN D 137 -48.01 27.75 -9.98
C ASN D 137 -49.23 28.04 -9.09
N THR D 138 -50.38 27.50 -9.50
CA THR D 138 -51.60 27.67 -8.74
C THR D 138 -51.50 26.94 -7.40
N VAL D 139 -51.78 27.65 -6.32
CA VAL D 139 -51.77 27.07 -4.98
C VAL D 139 -53.15 26.48 -4.71
N CYS D 140 -53.21 25.16 -4.51
CA CYS D 140 -54.46 24.45 -4.30
C CYS D 140 -54.47 23.83 -2.92
N THR D 141 -55.53 24.12 -2.16
CA THR D 141 -55.73 23.54 -0.84
C THR D 141 -56.85 22.50 -0.92
N CYS D 142 -56.57 21.29 -0.46
CA CYS D 142 -57.52 20.19 -0.56
C CYS D 142 -58.50 20.24 0.61
N HIS D 143 -59.41 19.27 0.63
CA HIS D 143 -60.43 19.14 1.66
C HIS D 143 -60.24 17.82 2.41
N ALA D 144 -61.21 17.48 3.25
CA ALA D 144 -61.16 16.22 3.99
C ALA D 144 -61.19 15.04 3.04
N GLY D 145 -60.32 14.06 3.29
CA GLY D 145 -60.18 12.90 2.44
C GLY D 145 -59.18 13.06 1.31
N PHE D 146 -58.59 14.24 1.15
CA PHE D 146 -57.59 14.49 0.12
C PHE D 146 -56.43 15.26 0.70
N PHE D 147 -55.25 15.09 0.11
CA PHE D 147 -54.05 15.78 0.54
C PHE D 147 -53.23 16.18 -0.68
N LEU D 148 -52.36 17.17 -0.48
CA LEU D 148 -51.58 17.74 -1.57
C LEU D 148 -50.35 16.89 -1.86
N ARG D 149 -50.04 16.76 -3.15
CA ARG D 149 -48.85 16.05 -3.60
C ARG D 149 -48.54 16.54 -5.01
N GLU D 150 -47.35 17.12 -5.19
CA GLU D 150 -46.94 17.71 -6.47
C GLU D 150 -47.98 18.72 -6.97
N ASN D 151 -48.51 19.52 -6.05
CA ASN D 151 -49.56 20.50 -6.33
C ASN D 151 -50.78 19.84 -6.97
N GLU D 152 -51.13 18.66 -6.48
CA GLU D 152 -52.34 17.95 -6.92
C GLU D 152 -52.98 17.29 -5.72
N CYS D 153 -54.30 17.41 -5.62
CA CYS D 153 -55.03 16.80 -4.51
C CYS D 153 -55.33 15.34 -4.83
N VAL D 154 -54.84 14.43 -3.99
CA VAL D 154 -55.03 13.01 -4.19
C VAL D 154 -55.61 12.40 -2.91
N SER D 155 -56.34 11.31 -3.06
CA SER D 155 -56.97 10.65 -1.92
C SER D 155 -55.92 10.02 -1.01
N CYS D 156 -56.17 10.09 0.29
CA CYS D 156 -55.24 9.48 1.25
C CYS D 156 -55.19 7.97 1.10
N SER D 157 -56.34 7.34 0.89
CA SER D 157 -56.40 5.90 0.73
C SER D 157 -56.25 5.50 -0.74
N VAL E 17 4.90 34.07 -58.30
CA VAL E 17 3.84 33.11 -58.60
C VAL E 17 4.37 32.00 -59.48
N CYS E 18 4.92 30.96 -58.85
CA CYS E 18 5.45 29.84 -59.59
C CYS E 18 4.33 29.00 -60.18
N PRO E 19 4.59 28.26 -61.28
CA PRO E 19 3.54 27.45 -61.91
C PRO E 19 3.01 26.33 -61.02
N GLN E 20 1.99 25.63 -61.51
CA GLN E 20 1.34 24.58 -60.73
C GLN E 20 2.29 23.42 -60.48
N GLY E 21 2.06 22.74 -59.36
CA GLY E 21 2.90 21.63 -58.95
C GLY E 21 4.16 22.01 -58.20
N LYS E 22 4.36 23.29 -57.90
CA LYS E 22 5.54 23.76 -57.19
C LYS E 22 5.14 24.63 -56.01
N TYR E 23 5.91 24.53 -54.94
CA TYR E 23 5.71 25.32 -53.73
C TYR E 23 6.93 26.19 -53.48
N ILE E 24 6.69 27.33 -52.84
CA ILE E 24 7.77 28.26 -52.51
C ILE E 24 8.59 27.71 -51.34
N HIS E 25 9.90 27.88 -51.41
CA HIS E 25 10.76 27.48 -50.32
C HIS E 25 10.47 28.34 -49.09
N PRO E 26 10.37 27.74 -47.89
CA PRO E 26 10.08 28.54 -46.69
C PRO E 26 11.13 29.59 -46.39
N GLN E 27 12.41 29.29 -46.66
CA GLN E 27 13.50 30.25 -46.52
C GLN E 27 14.02 30.63 -47.90
N ASN E 28 14.53 31.86 -48.01
CA ASN E 28 15.01 32.41 -49.28
C ASN E 28 13.90 32.35 -50.34
N ASN E 29 12.84 33.12 -50.09
CA ASN E 29 11.63 33.03 -50.90
C ASN E 29 11.82 33.61 -52.30
N SER E 30 12.71 32.99 -53.08
CA SER E 30 12.84 33.30 -54.50
C SER E 30 13.01 32.06 -55.35
N ILE E 31 13.07 30.88 -54.73
CA ILE E 31 13.23 29.61 -55.45
C ILE E 31 12.09 28.69 -55.03
N CYS E 32 11.40 28.11 -56.00
CA CYS E 32 10.32 27.18 -55.74
C CYS E 32 10.70 25.79 -56.26
N CYS E 33 10.15 24.77 -55.61
CA CYS E 33 10.49 23.39 -55.95
C CYS E 33 9.22 22.55 -55.99
N THR E 34 9.31 21.43 -56.71
CA THR E 34 8.14 20.59 -56.96
C THR E 34 7.65 19.94 -55.67
N LYS E 35 6.33 19.85 -55.54
CA LYS E 35 5.73 19.20 -54.38
C LYS E 35 5.92 17.69 -54.45
N CYS E 36 5.98 17.06 -53.28
CA CYS E 36 6.04 15.61 -53.21
C CYS E 36 4.72 15.00 -53.66
N HIS E 37 4.81 13.85 -54.32
CA HIS E 37 3.63 13.17 -54.83
C HIS E 37 2.93 12.39 -53.73
N LYS E 38 1.90 11.64 -54.11
CA LYS E 38 1.15 10.83 -53.16
C LYS E 38 2.03 9.70 -52.61
N GLY E 39 1.81 9.38 -51.35
CA GLY E 39 2.59 8.36 -50.68
C GLY E 39 3.93 8.82 -50.14
N THR E 40 4.28 10.09 -50.32
CA THR E 40 5.57 10.62 -49.88
C THR E 40 5.35 11.90 -49.09
N TYR E 41 6.23 12.13 -48.11
CA TYR E 41 6.21 13.32 -47.29
C TYR E 41 7.58 13.99 -47.35
N LEU E 42 7.58 15.31 -47.13
CA LEU E 42 8.82 16.08 -47.17
C LEU E 42 9.69 15.73 -45.96
N TYR E 43 10.94 15.38 -46.21
CA TYR E 43 11.93 15.18 -45.16
C TYR E 43 12.96 16.29 -45.09
N ASN E 44 13.37 16.81 -46.25
CA ASN E 44 14.28 17.95 -46.32
C ASN E 44 13.87 18.84 -47.48
N ASP E 45 14.26 20.10 -47.41
CA ASP E 45 13.91 21.06 -48.44
C ASP E 45 14.84 20.92 -49.64
N CYS E 46 14.66 21.79 -50.62
CA CYS E 46 15.43 21.69 -51.85
C CYS E 46 16.86 22.17 -51.62
N PRO E 47 17.87 21.36 -51.94
CA PRO E 47 19.28 21.76 -51.79
C PRO E 47 19.78 22.61 -52.97
N GLY E 48 19.02 23.64 -53.31
CA GLY E 48 19.36 24.50 -54.42
C GLY E 48 18.29 24.49 -55.50
N PRO E 49 18.36 25.46 -56.41
CA PRO E 49 17.36 25.52 -57.48
C PRO E 49 17.59 24.44 -58.52
N GLY E 50 16.52 23.76 -58.90
CA GLY E 50 16.55 22.74 -59.93
C GLY E 50 16.71 21.32 -59.42
N GLN E 51 17.17 21.14 -58.19
CA GLN E 51 17.34 19.81 -57.64
C GLN E 51 16.00 19.23 -57.20
N ASP E 52 16.00 17.90 -57.01
CA ASP E 52 14.79 17.21 -56.56
C ASP E 52 14.61 17.39 -55.06
N THR E 53 13.35 17.32 -54.63
CA THR E 53 13.00 17.44 -53.23
C THR E 53 13.15 16.10 -52.52
N ASP E 54 13.46 16.17 -51.22
CA ASP E 54 13.61 14.97 -50.39
C ASP E 54 12.21 14.50 -49.98
N CYS E 55 11.67 13.55 -50.72
CA CYS E 55 10.37 12.95 -50.42
C CYS E 55 10.59 11.51 -49.98
N ARG E 56 10.13 11.19 -48.79
CA ARG E 56 10.29 9.86 -48.20
C ARG E 56 8.94 9.16 -48.12
N GLU E 57 8.95 7.86 -48.35
CA GLU E 57 7.72 7.08 -48.30
C GLU E 57 7.15 7.04 -46.89
N CYS E 58 5.83 7.14 -46.79
CA CYS E 58 5.16 7.07 -45.50
C CYS E 58 5.34 5.70 -44.87
N GLU E 59 5.42 5.69 -43.54
CA GLU E 59 5.59 4.46 -42.79
C GLU E 59 4.24 3.75 -42.66
N SER E 60 4.21 2.65 -41.91
CA SER E 60 2.98 1.93 -41.69
C SER E 60 2.02 2.73 -40.83
N GLY E 61 0.75 2.73 -41.22
CA GLY E 61 -0.26 3.49 -40.50
C GLY E 61 -0.33 4.95 -40.86
N SER E 62 0.42 5.40 -41.87
CA SER E 62 0.42 6.77 -42.31
C SER E 62 0.29 6.83 -43.82
N PHE E 63 -0.32 7.92 -44.32
CA PHE E 63 -0.58 8.03 -45.74
C PHE E 63 -0.69 9.50 -46.14
N THR E 64 -0.53 9.74 -47.44
CA THR E 64 -0.79 11.04 -48.05
C THR E 64 -1.55 10.80 -49.35
N ALA E 65 -2.77 11.35 -49.44
CA ALA E 65 -3.66 11.06 -50.55
C ALA E 65 -3.61 12.10 -51.66
N SER E 66 -2.72 13.08 -51.57
CA SER E 66 -2.65 14.13 -52.58
C SER E 66 -1.24 14.72 -52.58
N GLU E 67 -0.95 15.50 -53.62
CA GLU E 67 0.33 16.18 -53.70
C GLU E 67 0.48 17.15 -52.53
N ASN E 68 1.64 17.12 -51.88
CA ASN E 68 1.82 17.86 -50.65
C ASN E 68 3.30 18.09 -50.39
N HIS E 69 3.58 19.04 -49.51
CA HIS E 69 4.91 19.24 -48.94
C HIS E 69 4.84 19.20 -47.42
N LEU E 70 3.95 18.38 -46.88
CA LEU E 70 3.75 18.29 -45.44
C LEU E 70 4.93 17.57 -44.78
N ARG E 71 5.20 17.94 -43.53
CA ARG E 71 6.34 17.37 -42.82
C ARG E 71 6.07 15.95 -42.34
N HIS E 72 4.81 15.52 -42.30
CA HIS E 72 4.47 14.17 -41.88
C HIS E 72 3.20 13.73 -42.60
N CYS E 73 3.01 12.41 -42.67
CA CYS E 73 1.88 11.84 -43.37
C CYS E 73 0.65 11.78 -42.46
N LEU E 74 -0.52 11.86 -43.08
CA LEU E 74 -1.77 11.76 -42.34
C LEU E 74 -1.97 10.35 -41.79
N SER E 75 -2.59 10.28 -40.61
CA SER E 75 -2.91 8.99 -40.00
C SER E 75 -4.13 8.40 -40.69
N CYS E 76 -3.98 7.19 -41.23
CA CYS E 76 -5.09 6.57 -41.94
C CYS E 76 -6.17 6.11 -40.96
N SER E 77 -7.41 6.19 -41.41
CA SER E 77 -8.56 5.94 -40.55
C SER E 77 -8.71 4.45 -40.25
N LYS E 78 -9.55 4.14 -39.27
CA LYS E 78 -9.91 2.78 -38.91
C LYS E 78 -11.42 2.61 -38.99
N CYS E 79 -11.84 1.44 -39.46
CA CYS E 79 -13.26 1.14 -39.60
C CYS E 79 -13.89 0.95 -38.23
N ARG E 80 -15.07 1.54 -38.04
CA ARG E 80 -15.77 1.48 -36.77
C ARG E 80 -16.50 0.15 -36.64
N LYS E 81 -16.18 -0.60 -35.58
CA LYS E 81 -16.82 -1.90 -35.38
C LYS E 81 -18.24 -1.77 -34.87
N GLU E 82 -18.53 -0.74 -34.07
CA GLU E 82 -19.87 -0.52 -33.54
C GLU E 82 -20.84 -0.01 -34.60
N MET E 83 -20.34 0.47 -35.74
CA MET E 83 -21.19 0.90 -36.84
C MET E 83 -21.43 -0.20 -37.86
N GLY E 84 -20.89 -1.39 -37.64
CA GLY E 84 -21.00 -2.46 -38.61
C GLY E 84 -20.11 -2.31 -39.82
N GLN E 85 -19.17 -1.38 -39.79
CA GLN E 85 -18.31 -1.13 -40.94
C GLN E 85 -17.31 -2.26 -41.13
N VAL E 86 -16.93 -2.49 -42.38
CA VAL E 86 -15.94 -3.50 -42.75
C VAL E 86 -14.86 -2.84 -43.59
N GLU E 87 -13.68 -3.43 -43.57
CA GLU E 87 -12.50 -2.87 -44.23
C GLU E 87 -12.45 -3.36 -45.68
N ILE E 88 -12.96 -2.53 -46.59
CA ILE E 88 -12.92 -2.89 -48.01
C ILE E 88 -11.49 -2.84 -48.53
N SER E 89 -10.77 -1.77 -48.19
CA SER E 89 -9.38 -1.59 -48.62
C SER E 89 -8.51 -1.28 -47.40
N SER E 90 -7.27 -1.76 -47.45
CA SER E 90 -6.35 -1.60 -46.35
C SER E 90 -5.73 -0.20 -46.38
N CYS E 91 -4.97 0.11 -45.31
CA CYS E 91 -4.29 1.40 -45.18
C CYS E 91 -2.99 1.32 -45.97
N THR E 92 -2.99 1.90 -47.17
CA THR E 92 -1.78 1.95 -48.00
C THR E 92 -1.03 3.25 -47.72
N VAL E 93 0.02 3.51 -48.51
CA VAL E 93 0.80 4.72 -48.33
C VAL E 93 0.22 5.91 -49.06
N ASP E 94 -0.59 5.70 -50.09
CA ASP E 94 -1.15 6.79 -50.88
C ASP E 94 -2.66 6.85 -50.87
N ARG E 95 -3.34 5.86 -50.31
CA ARG E 95 -4.79 5.83 -50.28
C ARG E 95 -5.27 5.60 -48.85
N ASP E 96 -6.31 6.34 -48.46
CA ASP E 96 -6.88 6.19 -47.12
C ASP E 96 -7.61 4.85 -47.01
N THR E 97 -7.81 4.43 -45.77
CA THR E 97 -8.56 3.20 -45.52
C THR E 97 -10.01 3.35 -45.96
N VAL E 98 -10.51 2.37 -46.69
CA VAL E 98 -11.88 2.38 -47.19
C VAL E 98 -12.72 1.48 -46.31
N CYS E 99 -13.77 2.06 -45.71
CA CYS E 99 -14.69 1.33 -44.86
C CYS E 99 -16.08 1.37 -45.50
N GLY E 100 -16.76 0.24 -45.46
CA GLY E 100 -18.06 0.10 -46.09
C GLY E 100 -18.94 -0.85 -45.30
N CYS E 101 -19.92 -1.44 -46.00
CA CYS E 101 -20.84 -2.39 -45.41
C CYS E 101 -20.80 -3.70 -46.18
N ARG E 102 -21.28 -4.75 -45.55
CA ARG E 102 -21.28 -6.09 -46.15
C ARG E 102 -22.47 -6.21 -47.10
N LYS E 103 -22.75 -7.44 -47.54
CA LYS E 103 -23.82 -7.69 -48.49
C LYS E 103 -25.18 -7.38 -47.87
N ASN E 104 -26.09 -6.85 -48.69
CA ASN E 104 -27.46 -6.52 -48.29
C ASN E 104 -27.49 -5.53 -47.14
N GLN E 105 -26.57 -4.55 -47.17
CA GLN E 105 -26.53 -3.49 -46.18
C GLN E 105 -26.26 -2.16 -46.87
N TYR E 106 -26.80 -1.10 -46.30
CA TYR E 106 -26.63 0.25 -46.82
C TYR E 106 -26.12 1.16 -45.71
N ARG E 107 -25.38 2.19 -46.10
CA ARG E 107 -24.80 3.14 -45.15
C ARG E 107 -25.69 4.35 -45.02
N HIS E 108 -25.99 4.73 -43.77
CA HIS E 108 -26.72 5.94 -43.46
C HIS E 108 -25.74 6.95 -42.87
N TYR E 109 -25.63 8.11 -43.51
CA TYR E 109 -24.62 9.10 -43.15
C TYR E 109 -25.17 10.02 -42.07
N TRP E 110 -24.64 9.89 -40.85
CA TRP E 110 -24.97 10.85 -39.81
C TRP E 110 -24.31 12.20 -40.07
N SER E 111 -23.08 12.18 -40.56
CA SER E 111 -22.33 13.40 -40.89
C SER E 111 -21.61 13.17 -42.22
N GLU E 112 -20.68 14.06 -42.54
CA GLU E 112 -19.93 13.95 -43.78
C GLU E 112 -19.05 12.71 -43.80
N ASN E 113 -18.39 12.41 -42.68
CA ASN E 113 -17.41 11.33 -42.60
C ASN E 113 -17.86 10.18 -41.70
N LEU E 114 -19.08 10.25 -41.16
CA LEU E 114 -19.58 9.22 -40.24
C LEU E 114 -20.82 8.57 -40.84
N PHE E 115 -20.82 7.25 -40.86
CA PHE E 115 -21.94 6.50 -41.40
C PHE E 115 -22.11 5.21 -40.62
N GLN E 116 -23.33 4.68 -40.63
CA GLN E 116 -23.68 3.45 -39.93
C GLN E 116 -24.31 2.47 -40.92
N CYS E 117 -23.92 1.20 -40.82
CA CYS E 117 -24.42 0.17 -41.70
C CYS E 117 -25.71 -0.42 -41.16
N PHE E 118 -26.76 -0.40 -41.98
CA PHE E 118 -28.05 -0.96 -41.62
C PHE E 118 -28.46 -1.99 -42.67
N ASN E 119 -29.13 -3.04 -42.20
CA ASN E 119 -29.63 -4.06 -43.13
C ASN E 119 -30.70 -3.47 -44.04
N CYS E 120 -30.68 -3.88 -45.30
CA CYS E 120 -31.64 -3.38 -46.27
C CYS E 120 -33.05 -3.82 -45.89
N SER E 121 -34.00 -2.89 -45.98
CA SER E 121 -35.37 -3.17 -45.58
C SER E 121 -36.05 -4.06 -46.62
N LEU E 122 -36.42 -5.27 -46.21
CA LEU E 122 -37.12 -6.19 -47.10
C LEU E 122 -38.58 -5.82 -47.20
N CYS E 123 -39.13 -5.88 -48.40
CA CYS E 123 -40.52 -5.50 -48.63
C CYS E 123 -41.46 -6.55 -48.04
N LEU E 124 -42.44 -6.09 -47.27
CA LEU E 124 -43.49 -6.93 -46.72
C LEU E 124 -44.83 -6.35 -47.15
N ASN E 125 -45.62 -7.17 -47.86
CA ASN E 125 -46.89 -6.73 -48.45
C ASN E 125 -46.71 -5.49 -49.33
N GLY E 126 -45.64 -5.50 -50.12
CA GLY E 126 -45.34 -4.39 -51.00
C GLY E 126 -44.32 -4.80 -52.05
N THR E 127 -44.03 -3.85 -52.94
CA THR E 127 -43.11 -4.08 -54.04
C THR E 127 -41.91 -3.14 -53.94
N VAL E 128 -40.83 -3.53 -54.60
CA VAL E 128 -39.58 -2.78 -54.56
C VAL E 128 -39.59 -1.78 -55.71
N HIS E 129 -39.80 -0.50 -55.39
CA HIS E 129 -39.73 0.54 -56.42
C HIS E 129 -38.29 0.83 -56.82
N LEU E 130 -37.36 0.77 -55.87
CA LEU E 130 -35.94 0.97 -56.15
C LEU E 130 -35.13 0.04 -55.25
N SER E 131 -34.11 -0.59 -55.83
CA SER E 131 -33.31 -1.56 -55.10
C SER E 131 -32.43 -0.85 -54.07
N CYS E 132 -31.87 -1.65 -53.16
CA CYS E 132 -31.02 -1.11 -52.10
C CYS E 132 -29.70 -0.63 -52.69
N GLN E 133 -29.50 0.68 -52.69
CA GLN E 133 -28.29 1.28 -53.22
C GLN E 133 -27.21 1.28 -52.15
N GLU E 134 -26.06 1.88 -52.45
CA GLU E 134 -24.98 1.96 -51.47
C GLU E 134 -25.32 2.90 -50.33
N LYS E 135 -25.83 4.09 -50.65
CA LYS E 135 -26.14 5.11 -49.66
C LYS E 135 -27.64 5.40 -49.60
N GLN E 136 -28.47 4.41 -49.87
CA GLN E 136 -29.91 4.59 -49.85
C GLN E 136 -30.58 3.27 -49.49
N ASN E 137 -31.59 3.35 -48.62
CA ASN E 137 -32.35 2.18 -48.22
C ASN E 137 -33.27 1.74 -49.36
N THR E 138 -33.80 0.52 -49.24
CA THR E 138 -34.73 0.01 -50.23
C THR E 138 -36.03 0.81 -50.21
N VAL E 139 -36.46 1.25 -51.39
CA VAL E 139 -37.71 1.98 -51.52
C VAL E 139 -38.83 0.97 -51.77
N CYS E 140 -39.79 0.93 -50.85
CA CYS E 140 -40.89 -0.03 -50.92
C CYS E 140 -42.20 0.72 -51.07
N THR E 141 -42.98 0.33 -52.07
CA THR E 141 -44.31 0.87 -52.29
C THR E 141 -45.35 -0.17 -51.91
N CYS E 142 -46.29 0.22 -51.05
CA CYS E 142 -47.28 -0.70 -50.54
C CYS E 142 -48.46 -0.81 -51.51
N HIS E 143 -49.44 -1.63 -51.15
CA HIS E 143 -50.63 -1.88 -51.95
C HIS E 143 -51.86 -1.41 -51.17
N ALA E 144 -53.04 -1.74 -51.70
CA ALA E 144 -54.29 -1.39 -51.03
C ALA E 144 -54.38 -2.09 -49.68
N GLY E 145 -54.80 -1.33 -48.66
CA GLY E 145 -54.86 -1.84 -47.31
C GLY E 145 -53.61 -1.64 -46.49
N PHE E 146 -52.52 -1.16 -47.09
CA PHE E 146 -51.27 -0.92 -46.39
C PHE E 146 -50.72 0.44 -46.78
N PHE E 147 -49.94 1.03 -45.88
CA PHE E 147 -49.31 2.32 -46.12
C PHE E 147 -47.91 2.32 -45.54
N LEU E 148 -47.08 3.23 -46.04
CA LEU E 148 -45.68 3.29 -45.67
C LEU E 148 -45.50 4.04 -44.35
N ARG E 149 -44.57 3.53 -43.53
CA ARG E 149 -44.22 4.16 -42.26
C ARG E 149 -42.84 3.64 -41.88
N GLU E 150 -41.87 4.55 -41.75
CA GLU E 150 -40.48 4.20 -41.46
C GLU E 150 -39.95 3.17 -42.45
N ASN E 151 -40.30 3.34 -43.73
CA ASN E 151 -39.94 2.42 -44.80
C ASN E 151 -40.41 1.00 -44.51
N GLU E 152 -41.61 0.89 -43.95
CA GLU E 152 -42.23 -0.41 -43.70
C GLU E 152 -43.72 -0.31 -44.00
N CYS E 153 -44.26 -1.30 -44.70
CA CYS E 153 -45.68 -1.29 -45.03
C CYS E 153 -46.48 -1.87 -43.86
N VAL E 154 -47.40 -1.08 -43.33
CA VAL E 154 -48.22 -1.49 -42.20
C VAL E 154 -49.69 -1.26 -42.56
N SER E 155 -50.56 -2.05 -41.93
CA SER E 155 -51.99 -1.96 -42.20
C SER E 155 -52.55 -0.65 -41.68
N CYS E 156 -53.50 -0.08 -42.43
CA CYS E 156 -54.14 1.17 -42.02
C CYS E 156 -54.95 0.97 -40.74
N SER E 157 -55.66 -0.15 -40.63
CA SER E 157 -56.46 -0.42 -39.44
C SER E 157 -55.63 -1.18 -38.40
N VAL F 17 24.94 18.01 -8.19
CA VAL F 17 24.08 16.95 -7.69
C VAL F 17 24.20 16.86 -6.17
N CYS F 18 23.32 17.58 -5.47
CA CYS F 18 23.34 17.59 -4.03
C CYS F 18 22.80 16.26 -3.48
N PRO F 19 23.19 15.88 -2.26
CA PRO F 19 22.69 14.62 -1.68
C PRO F 19 21.18 14.63 -1.45
N GLN F 20 20.64 13.47 -1.10
CA GLN F 20 19.19 13.32 -0.97
C GLN F 20 18.66 14.13 0.20
N GLY F 21 17.38 14.50 0.10
CA GLY F 21 16.75 15.34 1.08
C GLY F 21 16.90 16.83 0.86
N LYS F 22 17.59 17.24 -0.20
CA LYS F 22 17.85 18.64 -0.49
C LYS F 22 17.47 18.96 -1.92
N TYR F 23 16.97 20.17 -2.13
CA TYR F 23 16.62 20.69 -3.43
C TYR F 23 17.48 21.89 -3.75
N ILE F 24 17.71 22.11 -5.05
CA ILE F 24 18.51 23.25 -5.50
C ILE F 24 17.71 24.53 -5.37
N HIS F 25 18.37 25.59 -4.92
CA HIS F 25 17.73 26.90 -4.83
C HIS F 25 17.36 27.39 -6.22
N PRO F 26 16.15 27.91 -6.41
CA PRO F 26 15.74 28.39 -7.75
C PRO F 26 16.63 29.51 -8.29
N GLN F 27 17.10 30.40 -7.42
CA GLN F 27 18.04 31.44 -7.78
C GLN F 27 19.40 31.15 -7.17
N ASN F 28 20.45 31.57 -7.87
CA ASN F 28 21.84 31.33 -7.46
C ASN F 28 22.10 29.82 -7.32
N ASN F 29 22.01 29.12 -8.44
CA ASN F 29 22.00 27.66 -8.47
C ASN F 29 23.37 27.08 -8.11
N SER F 30 23.85 27.37 -6.91
CA SER F 30 25.05 26.73 -6.37
C SER F 30 24.87 26.34 -4.91
N ILE F 31 23.74 26.66 -4.29
CA ILE F 31 23.45 26.32 -2.90
C ILE F 31 22.15 25.55 -2.86
N CYS F 32 22.16 24.40 -2.19
CA CYS F 32 20.97 23.57 -2.04
C CYS F 32 20.57 23.51 -0.58
N CYS F 33 19.28 23.33 -0.33
CA CYS F 33 18.76 23.34 1.04
C CYS F 33 17.74 22.23 1.21
N THR F 34 17.55 21.83 2.47
CA THR F 34 16.70 20.68 2.78
C THR F 34 15.24 20.95 2.43
N LYS F 35 14.57 19.90 1.95
CA LYS F 35 13.15 20.02 1.60
C LYS F 35 12.31 20.15 2.85
N CYS F 36 11.07 20.62 2.66
CA CYS F 36 10.12 20.66 3.77
C CYS F 36 9.48 19.28 3.95
N HIS F 37 9.22 18.93 5.20
CA HIS F 37 8.71 17.62 5.54
C HIS F 37 7.21 17.56 5.28
N LYS F 38 6.61 16.42 5.61
CA LYS F 38 5.16 16.25 5.49
C LYS F 38 4.45 17.19 6.46
N GLY F 39 3.31 17.72 6.02
CA GLY F 39 2.56 18.66 6.81
C GLY F 39 3.02 20.09 6.72
N THR F 40 4.07 20.37 5.94
CA THR F 40 4.61 21.72 5.81
C THR F 40 4.80 22.05 4.34
N TYR F 41 4.65 23.34 4.03
CA TYR F 41 4.85 23.86 2.69
C TYR F 41 5.86 24.99 2.74
N LEU F 42 6.53 25.21 1.61
CA LEU F 42 7.53 26.26 1.51
C LEU F 42 6.86 27.62 1.52
N TYR F 43 7.30 28.50 2.42
CA TYR F 43 6.88 29.89 2.44
C TYR F 43 7.96 30.84 1.94
N ASN F 44 9.22 30.56 2.29
CA ASN F 44 10.35 31.32 1.80
C ASN F 44 11.51 30.35 1.56
N ASP F 45 12.44 30.79 0.72
CA ASP F 45 13.61 29.98 0.40
C ASP F 45 14.65 30.09 1.51
N CYS F 46 15.80 29.47 1.28
CA CYS F 46 16.85 29.45 2.28
C CYS F 46 17.53 30.82 2.35
N PRO F 47 17.63 31.43 3.55
CA PRO F 47 18.34 32.71 3.71
C PRO F 47 19.85 32.55 3.81
N GLY F 48 20.43 31.80 2.88
CA GLY F 48 21.85 31.54 2.88
C GLY F 48 22.17 30.07 3.04
N PRO F 49 23.42 29.69 2.79
CA PRO F 49 23.81 28.28 2.92
C PRO F 49 23.91 27.86 4.39
N GLY F 50 23.30 26.73 4.71
CA GLY F 50 23.36 26.16 6.03
C GLY F 50 22.20 26.53 6.95
N GLN F 51 21.40 27.52 6.57
CA GLN F 51 20.25 27.89 7.37
C GLN F 51 19.07 26.96 7.08
N ASP F 52 18.06 27.01 7.94
CA ASP F 52 16.87 26.21 7.75
C ASP F 52 15.93 26.86 6.75
N THR F 53 15.10 26.02 6.13
CA THR F 53 14.10 26.50 5.18
C THR F 53 12.83 26.91 5.90
N ASP F 54 12.14 27.89 5.34
CA ASP F 54 10.89 28.39 5.90
C ASP F 54 9.77 27.43 5.49
N CYS F 55 9.45 26.49 6.37
CA CYS F 55 8.37 25.53 6.16
C CYS F 55 7.26 25.85 7.15
N ARG F 56 6.07 26.10 6.63
CA ARG F 56 4.92 26.48 7.44
C ARG F 56 3.88 25.37 7.40
N GLU F 57 3.21 25.15 8.52
CA GLU F 57 2.21 24.10 8.62
C GLU F 57 1.02 24.39 7.72
N CYS F 58 0.49 23.35 7.08
CA CYS F 58 -0.67 23.50 6.22
C CYS F 58 -1.90 23.92 7.03
N GLU F 59 -2.74 24.74 6.41
CA GLU F 59 -3.95 25.22 7.07
C GLU F 59 -5.03 24.13 7.00
N SER F 60 -6.23 24.47 7.46
CA SER F 60 -7.33 23.51 7.44
C SER F 60 -7.75 23.21 6.00
N GLY F 61 -8.02 21.94 5.72
CA GLY F 61 -8.40 21.52 4.39
C GLY F 61 -7.25 21.35 3.43
N SER F 62 -6.01 21.46 3.90
CA SER F 62 -4.83 21.33 3.05
C SER F 62 -3.84 20.38 3.70
N PHE F 63 -3.07 19.68 2.86
CA PHE F 63 -2.14 18.68 3.36
C PHE F 63 -1.00 18.48 2.38
N THR F 64 0.08 17.88 2.89
CA THR F 64 1.21 17.45 2.08
C THR F 64 1.62 16.06 2.57
N ALA F 65 1.54 15.07 1.69
CA ALA F 65 1.73 13.67 2.07
C ALA F 65 3.15 13.17 1.87
N SER F 66 4.08 14.02 1.45
CA SER F 66 5.45 13.60 1.23
C SER F 66 6.37 14.81 1.37
N GLU F 67 7.68 14.54 1.39
CA GLU F 67 8.66 15.61 1.42
C GLU F 67 8.54 16.45 0.16
N ASN F 68 8.57 17.77 0.33
CA ASN F 68 8.27 18.65 -0.78
C ASN F 68 8.87 20.02 -0.54
N HIS F 69 8.98 20.80 -1.61
CA HIS F 69 9.25 22.23 -1.53
C HIS F 69 8.19 23.00 -2.29
N LEU F 70 6.96 22.51 -2.27
CA LEU F 70 5.86 23.12 -2.99
C LEU F 70 5.43 24.42 -2.30
N ARG F 71 4.95 25.37 -3.11
CA ARG F 71 4.55 26.67 -2.58
C ARG F 71 3.23 26.62 -1.83
N HIS F 72 2.43 25.58 -2.02
CA HIS F 72 1.15 25.46 -1.33
C HIS F 72 0.84 23.98 -1.12
N CYS F 73 -0.03 23.71 -0.15
CA CYS F 73 -0.39 22.35 0.20
C CYS F 73 -1.51 21.83 -0.69
N LEU F 74 -1.52 20.51 -0.89
CA LEU F 74 -2.57 19.88 -1.68
C LEU F 74 -3.90 19.93 -0.96
N SER F 75 -4.97 20.06 -1.73
CA SER F 75 -6.32 20.05 -1.18
C SER F 75 -6.72 18.60 -0.88
N CYS F 76 -7.08 18.33 0.37
CA CYS F 76 -7.45 16.97 0.75
C CYS F 76 -8.82 16.62 0.17
N SER F 77 -8.96 15.35 -0.23
CA SER F 77 -10.15 14.90 -0.92
C SER F 77 -11.34 14.80 0.04
N LYS F 78 -12.51 14.62 -0.53
CA LYS F 78 -13.74 14.40 0.22
C LYS F 78 -14.38 13.08 -0.21
N CYS F 79 -14.95 12.38 0.76
CA CYS F 79 -15.58 11.10 0.49
C CYS F 79 -16.87 11.30 -0.30
N ARG F 80 -17.06 10.46 -1.31
CA ARG F 80 -18.23 10.55 -2.18
C ARG F 80 -19.44 9.95 -1.49
N LYS F 81 -20.48 10.76 -1.31
CA LYS F 81 -21.70 10.27 -0.67
C LYS F 81 -22.53 9.38 -1.60
N GLU F 82 -22.48 9.65 -2.90
CA GLU F 82 -23.25 8.86 -3.87
C GLU F 82 -22.64 7.48 -4.11
N MET F 83 -21.38 7.27 -3.72
CA MET F 83 -20.73 5.97 -3.84
C MET F 83 -20.85 5.14 -2.58
N GLY F 84 -21.50 5.67 -1.54
CA GLY F 84 -21.59 4.98 -0.27
C GLY F 84 -20.34 5.04 0.57
N GLN F 85 -19.39 5.90 0.22
CA GLN F 85 -18.13 5.98 0.96
C GLN F 85 -18.33 6.65 2.31
N VAL F 86 -17.47 6.25 3.27
CA VAL F 86 -17.49 6.81 4.61
C VAL F 86 -16.08 7.28 4.95
N GLU F 87 -16.01 8.25 5.86
CA GLU F 87 -14.75 8.91 6.21
C GLU F 87 -14.08 8.12 7.33
N ILE F 88 -13.14 7.25 6.96
CA ILE F 88 -12.41 6.48 7.97
C ILE F 88 -11.47 7.39 8.75
N SER F 89 -10.74 8.26 8.05
CA SER F 89 -9.80 9.18 8.68
C SER F 89 -10.07 10.59 8.19
N SER F 90 -9.87 11.56 9.09
CA SER F 90 -10.14 12.95 8.77
C SER F 90 -8.99 13.55 7.97
N CYS F 91 -9.23 14.75 7.43
CA CYS F 91 -8.24 15.48 6.66
C CYS F 91 -7.25 16.12 7.63
N THR F 92 -6.09 15.49 7.78
CA THR F 92 -5.04 16.01 8.65
C THR F 92 -4.09 16.88 7.83
N VAL F 93 -3.02 17.36 8.47
CA VAL F 93 -2.06 18.22 7.77
C VAL F 93 -1.06 17.43 6.94
N ASP F 94 -0.86 16.15 7.22
CA ASP F 94 0.13 15.34 6.53
C ASP F 94 -0.43 14.09 5.87
N ARG F 95 -1.67 13.71 6.18
CA ARG F 95 -2.28 12.51 5.62
C ARG F 95 -3.55 12.88 4.89
N ASP F 96 -3.73 12.32 3.69
CA ASP F 96 -4.93 12.57 2.91
C ASP F 96 -6.15 11.94 3.59
N THR F 97 -7.33 12.46 3.24
CA THR F 97 -8.56 11.90 3.77
C THR F 97 -8.74 10.47 3.28
N VAL F 98 -9.03 9.57 4.21
CA VAL F 98 -9.22 8.15 3.91
C VAL F 98 -10.70 7.87 3.82
N CYS F 99 -11.13 7.37 2.67
CA CYS F 99 -12.53 7.02 2.43
C CYS F 99 -12.63 5.52 2.15
N GLY F 100 -13.64 4.90 2.74
CA GLY F 100 -13.82 3.46 2.63
C GLY F 100 -15.28 3.10 2.63
N CYS F 101 -15.57 1.86 3.05
CA CYS F 101 -16.93 1.34 3.12
C CYS F 101 -17.22 0.88 4.54
N ARG F 102 -18.51 0.76 4.84
CA ARG F 102 -18.94 0.35 6.17
C ARG F 102 -18.84 -1.18 6.29
N LYS F 103 -19.45 -1.73 7.34
CA LYS F 103 -19.40 -3.16 7.59
C LYS F 103 -20.15 -3.92 6.51
N ASN F 104 -19.62 -5.09 6.16
CA ASN F 104 -20.22 -6.00 5.17
C ASN F 104 -20.37 -5.33 3.81
N GLN F 105 -19.37 -4.55 3.42
CA GLN F 105 -19.33 -3.92 2.11
C GLN F 105 -17.92 -3.99 1.55
N TYR F 106 -17.81 -3.98 0.23
CA TYR F 106 -16.54 -4.03 -0.47
C TYR F 106 -16.50 -2.94 -1.53
N ARG F 107 -15.29 -2.46 -1.82
CA ARG F 107 -15.10 -1.38 -2.78
C ARG F 107 -14.74 -1.98 -4.15
N HIS F 108 -15.43 -1.51 -5.18
CA HIS F 108 -15.16 -1.87 -6.57
C HIS F 108 -14.58 -0.65 -7.27
N TYR F 109 -13.37 -0.81 -7.82
CA TYR F 109 -12.63 0.31 -8.37
C TYR F 109 -12.98 0.51 -9.84
N TRP F 110 -13.63 1.63 -10.15
CA TRP F 110 -13.83 1.99 -11.55
C TRP F 110 -12.54 2.49 -12.18
N SER F 111 -11.73 3.22 -11.41
CA SER F 111 -10.44 3.72 -11.88
C SER F 111 -9.45 3.58 -10.73
N GLU F 112 -8.30 4.24 -10.87
CA GLU F 112 -7.26 4.15 -9.85
C GLU F 112 -7.70 4.81 -8.54
N ASN F 113 -8.39 5.95 -8.62
CA ASN F 113 -8.77 6.72 -7.45
C ASN F 113 -10.27 6.78 -7.23
N LEU F 114 -11.06 6.05 -8.03
CA LEU F 114 -12.51 6.06 -7.91
C LEU F 114 -13.01 4.67 -7.59
N PHE F 115 -13.85 4.55 -6.57
CA PHE F 115 -14.40 3.27 -6.17
C PHE F 115 -15.82 3.46 -5.63
N GLN F 116 -16.61 2.41 -5.73
CA GLN F 116 -17.99 2.40 -5.25
C GLN F 116 -18.18 1.27 -4.26
N CYS F 117 -18.89 1.55 -3.18
CA CYS F 117 -19.13 0.56 -2.13
C CYS F 117 -20.39 -0.25 -2.47
N PHE F 118 -20.23 -1.57 -2.51
CA PHE F 118 -21.33 -2.50 -2.75
C PHE F 118 -21.45 -3.46 -1.59
N ASN F 119 -22.69 -3.84 -1.27
CA ASN F 119 -22.92 -4.82 -0.23
C ASN F 119 -22.35 -6.17 -0.64
N CYS F 120 -21.73 -6.86 0.32
CA CYS F 120 -21.15 -8.17 0.04
C CYS F 120 -22.24 -9.17 -0.33
N SER F 121 -21.97 -9.97 -1.35
CA SER F 121 -22.97 -10.91 -1.86
C SER F 121 -23.10 -12.10 -0.92
N LEU F 122 -24.25 -12.21 -0.28
CA LEU F 122 -24.52 -13.35 0.59
C LEU F 122 -24.79 -14.60 -0.26
N CYS F 123 -24.21 -15.71 0.16
CA CYS F 123 -24.38 -16.95 -0.59
C CYS F 123 -25.81 -17.49 -0.42
N LEU F 124 -26.44 -17.82 -1.55
CA LEU F 124 -27.76 -18.45 -1.55
C LEU F 124 -27.64 -19.76 -2.31
N ASN F 125 -27.98 -20.85 -1.64
CA ASN F 125 -27.81 -22.21 -2.18
C ASN F 125 -26.36 -22.44 -2.60
N GLY F 126 -25.43 -21.95 -1.80
CA GLY F 126 -24.01 -22.07 -2.10
C GLY F 126 -23.19 -21.89 -0.84
N THR F 127 -21.88 -22.07 -1.00
CA THR F 127 -20.94 -21.95 0.10
C THR F 127 -19.93 -20.85 -0.21
N VAL F 128 -19.36 -20.29 0.86
CA VAL F 128 -18.40 -19.19 0.76
C VAL F 128 -17.01 -19.80 0.59
N HIS F 129 -16.49 -19.76 -0.64
CA HIS F 129 -15.12 -20.22 -0.87
C HIS F 129 -14.09 -19.23 -0.33
N LEU F 130 -14.38 -17.94 -0.43
CA LEU F 130 -13.51 -16.90 0.11
C LEU F 130 -14.37 -15.78 0.66
N SER F 131 -14.01 -15.29 1.84
CA SER F 131 -14.80 -14.28 2.52
C SER F 131 -14.67 -12.94 1.79
N CYS F 132 -15.59 -12.02 2.13
CA CYS F 132 -15.61 -10.70 1.52
C CYS F 132 -14.41 -9.90 1.99
N GLN F 133 -13.49 -9.62 1.08
CA GLN F 133 -12.28 -8.86 1.40
C GLN F 133 -12.57 -7.37 1.28
N GLU F 134 -11.53 -6.55 1.38
CA GLU F 134 -11.71 -5.10 1.28
C GLU F 134 -12.03 -4.69 -0.15
N LYS F 135 -11.29 -5.23 -1.12
CA LYS F 135 -11.43 -4.87 -2.53
C LYS F 135 -11.87 -6.06 -3.37
N GLN F 136 -12.63 -6.98 -2.80
CA GLN F 136 -13.07 -8.16 -3.52
C GLN F 136 -14.41 -8.62 -2.96
N ASN F 137 -15.31 -9.01 -3.86
CA ASN F 137 -16.62 -9.51 -3.46
C ASN F 137 -16.50 -10.93 -2.92
N THR F 138 -17.56 -11.39 -2.27
CA THR F 138 -17.59 -12.74 -1.72
C THR F 138 -17.59 -13.77 -2.84
N VAL F 139 -16.64 -14.70 -2.78
CA VAL F 139 -16.56 -15.77 -3.76
C VAL F 139 -17.47 -16.90 -3.31
N CYS F 140 -18.46 -17.22 -4.13
CA CYS F 140 -19.47 -18.22 -3.80
C CYS F 140 -19.41 -19.38 -4.78
N THR F 141 -19.36 -20.59 -4.25
CA THR F 141 -19.39 -21.81 -5.05
C THR F 141 -20.74 -22.51 -4.83
N CYS F 142 -21.44 -22.77 -5.93
CA CYS F 142 -22.77 -23.36 -5.86
C CYS F 142 -22.67 -24.87 -5.76
N HIS F 143 -23.82 -25.52 -5.57
CA HIS F 143 -23.93 -26.97 -5.49
C HIS F 143 -24.62 -27.49 -6.75
N ALA F 144 -24.91 -28.79 -6.74
CA ALA F 144 -25.59 -29.41 -7.87
C ALA F 144 -26.98 -28.81 -8.05
N GLY F 145 -27.35 -28.59 -9.31
CA GLY F 145 -28.60 -27.94 -9.64
C GLY F 145 -28.53 -26.42 -9.69
N PHE F 146 -27.39 -25.83 -9.34
CA PHE F 146 -27.22 -24.39 -9.37
C PHE F 146 -25.87 -24.06 -9.99
N PHE F 147 -25.79 -22.88 -10.60
CA PHE F 147 -24.57 -22.40 -11.22
C PHE F 147 -24.41 -20.91 -10.97
N LEU F 148 -23.18 -20.44 -11.08
CA LEU F 148 -22.86 -19.06 -10.74
C LEU F 148 -23.15 -18.12 -11.91
N ARG F 149 -23.66 -16.94 -11.59
CA ARG F 149 -23.96 -15.91 -12.58
C ARG F 149 -24.00 -14.58 -11.85
N GLU F 150 -23.11 -13.66 -12.22
CA GLU F 150 -23.00 -12.34 -11.57
C GLU F 150 -22.82 -12.49 -10.06
N ASN F 151 -22.00 -13.47 -9.67
CA ASN F 151 -21.75 -13.81 -8.27
C ASN F 151 -23.05 -14.12 -7.52
N GLU F 152 -23.95 -14.84 -8.18
CA GLU F 152 -25.18 -15.31 -7.55
C GLU F 152 -25.48 -16.70 -8.08
N CYS F 153 -25.87 -17.61 -7.18
CA CYS F 153 -26.18 -18.98 -7.58
C CYS F 153 -27.63 -19.05 -8.03
N VAL F 154 -27.84 -19.48 -9.28
CA VAL F 154 -29.17 -19.58 -9.86
C VAL F 154 -29.36 -20.98 -10.42
N SER F 155 -30.61 -21.43 -10.45
CA SER F 155 -30.91 -22.77 -10.95
C SER F 155 -30.65 -22.85 -12.45
N CYS F 156 -30.17 -24.02 -12.88
CA CYS F 156 -29.91 -24.23 -14.31
C CYS F 156 -31.19 -24.20 -15.12
N SER F 157 -32.26 -24.80 -14.61
CA SER F 157 -33.54 -24.82 -15.30
C SER F 157 -34.38 -23.60 -14.91
N ASP G 13 27.55 4.53 30.86
CA ASP G 13 28.95 4.19 31.05
C ASP G 13 29.14 2.68 31.09
N LYS G 14 28.04 1.95 30.98
CA LYS G 14 28.10 0.49 31.03
C LYS G 14 28.56 -0.05 29.68
N PRO G 15 29.62 -0.86 29.65
CA PRO G 15 30.07 -1.47 28.39
C PRO G 15 29.00 -2.37 27.80
N VAL G 16 28.52 -2.00 26.60
CA VAL G 16 27.42 -2.70 25.96
C VAL G 16 27.76 -2.94 24.50
N ALA G 17 27.36 -4.10 23.98
CA ALA G 17 27.56 -4.45 22.58
C ALA G 17 26.38 -5.30 22.13
N HIS G 18 25.76 -4.88 21.02
CA HIS G 18 24.69 -5.64 20.37
C HIS G 18 24.94 -5.53 18.87
N VAL G 19 25.49 -6.59 18.29
CA VAL G 19 25.91 -6.62 16.91
C VAL G 19 25.01 -7.56 16.11
N VAL G 20 24.82 -7.23 14.84
CA VAL G 20 23.95 -7.98 13.94
C VAL G 20 24.79 -8.56 12.80
N ALA G 21 24.34 -9.68 12.27
CA ALA G 21 25.04 -10.33 11.17
C ALA G 21 24.94 -9.51 9.89
N ASN G 22 25.99 -9.60 9.08
CA ASN G 22 26.05 -8.85 7.82
C ASN G 22 25.20 -9.54 6.76
N PRO G 23 24.22 -8.87 6.16
CA PRO G 23 23.39 -9.49 5.12
C PRO G 23 23.96 -9.42 3.70
N GLN G 24 25.18 -8.94 3.53
CA GLN G 24 25.77 -8.80 2.20
C GLN G 24 26.91 -9.78 1.92
N ALA G 25 27.34 -10.54 2.91
CA ALA G 25 28.47 -11.48 2.76
C ALA G 25 27.92 -12.90 2.97
N GLU G 26 27.47 -13.50 1.88
CA GLU G 26 26.96 -14.87 1.94
C GLU G 26 28.10 -15.86 2.07
N GLY G 27 27.94 -16.81 2.99
CA GLY G 27 28.94 -17.83 3.24
C GLY G 27 29.81 -17.59 4.45
N GLN G 28 29.69 -16.44 5.11
CA GLN G 28 30.47 -16.14 6.30
C GLN G 28 29.61 -15.32 7.26
N LEU G 29 29.99 -15.36 8.54
CA LEU G 29 29.29 -14.66 9.61
C LEU G 29 30.15 -13.48 10.04
N GLN G 30 29.71 -12.27 9.69
CA GLN G 30 30.42 -11.04 10.02
C GLN G 30 29.51 -10.14 10.83
N TRP G 31 30.06 -9.56 11.90
CA TRP G 31 29.29 -8.71 12.80
C TRP G 31 29.47 -7.24 12.42
N LEU G 32 28.39 -6.46 12.55
CA LEU G 32 28.38 -5.04 12.23
C LEU G 32 27.93 -4.24 13.43
N ASN G 33 28.35 -2.98 13.46
CA ASN G 33 28.00 -2.02 14.51
C ASN G 33 27.23 -0.81 13.98
N ARG G 34 27.63 -0.28 12.83
CA ARG G 34 27.03 0.95 12.30
C ARG G 34 25.72 0.67 11.56
N ARG G 35 24.79 0.05 12.29
CA ARG G 35 23.46 -0.23 11.80
C ARG G 35 22.45 0.12 12.88
N ALA G 36 21.20 0.30 12.47
CA ALA G 36 20.14 0.63 13.41
C ALA G 36 19.92 -0.51 14.38
N ASN G 37 19.60 -0.14 15.63
CA ASN G 37 19.37 -1.09 16.73
C ASN G 37 20.59 -1.97 16.99
N ALA G 38 21.79 -1.41 16.77
CA ALA G 38 23.05 -2.07 17.06
C ALA G 38 23.93 -1.11 17.84
N LEU G 39 24.64 -1.63 18.84
CA LEU G 39 25.39 -0.79 19.76
C LEU G 39 26.80 -1.32 19.96
N LEU G 40 27.75 -0.40 20.11
CA LEU G 40 29.10 -0.69 20.60
C LEU G 40 29.51 0.51 21.44
N ALA G 41 29.24 0.45 22.74
CA ALA G 41 29.42 1.61 23.60
C ALA G 41 30.20 1.26 24.84
N ASN G 42 30.98 2.24 25.30
CA ASN G 42 31.73 2.20 26.56
C ASN G 42 32.79 1.09 26.57
N GLY G 43 33.67 1.16 25.58
CA GLY G 43 34.93 0.44 25.60
C GLY G 43 34.95 -0.89 24.87
N VAL G 44 33.80 -1.48 24.60
CA VAL G 44 33.77 -2.78 23.93
C VAL G 44 34.18 -2.59 22.48
N GLU G 45 35.12 -3.42 22.02
CA GLU G 45 35.69 -3.29 20.69
C GLU G 45 35.34 -4.49 19.83
N LEU G 46 35.28 -4.28 18.52
CA LEU G 46 35.01 -5.34 17.55
C LEU G 46 36.27 -5.54 16.71
N ARG G 47 37.05 -6.57 17.04
CA ARG G 47 38.29 -6.86 16.35
C ARG G 47 38.30 -8.32 15.91
N ASP G 48 38.64 -8.55 14.64
CA ASP G 48 38.74 -9.88 14.06
C ASP G 48 37.45 -10.67 14.23
N ASN G 49 36.32 -10.00 14.00
CA ASN G 49 34.98 -10.57 14.15
C ASN G 49 34.75 -11.11 15.57
N GLN G 50 35.38 -10.48 16.56
CA GLN G 50 35.25 -10.88 17.95
C GLN G 50 35.05 -9.65 18.81
N LEU G 51 34.42 -9.84 19.97
CA LEU G 51 34.14 -8.76 20.89
C LEU G 51 35.15 -8.77 22.04
N VAL G 52 35.73 -7.61 22.30
CA VAL G 52 36.74 -7.44 23.35
C VAL G 52 36.14 -6.52 24.41
N VAL G 53 36.07 -7.02 25.64
CA VAL G 53 35.53 -6.26 26.78
C VAL G 53 36.59 -5.31 27.29
N PRO G 54 36.20 -4.14 27.83
CA PRO G 54 37.18 -3.17 28.32
C PRO G 54 37.52 -3.28 29.79
N SER G 55 36.79 -4.08 30.57
CA SER G 55 37.00 -4.13 32.00
C SER G 55 36.57 -5.49 32.54
N GLU G 56 37.00 -5.77 33.76
CA GLU G 56 36.65 -7.01 34.44
C GLU G 56 35.36 -6.82 35.22
N GLY G 57 34.41 -7.73 34.99
CA GLY G 57 33.13 -7.65 35.66
C GLY G 57 32.21 -8.75 35.19
N LEU G 58 30.95 -8.64 35.59
CA LEU G 58 29.93 -9.61 35.23
C LEU G 58 29.21 -9.15 33.97
N TYR G 59 29.21 -10.00 32.94
CA TYR G 59 28.61 -9.70 31.66
C TYR G 59 27.54 -10.73 31.33
N LEU G 60 26.37 -10.24 30.89
CA LEU G 60 25.36 -11.08 30.27
C LEU G 60 25.70 -11.23 28.79
N ILE G 61 25.95 -12.47 28.37
CA ILE G 61 26.31 -12.80 27.00
C ILE G 61 25.13 -13.54 26.38
N TYR G 62 24.65 -13.02 25.24
CA TYR G 62 23.51 -13.60 24.55
C TYR G 62 23.80 -13.65 23.05
N SER G 63 23.13 -14.57 22.38
CA SER G 63 23.26 -14.71 20.93
C SER G 63 22.07 -15.50 20.40
N GLN G 64 21.71 -15.23 19.16
CA GLN G 64 20.65 -15.96 18.48
C GLN G 64 21.01 -16.17 17.02
N VAL G 65 20.93 -17.41 16.57
CA VAL G 65 21.29 -17.79 15.21
C VAL G 65 20.12 -18.54 14.59
N LEU G 66 19.68 -18.08 13.42
CA LEU G 66 18.58 -18.70 12.69
C LEU G 66 19.15 -19.40 11.46
N PHE G 67 18.87 -20.69 11.33
CA PHE G 67 19.30 -21.49 10.18
C PHE G 67 18.12 -21.75 9.27
N LYS G 68 18.33 -21.56 7.98
CA LYS G 68 17.31 -21.78 6.96
C LYS G 68 17.74 -22.91 6.04
N GLY G 69 16.77 -23.60 5.46
CA GLY G 69 17.08 -24.65 4.51
C GLY G 69 15.97 -24.99 3.54
N GLN G 70 16.32 -25.10 2.26
CA GLN G 70 15.37 -25.50 1.22
C GLN G 70 15.40 -27.02 1.12
N GLY G 71 14.45 -27.68 1.76
CA GLY G 71 14.39 -29.12 1.77
C GLY G 71 15.38 -29.74 2.74
N CYS G 72 15.33 -31.08 2.82
CA CYS G 72 16.20 -31.83 3.70
C CYS G 72 17.26 -32.55 2.88
N PRO G 73 18.54 -32.33 3.13
CA PRO G 73 19.58 -33.02 2.36
C PRO G 73 19.62 -34.51 2.67
N SER G 74 20.21 -35.26 1.76
CA SER G 74 20.31 -36.71 1.92
C SER G 74 21.15 -37.07 3.15
N THR G 75 22.28 -36.39 3.33
CA THR G 75 23.09 -36.60 4.51
C THR G 75 22.52 -35.81 5.69
N HIS G 76 22.75 -36.34 6.90
CA HIS G 76 22.28 -35.67 8.09
C HIS G 76 23.05 -34.37 8.32
N VAL G 77 22.36 -33.35 8.80
CA VAL G 77 22.93 -32.02 9.00
C VAL G 77 22.82 -31.65 10.47
N LEU G 78 23.93 -31.22 11.05
CA LEU G 78 23.99 -30.75 12.44
C LEU G 78 24.39 -29.29 12.46
N LEU G 79 23.66 -28.49 13.24
CA LEU G 79 23.92 -27.07 13.37
C LEU G 79 24.42 -26.80 14.78
N THR G 80 25.65 -26.30 14.90
CA THR G 80 26.27 -26.05 16.19
C THR G 80 26.53 -24.55 16.34
N HIS G 81 26.04 -23.98 17.44
CA HIS G 81 26.31 -22.60 17.79
C HIS G 81 27.07 -22.56 19.11
N THR G 82 28.21 -21.89 19.11
CA THR G 82 29.08 -21.87 20.28
C THR G 82 29.59 -20.46 20.54
N ILE G 83 29.37 -19.98 21.75
CA ILE G 83 30.00 -18.76 22.24
C ILE G 83 31.22 -19.17 23.04
N SER G 84 32.40 -18.78 22.57
CA SER G 84 33.67 -19.20 23.15
C SER G 84 34.46 -17.98 23.61
N ARG G 85 35.32 -18.21 24.60
CA ARG G 85 36.08 -17.15 25.26
C ARG G 85 37.56 -17.47 25.19
N ILE G 86 38.36 -16.50 24.75
CA ILE G 86 39.81 -16.56 24.80
C ILE G 86 40.25 -15.44 25.72
N ALA G 87 40.58 -15.79 26.96
CA ALA G 87 40.92 -14.82 28.00
C ALA G 87 42.43 -14.69 28.14
N VAL G 88 42.83 -13.62 28.83
CA VAL G 88 44.24 -13.44 29.18
C VAL G 88 44.68 -14.34 30.33
N SER G 89 43.73 -15.02 30.99
CA SER G 89 44.05 -15.89 32.10
C SER G 89 44.26 -17.35 31.68
N TYR G 90 43.83 -17.74 30.48
CA TYR G 90 43.98 -19.12 30.05
C TYR G 90 44.63 -19.20 28.67
N GLN G 91 44.38 -18.17 27.85
CA GLN G 91 44.99 -18.03 26.52
C GLN G 91 44.65 -19.18 25.58
N THR G 92 43.54 -19.87 25.84
CA THR G 92 43.03 -20.88 24.92
C THR G 92 41.53 -20.66 24.75
N LYS G 93 40.98 -21.25 23.69
CA LYS G 93 39.55 -21.13 23.43
C LYS G 93 38.78 -22.00 24.42
N VAL G 94 37.81 -21.40 25.11
CA VAL G 94 36.98 -22.09 26.08
C VAL G 94 35.52 -21.81 25.73
N ASN G 95 34.74 -22.87 25.54
CA ASN G 95 33.35 -22.74 25.13
C ASN G 95 32.50 -22.31 26.32
N LEU G 96 32.12 -21.03 26.34
CA LEU G 96 31.23 -20.55 27.40
C LEU G 96 29.83 -21.12 27.24
N LEU G 97 29.29 -21.08 26.03
CA LEU G 97 27.95 -21.58 25.74
C LEU G 97 27.99 -22.41 24.47
N SER G 98 27.13 -23.43 24.41
CA SER G 98 27.12 -24.30 23.24
C SER G 98 25.72 -24.90 23.07
N ALA G 99 25.34 -25.11 21.81
CA ALA G 99 24.09 -25.77 21.50
C ALA G 99 24.19 -26.46 20.15
N ILE G 100 23.50 -27.58 20.01
CA ILE G 100 23.50 -28.39 18.80
C ILE G 100 22.04 -28.68 18.42
N LYS G 101 21.75 -28.63 17.12
CA LYS G 101 20.42 -28.93 16.60
C LYS G 101 20.54 -29.85 15.40
N SER G 102 19.47 -30.65 15.20
CA SER G 102 19.36 -31.55 14.07
C SER G 102 18.06 -31.23 13.34
N PRO G 103 18.10 -30.29 12.39
CA PRO G 103 16.85 -29.83 11.75
C PRO G 103 16.11 -30.91 10.97
N CYS G 104 16.82 -31.83 10.33
CA CYS G 104 16.22 -32.81 9.44
C CYS G 104 16.39 -34.20 10.02
N GLN G 105 15.29 -34.97 10.03
CA GLN G 105 15.32 -36.36 10.48
C GLN G 105 15.31 -37.36 9.33
N ARG G 106 14.74 -37.00 8.18
CA ARG G 106 14.67 -37.89 7.04
C ARG G 106 14.86 -37.08 5.77
N GLU G 107 15.32 -37.77 4.72
CA GLU G 107 15.52 -37.12 3.43
C GLU G 107 14.19 -36.79 2.78
N THR G 108 14.13 -35.63 2.13
CA THR G 108 12.93 -35.24 1.41
C THR G 108 12.74 -36.12 0.18
N PRO G 109 11.57 -36.78 0.03
CA PRO G 109 11.28 -37.65 -1.12
C PRO G 109 11.28 -36.90 -2.45
N ALA G 112 9.41 -34.99 -4.36
CA ALA G 112 8.33 -34.13 -3.86
C ALA G 112 8.82 -32.69 -3.70
N GLU G 113 7.91 -31.82 -3.26
CA GLU G 113 8.26 -30.43 -3.05
C GLU G 113 9.15 -30.28 -1.82
N ALA G 114 10.21 -29.49 -1.95
CA ALA G 114 11.16 -29.27 -0.87
C ALA G 114 10.60 -28.18 0.06
N LYS G 115 9.95 -28.60 1.13
CA LYS G 115 9.40 -27.64 2.08
C LYS G 115 10.53 -27.01 2.90
N PRO G 116 10.55 -25.70 3.03
CA PRO G 116 11.64 -25.05 3.78
C PRO G 116 11.55 -25.34 5.27
N TRP G 117 12.72 -25.31 5.91
CA TRP G 117 12.82 -25.49 7.35
C TRP G 117 13.60 -24.34 7.96
N TYR G 118 13.21 -23.96 9.18
CA TYR G 118 13.85 -22.91 9.94
C TYR G 118 14.12 -23.39 11.35
N GLU G 119 15.31 -23.07 11.87
CA GLU G 119 15.67 -23.49 13.21
C GLU G 119 16.38 -22.36 13.96
N PRO G 120 15.80 -21.85 15.05
CA PRO G 120 16.51 -20.86 15.87
C PRO G 120 17.24 -21.50 17.04
N ILE G 121 18.43 -20.97 17.32
CA ILE G 121 19.24 -21.40 18.46
C ILE G 121 19.60 -20.16 19.26
N TYR G 122 19.27 -20.16 20.54
CA TYR G 122 19.53 -19.02 21.42
C TYR G 122 20.43 -19.46 22.57
N LEU G 123 21.45 -18.65 22.85
CA LEU G 123 22.34 -18.85 23.98
C LEU G 123 22.32 -17.61 24.86
N GLY G 124 22.34 -17.83 26.17
CA GLY G 124 22.34 -16.73 27.12
C GLY G 124 22.84 -17.12 28.49
N GLY G 125 23.76 -16.33 29.03
CA GLY G 125 24.32 -16.63 30.33
C GLY G 125 24.97 -15.41 30.94
N VAL G 126 25.44 -15.57 32.19
CA VAL G 126 26.15 -14.53 32.91
C VAL G 126 27.51 -15.07 33.31
N PHE G 127 28.57 -14.33 32.95
CA PHE G 127 29.92 -14.80 33.19
C PHE G 127 30.79 -13.68 33.75
N GLN G 128 31.78 -14.06 34.55
CA GLN G 128 32.78 -13.13 35.06
C GLN G 128 33.95 -13.08 34.08
N LEU G 129 34.19 -11.92 33.50
CA LEU G 129 35.18 -11.76 32.44
C LEU G 129 36.21 -10.72 32.85
N GLU G 130 37.47 -11.00 32.56
CA GLU G 130 38.56 -10.07 32.84
C GLU G 130 38.79 -9.15 31.65
N LYS G 131 39.65 -8.15 31.85
CA LYS G 131 39.98 -7.22 30.78
C LYS G 131 40.78 -7.92 29.69
N GLY G 132 40.46 -7.61 28.43
CA GLY G 132 41.15 -8.16 27.29
C GLY G 132 40.60 -9.48 26.79
N ASP G 133 39.57 -10.04 27.43
CA ASP G 133 39.00 -11.29 26.97
C ASP G 133 38.27 -11.10 25.64
N ARG G 134 38.43 -12.08 24.75
CA ARG G 134 37.83 -12.03 23.43
C ARG G 134 36.73 -13.08 23.34
N LEU G 135 35.53 -12.64 22.96
CA LEU G 135 34.37 -13.51 22.87
C LEU G 135 33.97 -13.68 21.40
N SER G 136 33.82 -14.92 20.97
CA SER G 136 33.51 -15.23 19.58
C SER G 136 32.28 -16.12 19.51
N ALA G 137 31.31 -15.71 18.71
CA ALA G 137 30.11 -16.52 18.43
C ALA G 137 30.33 -17.21 17.09
N GLU G 138 30.51 -18.53 17.12
CA GLU G 138 30.87 -19.30 15.94
C GLU G 138 29.80 -20.33 15.63
N ILE G 139 29.70 -20.68 14.34
CA ILE G 139 28.76 -21.65 13.85
C ILE G 139 29.50 -22.63 12.94
N ASN G 140 28.87 -23.77 12.69
CA ASN G 140 29.49 -24.81 11.88
C ASN G 140 29.06 -24.77 10.41
N ARG G 141 27.89 -24.20 10.11
CA ARG G 141 27.36 -24.16 8.74
C ARG G 141 27.00 -22.72 8.40
N PRO G 142 27.97 -21.91 8.00
CA PRO G 142 27.67 -20.52 7.61
C PRO G 142 26.75 -20.40 6.41
N ASP G 143 26.71 -21.39 5.53
CA ASP G 143 25.89 -21.30 4.32
C ASP G 143 24.40 -21.37 4.63
N TYR G 144 24.02 -21.82 5.82
CA TYR G 144 22.62 -21.94 6.19
C TYR G 144 22.10 -20.72 6.91
N LEU G 145 22.91 -19.67 7.07
CA LEU G 145 22.57 -18.51 7.87
C LEU G 145 21.42 -17.71 7.27
N ASP G 146 20.67 -17.05 8.15
CA ASP G 146 19.51 -16.25 7.77
C ASP G 146 19.91 -14.78 7.73
N PHE G 147 19.87 -14.19 6.53
CA PHE G 147 20.16 -12.79 6.33
C PHE G 147 18.96 -12.03 5.77
N ALA G 148 17.78 -12.65 5.82
CA ALA G 148 16.60 -12.07 5.17
C ALA G 148 16.13 -10.81 5.90
N GLU G 149 15.99 -10.87 7.22
CA GLU G 149 15.51 -9.74 7.99
C GLU G 149 16.38 -9.54 9.22
N SER G 150 16.39 -8.30 9.71
CA SER G 150 17.18 -7.95 10.87
C SER G 150 16.53 -8.53 12.14
N GLY G 151 17.36 -8.74 13.15
CA GLY G 151 16.91 -9.31 14.40
C GLY G 151 16.83 -10.81 14.45
N GLN G 152 17.23 -11.50 13.39
CA GLN G 152 17.22 -12.96 13.36
C GLN G 152 18.52 -13.58 13.85
N VAL G 153 19.67 -13.05 13.41
CA VAL G 153 20.97 -13.51 13.87
C VAL G 153 21.68 -12.33 14.49
N TYR G 154 22.07 -12.45 15.75
CA TYR G 154 22.73 -11.36 16.45
C TYR G 154 23.54 -11.91 17.61
N PHE G 155 24.45 -11.08 18.10
CA PHE G 155 25.31 -11.40 19.23
C PHE G 155 25.33 -10.18 20.15
N GLY G 156 25.63 -10.41 21.43
CA GLY G 156 25.67 -9.29 22.35
C GLY G 156 26.21 -9.59 23.73
N ILE G 157 26.85 -8.59 24.33
CA ILE G 157 27.36 -8.67 25.70
C ILE G 157 27.05 -7.36 26.40
N ILE G 158 26.50 -7.44 27.61
CA ILE G 158 26.19 -6.26 28.40
C ILE G 158 26.80 -6.41 29.79
N ALA G 159 27.59 -5.42 30.19
CA ALA G 159 28.20 -5.45 31.51
C ALA G 159 27.14 -5.21 32.58
N LEU G 160 27.30 -5.87 33.74
CA LEU G 160 26.32 -5.76 34.80
C LEU G 160 26.99 -5.53 36.16
N ASP H 13 13.35 1.73 41.30
CA ASP H 13 13.06 2.85 40.42
C ASP H 13 13.34 2.48 38.96
N LYS H 14 13.80 1.26 38.74
CA LYS H 14 14.12 0.81 37.40
C LYS H 14 12.85 0.43 36.65
N PRO H 15 12.59 1.01 35.49
CA PRO H 15 11.40 0.62 34.70
C PRO H 15 11.46 -0.85 34.30
N VAL H 16 10.48 -1.61 34.79
CA VAL H 16 10.45 -3.05 34.57
C VAL H 16 9.05 -3.47 34.16
N ALA H 17 8.98 -4.44 33.24
CA ALA H 17 7.71 -4.99 32.80
C ALA H 17 7.91 -6.46 32.49
N HIS H 18 7.06 -7.31 33.08
CA HIS H 18 7.03 -8.74 32.80
C HIS H 18 5.56 -9.14 32.74
N VAL H 19 5.05 -9.30 31.52
CA VAL H 19 3.64 -9.55 31.27
C VAL H 19 3.45 -10.98 30.75
N VAL H 20 2.31 -11.55 31.09
CA VAL H 20 1.97 -12.93 30.72
C VAL H 20 0.75 -12.91 29.81
N ALA H 21 0.66 -13.92 28.94
CA ALA H 21 -0.45 -14.04 28.02
C ALA H 21 -1.74 -14.37 28.76
N ASN H 22 -2.85 -13.89 28.22
CA ASN H 22 -4.15 -14.10 28.84
C ASN H 22 -4.67 -15.50 28.50
N PRO H 23 -4.98 -16.33 29.50
CA PRO H 23 -5.48 -17.68 29.24
C PRO H 23 -6.98 -17.79 29.01
N GLN H 24 -7.70 -16.67 28.93
CA GLN H 24 -9.15 -16.71 28.77
C GLN H 24 -9.63 -16.23 27.40
N ALA H 25 -8.73 -15.70 26.57
CA ALA H 25 -9.09 -15.18 25.25
C ALA H 25 -8.42 -16.05 24.19
N GLU H 26 -9.11 -17.11 23.78
CA GLU H 26 -8.58 -17.99 22.75
C GLU H 26 -8.67 -17.33 21.38
N GLY H 27 -7.59 -17.43 20.61
CA GLY H 27 -7.53 -16.85 19.29
C GLY H 27 -6.80 -15.52 19.20
N GLN H 28 -6.40 -14.94 20.32
CA GLN H 28 -5.68 -13.68 20.32
C GLN H 28 -4.66 -13.67 21.45
N LEU H 29 -3.64 -12.84 21.30
CA LEU H 29 -2.56 -12.71 22.27
C LEU H 29 -2.73 -11.40 23.02
N GLN H 30 -3.13 -11.48 24.28
CA GLN H 30 -3.35 -10.31 25.12
C GLN H 30 -2.47 -10.40 26.36
N TRP H 31 -1.83 -9.28 26.69
CA TRP H 31 -0.90 -9.23 27.81
C TRP H 31 -1.61 -8.72 29.06
N LEU H 32 -1.25 -9.29 30.22
CA LEU H 32 -1.83 -8.92 31.51
C LEU H 32 -0.75 -8.50 32.48
N ASN H 33 -1.14 -7.69 33.46
CA ASN H 33 -0.26 -7.19 34.51
C ASN H 33 -0.69 -7.62 35.90
N ARG H 34 -1.99 -7.60 36.19
CA ARG H 34 -2.51 -7.87 37.53
C ARG H 34 -2.63 -9.38 37.77
N ARG H 35 -1.49 -10.06 37.63
CA ARG H 35 -1.39 -11.48 37.90
C ARG H 35 -0.10 -11.73 38.68
N ALA H 36 -0.05 -12.89 39.33
CA ALA H 36 1.13 -13.25 40.12
C ALA H 36 2.33 -13.43 39.21
N ASN H 37 3.50 -13.03 39.72
CA ASN H 37 4.78 -13.09 38.99
C ASN H 37 4.73 -12.28 37.70
N ALA H 38 3.98 -11.18 37.72
CA ALA H 38 3.91 -10.24 36.60
C ALA H 38 4.08 -8.84 37.15
N LEU H 39 4.83 -8.01 36.42
CA LEU H 39 5.21 -6.68 36.91
C LEU H 39 4.98 -5.62 35.85
N LEU H 40 4.56 -4.43 36.30
CA LEU H 40 4.55 -3.21 35.50
C LEU H 40 4.92 -2.09 36.47
N ALA H 41 6.21 -1.78 36.57
CA ALA H 41 6.67 -0.86 37.59
C ALA H 41 7.59 0.21 36.99
N ASN H 42 7.49 1.40 37.58
CA ASN H 42 8.37 2.54 37.29
C ASN H 42 8.21 3.04 35.85
N GLY H 43 6.97 3.37 35.50
CA GLY H 43 6.67 4.17 34.34
C GLY H 43 6.29 3.41 33.09
N VAL H 44 6.60 2.11 33.01
CA VAL H 44 6.26 1.35 31.81
C VAL H 44 4.76 1.14 31.75
N GLU H 45 4.17 1.43 30.60
CA GLU H 45 2.71 1.38 30.44
C GLU H 45 2.34 0.29 29.45
N LEU H 46 1.12 -0.24 29.61
CA LEU H 46 0.56 -1.25 28.72
C LEU H 46 -0.64 -0.64 27.99
N ARG H 47 -0.40 -0.22 26.75
CA ARG H 47 -1.43 0.42 25.94
C ARG H 47 -1.54 -0.29 24.60
N ASP H 48 -2.76 -0.62 24.20
CA ASP H 48 -3.05 -1.26 22.91
C ASP H 48 -2.24 -2.55 22.73
N ASN H 49 -2.17 -3.34 23.80
CA ASN H 49 -1.41 -4.60 23.83
C ASN H 49 0.06 -4.38 23.50
N GLN H 50 0.60 -3.21 23.86
CA GLN H 50 1.98 -2.86 23.60
C GLN H 50 2.58 -2.23 24.83
N LEU H 51 3.90 -2.32 24.95
CA LEU H 51 4.63 -1.78 26.10
C LEU H 51 5.28 -0.47 25.72
N VAL H 52 5.06 0.56 26.54
CA VAL H 52 5.60 1.89 26.34
C VAL H 52 6.59 2.18 27.45
N VAL H 53 7.84 2.46 27.08
CA VAL H 53 8.91 2.77 28.02
C VAL H 53 8.78 4.21 28.49
N PRO H 54 9.16 4.53 29.72
CA PRO H 54 9.03 5.90 30.22
C PRO H 54 10.27 6.78 30.04
N SER H 55 11.42 6.21 29.65
CA SER H 55 12.65 6.97 29.57
C SER H 55 13.57 6.36 28.53
N GLU H 56 14.56 7.14 28.14
CA GLU H 56 15.58 6.70 27.18
C GLU H 56 16.72 6.01 27.91
N GLY H 57 17.06 4.81 27.48
CA GLY H 57 18.13 4.06 28.10
C GLY H 57 18.26 2.70 27.45
N LEU H 58 19.08 1.86 28.08
CA LEU H 58 19.33 0.51 27.61
C LEU H 58 18.36 -0.47 28.27
N TYR H 59 17.61 -1.20 27.45
CA TYR H 59 16.61 -2.15 27.94
C TYR H 59 16.94 -3.55 27.43
N LEU H 60 16.87 -4.52 28.33
CA LEU H 60 16.86 -5.93 27.95
C LEU H 60 15.42 -6.32 27.62
N ILE H 61 15.21 -6.74 26.37
CA ILE H 61 13.91 -7.14 25.87
C ILE H 61 13.93 -8.65 25.66
N TYR H 62 12.98 -9.34 26.28
CA TYR H 62 12.89 -10.80 26.20
C TYR H 62 11.44 -11.20 25.99
N SER H 63 11.27 -12.37 25.39
CA SER H 63 9.94 -12.94 25.15
C SER H 63 10.08 -14.43 24.91
N GLN H 64 9.02 -15.17 25.25
CA GLN H 64 8.97 -16.60 24.99
C GLN H 64 7.56 -17.00 24.60
N VAL H 65 7.43 -17.69 23.48
CA VAL H 65 6.15 -18.10 22.93
C VAL H 65 6.17 -19.61 22.71
N LEU H 66 5.18 -20.32 23.26
CA LEU H 66 5.06 -21.76 23.11
C LEU H 66 3.89 -22.06 22.20
N PHE H 67 4.14 -22.81 21.14
CA PHE H 67 3.12 -23.22 20.19
C PHE H 67 2.78 -24.69 20.41
N LYS H 68 1.49 -24.99 20.44
CA LYS H 68 1.00 -26.35 20.61
C LYS H 68 0.24 -26.79 19.37
N GLY H 69 0.22 -28.09 19.12
CA GLY H 69 -0.53 -28.60 18.00
C GLY H 69 -0.93 -30.06 18.11
N GLN H 70 -2.20 -30.36 17.81
CA GLN H 70 -2.70 -31.73 17.80
C GLN H 70 -2.48 -32.29 16.39
N GLY H 71 -1.41 -33.04 16.22
CA GLY H 71 -1.08 -33.61 14.93
C GLY H 71 -0.44 -32.59 14.00
N CYS H 72 -0.08 -33.08 12.81
CA CYS H 72 0.54 -32.24 11.79
C CYS H 72 -0.44 -31.98 10.67
N PRO H 73 -0.73 -30.72 10.35
CA PRO H 73 -1.67 -30.43 9.26
C PRO H 73 -1.09 -30.80 7.90
N SER H 74 -2.00 -30.97 6.94
CA SER H 74 -1.58 -31.33 5.59
C SER H 74 -0.71 -30.24 4.97
N THR H 75 -1.11 -28.98 5.12
CA THR H 75 -0.31 -27.87 4.65
C THR H 75 0.81 -27.57 5.65
N HIS H 76 1.92 -27.06 5.12
CA HIS H 76 3.05 -26.70 5.97
C HIS H 76 2.69 -25.49 6.84
N VAL H 77 3.18 -25.50 8.07
CA VAL H 77 2.87 -24.46 9.05
C VAL H 77 4.16 -23.80 9.50
N LEU H 78 4.18 -22.47 9.46
CA LEU H 78 5.32 -21.68 9.90
C LEU H 78 4.88 -20.81 11.09
N LEU H 79 5.69 -20.80 12.13
CA LEU H 79 5.42 -20.01 13.33
C LEU H 79 6.46 -18.91 13.43
N THR H 80 6.00 -17.66 13.38
CA THR H 80 6.88 -16.50 13.41
C THR H 80 6.62 -15.69 14.67
N HIS H 81 7.67 -15.42 15.43
CA HIS H 81 7.60 -14.56 16.60
C HIS H 81 8.51 -13.35 16.37
N THR H 82 7.93 -12.16 16.51
CA THR H 82 8.67 -10.93 16.22
C THR H 82 8.42 -9.89 17.29
N ILE H 83 9.50 -9.38 17.88
CA ILE H 83 9.45 -8.22 18.75
C ILE H 83 9.81 -7.02 17.90
N SER H 84 8.86 -6.09 17.75
CA SER H 84 8.99 -4.94 16.87
C SER H 84 8.87 -3.66 17.67
N ARG H 85 9.48 -2.60 17.15
CA ARG H 85 9.58 -1.32 17.82
C ARG H 85 9.04 -0.22 16.92
N ILE H 86 8.14 0.60 17.47
CA ILE H 86 7.65 1.81 16.81
C ILE H 86 8.09 2.97 17.68
N ALA H 87 9.16 3.65 17.28
CA ALA H 87 9.77 4.71 18.06
C ALA H 87 9.31 6.08 17.57
N VAL H 88 9.56 7.09 18.40
CA VAL H 88 9.32 8.48 18.00
C VAL H 88 10.38 8.99 17.04
N SER H 89 11.46 8.25 16.84
CA SER H 89 12.53 8.68 15.96
C SER H 89 12.38 8.16 14.53
N TYR H 90 11.54 7.15 14.30
CA TYR H 90 11.38 6.60 12.97
C TYR H 90 9.90 6.52 12.58
N GLN H 91 9.04 6.33 13.58
CA GLN H 91 7.57 6.33 13.41
C GLN H 91 7.10 5.24 12.46
N THR H 92 7.89 4.17 12.31
CA THR H 92 7.45 2.99 11.56
C THR H 92 7.81 1.76 12.37
N LYS H 93 7.19 0.63 12.02
CA LYS H 93 7.46 -0.62 12.71
C LYS H 93 8.81 -1.15 12.27
N VAL H 94 9.68 -1.45 13.25
CA VAL H 94 11.01 -1.98 12.99
C VAL H 94 11.19 -3.24 13.83
N ASN H 95 11.52 -4.34 13.18
CA ASN H 95 11.64 -5.63 13.85
C ASN H 95 12.95 -5.67 14.64
N LEU H 96 12.85 -5.53 15.97
CA LEU H 96 14.04 -5.64 16.81
C LEU H 96 14.53 -7.08 16.86
N LEU H 97 13.62 -8.03 17.08
CA LEU H 97 13.97 -9.44 17.16
C LEU H 97 12.98 -10.25 16.34
N SER H 98 13.45 -11.35 15.75
CA SER H 98 12.58 -12.18 14.92
C SER H 98 13.07 -13.62 14.94
N ALA H 99 12.12 -14.54 14.86
CA ALA H 99 12.44 -15.96 14.76
C ALA H 99 11.32 -16.69 14.04
N ILE H 100 11.69 -17.73 13.29
CA ILE H 100 10.77 -18.54 12.51
C ILE H 100 11.02 -20.00 12.83
N LYS H 101 9.95 -20.79 12.95
CA LYS H 101 10.03 -22.21 13.21
C LYS H 101 9.10 -22.96 12.26
N SER H 102 9.48 -24.22 11.98
CA SER H 102 8.69 -25.12 11.14
C SER H 102 8.44 -26.39 11.95
N PRO H 103 7.38 -26.43 12.75
CA PRO H 103 7.17 -27.57 13.65
C PRO H 103 6.97 -28.90 12.95
N CYS H 104 6.31 -28.91 11.79
CA CYS H 104 5.93 -30.15 11.11
C CYS H 104 6.69 -30.26 9.80
N GLN H 105 7.26 -31.44 9.55
CA GLN H 105 7.94 -31.72 8.30
C GLN H 105 7.11 -32.56 7.34
N ARG H 106 6.22 -33.40 7.86
CA ARG H 106 5.39 -34.26 7.03
C ARG H 106 4.01 -34.36 7.64
N GLU H 107 3.02 -34.66 6.79
CA GLU H 107 1.66 -34.81 7.24
C GLU H 107 1.49 -36.08 8.07
N THR H 108 0.69 -36.00 9.12
CA THR H 108 0.40 -37.17 9.94
C THR H 108 -0.46 -38.16 9.17
N PRO H 109 -0.02 -39.42 9.04
CA PRO H 109 -0.77 -40.46 8.32
C PRO H 109 -2.13 -40.77 8.96
N ALA H 112 -3.55 -42.46 11.39
CA ALA H 112 -2.88 -42.83 12.63
C ALA H 112 -3.20 -41.85 13.75
N GLU H 113 -2.66 -42.10 14.94
CA GLU H 113 -2.89 -41.22 16.07
C GLU H 113 -2.13 -39.91 15.89
N ALA H 114 -2.82 -38.80 16.17
CA ALA H 114 -2.22 -37.46 16.02
C ALA H 114 -1.41 -37.15 17.27
N LYS H 115 -0.11 -37.40 17.21
CA LYS H 115 0.76 -37.09 18.34
C LYS H 115 0.95 -35.59 18.47
N PRO H 116 0.77 -35.03 19.67
CA PRO H 116 0.90 -33.59 19.84
C PRO H 116 2.35 -33.13 19.67
N TRP H 117 2.49 -31.88 19.25
CA TRP H 117 3.80 -31.25 19.10
C TRP H 117 3.82 -29.92 19.85
N TYR H 118 4.99 -29.60 20.39
CA TYR H 118 5.22 -28.36 21.13
C TYR H 118 6.50 -27.71 20.63
N GLU H 119 6.45 -26.39 20.45
CA GLU H 119 7.63 -25.67 19.98
C GLU H 119 7.80 -24.36 20.74
N PRO H 120 8.89 -24.18 21.49
CA PRO H 120 9.17 -22.90 22.13
C PRO H 120 10.08 -22.02 21.29
N ILE H 121 9.79 -20.73 21.29
CA ILE H 121 10.60 -19.71 20.62
C ILE H 121 10.93 -18.64 21.63
N TYR H 122 12.21 -18.36 21.82
CA TYR H 122 12.68 -17.37 22.78
C TYR H 122 13.46 -16.29 22.05
N LEU H 123 13.16 -15.03 22.38
CA LEU H 123 13.90 -13.88 21.88
C LEU H 123 14.46 -13.09 23.04
N GLY H 124 15.68 -12.58 22.89
CA GLY H 124 16.30 -11.79 23.93
C GLY H 124 17.44 -10.94 23.42
N GLY H 125 17.43 -9.65 23.79
CA GLY H 125 18.45 -8.74 23.33
C GLY H 125 18.51 -7.51 24.20
N VAL H 126 19.48 -6.65 23.91
CA VAL H 126 19.67 -5.38 24.60
C VAL H 126 19.62 -4.27 23.56
N PHE H 127 18.76 -3.28 23.78
CA PHE H 127 18.56 -2.22 22.80
C PHE H 127 18.51 -0.86 23.50
N GLN H 128 18.95 0.17 22.77
CA GLN H 128 18.85 1.54 23.23
C GLN H 128 17.52 2.13 22.75
N LEU H 129 16.66 2.49 23.69
CA LEU H 129 15.29 2.93 23.39
C LEU H 129 15.07 4.33 23.93
N GLU H 130 14.39 5.16 23.14
CA GLU H 130 14.04 6.50 23.55
C GLU H 130 12.68 6.52 24.25
N LYS H 131 12.34 7.68 24.80
CA LYS H 131 11.07 7.83 25.48
C LYS H 131 9.92 7.79 24.48
N GLY H 132 8.84 7.09 24.85
CA GLY H 132 7.67 6.98 24.01
C GLY H 132 7.70 5.84 23.01
N ASP H 133 8.76 5.07 22.95
CA ASP H 133 8.84 3.94 22.03
C ASP H 133 7.86 2.84 22.45
N ARG H 134 7.19 2.25 21.47
CA ARG H 134 6.21 1.20 21.70
C ARG H 134 6.76 -0.13 21.20
N LEU H 135 6.78 -1.13 22.07
CA LEU H 135 7.30 -2.44 21.75
C LEU H 135 6.16 -3.45 21.71
N SER H 136 6.08 -4.21 20.62
CA SER H 136 5.01 -5.17 20.41
C SER H 136 5.59 -6.55 20.10
N ALA H 137 5.14 -7.55 20.84
CA ALA H 137 5.50 -8.94 20.58
C ALA H 137 4.35 -9.58 19.81
N GLU H 138 4.59 -9.89 18.54
CA GLU H 138 3.55 -10.37 17.64
C GLU H 138 3.88 -11.77 17.14
N ILE H 139 2.82 -12.51 16.82
CA ILE H 139 2.93 -13.86 16.29
C ILE H 139 2.03 -13.97 15.07
N ASN H 140 2.28 -15.01 14.27
CA ASN H 140 1.52 -15.22 13.04
C ASN H 140 0.35 -16.18 13.19
N ARG H 141 0.40 -17.08 14.17
CA ARG H 141 -0.64 -18.08 14.38
C ARG H 141 -1.11 -18.03 15.83
N PRO H 142 -2.02 -17.09 16.15
CA PRO H 142 -2.54 -17.01 17.52
C PRO H 142 -3.31 -18.24 17.98
N ASP H 143 -3.88 -19.01 17.04
CA ASP H 143 -4.69 -20.16 17.42
C ASP H 143 -3.84 -21.31 17.98
N TYR H 144 -2.53 -21.27 17.78
CA TYR H 144 -1.65 -22.32 18.24
C TYR H 144 -1.05 -22.01 19.62
N LEU H 145 -1.43 -20.89 20.23
CA LEU H 145 -0.82 -20.42 21.47
C LEU H 145 -1.10 -21.35 22.64
N ASP H 146 -0.16 -21.36 23.59
CA ASP H 146 -0.23 -22.20 24.78
C ASP H 146 -0.72 -21.36 25.96
N PHE H 147 -1.91 -21.69 26.45
CA PHE H 147 -2.50 -21.04 27.61
C PHE H 147 -2.71 -22.00 28.77
N ALA H 148 -2.09 -23.18 28.70
CA ALA H 148 -2.36 -24.22 29.68
C ALA H 148 -1.80 -23.86 31.05
N GLU H 149 -0.54 -23.44 31.10
CA GLU H 149 0.11 -23.11 32.36
C GLU H 149 0.86 -21.78 32.24
N SER H 150 1.03 -21.13 33.37
CA SER H 150 1.73 -19.85 33.42
C SER H 150 3.22 -20.06 33.21
N GLY H 151 3.88 -19.02 32.71
CA GLY H 151 5.30 -19.06 32.42
C GLY H 151 5.68 -19.65 31.10
N GLN H 152 4.72 -20.02 30.26
CA GLN H 152 4.99 -20.56 28.94
C GLN H 152 5.08 -19.49 27.86
N VAL H 153 4.15 -18.53 27.85
CA VAL H 153 4.16 -17.42 26.91
C VAL H 153 4.21 -16.14 27.73
N TYR H 154 5.23 -15.32 27.49
CA TYR H 154 5.39 -14.08 28.25
C TYR H 154 6.26 -13.12 27.46
N PHE H 155 6.19 -11.85 27.86
CA PHE H 155 6.96 -10.77 27.26
C PHE H 155 7.53 -9.93 28.40
N GLY H 156 8.63 -9.22 28.12
CA GLY H 156 9.22 -8.40 29.15
C GLY H 156 10.31 -7.46 28.70
N ILE H 157 10.41 -6.33 29.39
CA ILE H 157 11.48 -5.34 29.16
C ILE H 157 11.96 -4.84 30.50
N ILE H 158 13.28 -4.81 30.70
CA ILE H 158 13.86 -4.31 31.94
C ILE H 158 14.92 -3.27 31.60
N ALA H 159 14.79 -2.07 32.18
CA ALA H 159 15.76 -1.02 31.96
C ALA H 159 17.07 -1.36 32.66
N LEU H 160 18.18 -0.98 32.04
CA LEU H 160 19.50 -1.30 32.58
C LEU H 160 20.42 -0.08 32.57
N ASP I 13 28.98 -6.86 44.84
CA ASP I 13 28.06 -7.09 45.95
C ASP I 13 26.71 -7.60 45.45
N LYS I 14 26.59 -7.72 44.13
CA LYS I 14 25.34 -8.18 43.54
C LYS I 14 25.22 -9.70 43.67
N PRO I 15 24.14 -10.21 44.26
CA PRO I 15 23.95 -11.66 44.35
C PRO I 15 23.86 -12.30 42.97
N VAL I 16 24.82 -13.17 42.67
CA VAL I 16 24.93 -13.79 41.36
C VAL I 16 25.16 -15.28 41.52
N ALA I 17 24.55 -16.07 40.62
CA ALA I 17 24.74 -17.50 40.60
C ALA I 17 24.68 -17.99 39.16
N HIS I 18 25.70 -18.73 38.75
CA HIS I 18 25.74 -19.37 37.44
C HIS I 18 26.32 -20.76 37.66
N VAL I 19 25.44 -21.77 37.66
CA VAL I 19 25.80 -23.14 37.99
C VAL I 19 25.68 -24.01 36.74
N VAL I 20 26.53 -25.03 36.67
CA VAL I 20 26.60 -25.93 35.54
C VAL I 20 26.23 -27.34 36.00
N ALA I 21 25.68 -28.13 35.07
CA ALA I 21 25.29 -29.50 35.38
C ALA I 21 26.51 -30.37 35.61
N ASN I 22 26.34 -31.36 36.49
CA ASN I 22 27.43 -32.28 36.83
C ASN I 22 27.61 -33.33 35.74
N PRO I 23 28.79 -33.44 35.14
CA PRO I 23 29.01 -34.45 34.09
C PRO I 23 29.39 -35.84 34.58
N GLN I 24 29.37 -36.09 35.89
CA GLN I 24 29.76 -37.38 36.43
C GLN I 24 28.61 -38.19 37.00
N ALA I 25 27.42 -37.62 37.09
CA ALA I 25 26.25 -38.30 37.67
C ALA I 25 25.22 -38.48 36.56
N GLU I 26 25.32 -39.60 35.86
CA GLU I 26 24.37 -39.90 34.79
C GLU I 26 23.03 -40.33 35.39
N GLY I 27 21.95 -39.78 34.84
CA GLY I 27 20.60 -40.09 35.30
C GLY I 27 19.98 -39.07 36.22
N GLN I 28 20.73 -38.05 36.64
CA GLN I 28 20.21 -37.01 37.50
C GLN I 28 20.85 -35.68 37.14
N LEU I 29 20.17 -34.59 37.50
CA LEU I 29 20.61 -33.23 37.21
C LEU I 29 21.09 -32.60 38.52
N GLN I 30 22.40 -32.43 38.65
CA GLN I 30 23.01 -31.86 39.85
C GLN I 30 23.81 -30.63 39.46
N TRP I 31 23.65 -29.56 40.24
CA TRP I 31 24.32 -28.29 39.96
C TRP I 31 25.61 -28.18 40.76
N LEU I 32 26.63 -27.58 40.14
CA LEU I 32 27.94 -27.41 40.75
C LEU I 32 28.34 -25.93 40.74
N ASN I 33 29.20 -25.56 41.68
CA ASN I 33 29.72 -24.21 41.82
C ASN I 33 31.23 -24.13 41.65
N ARG I 34 31.97 -25.10 42.20
CA ARG I 34 33.43 -25.06 42.21
C ARG I 34 34.00 -25.57 40.89
N ARG I 35 33.58 -24.91 39.80
CA ARG I 35 34.07 -25.21 38.46
C ARG I 35 34.34 -23.89 37.75
N ALA I 36 35.15 -23.96 36.70
CA ALA I 36 35.49 -22.78 35.93
C ALA I 36 34.24 -22.21 35.25
N ASN I 37 34.19 -20.87 35.16
CA ASN I 37 33.07 -20.14 34.58
C ASN I 37 31.75 -20.44 35.29
N ALA I 38 31.83 -20.69 36.59
CA ALA I 38 30.66 -20.90 37.44
C ALA I 38 30.80 -20.04 38.69
N LEU I 39 29.70 -19.43 39.12
CA LEU I 39 29.74 -18.45 40.20
C LEU I 39 28.66 -18.71 41.22
N LEU I 40 28.99 -18.47 42.50
CA LEU I 40 28.01 -18.39 43.59
C LEU I 40 28.53 -17.28 44.52
N ALA I 41 28.08 -16.05 44.29
CA ALA I 41 28.64 -14.91 44.98
C ALA I 41 27.54 -14.04 45.57
N ASN I 42 27.87 -13.44 46.73
CA ASN I 42 27.05 -12.43 47.41
C ASN I 42 25.71 -13.01 47.87
N GLY I 43 25.80 -14.08 48.66
CA GLY I 43 24.69 -14.55 49.47
C GLY I 43 23.86 -15.66 48.87
N VAL I 44 23.93 -15.90 47.56
CA VAL I 44 23.13 -16.94 46.94
C VAL I 44 23.69 -18.30 47.36
N GLU I 45 22.80 -19.18 47.82
CA GLU I 45 23.21 -20.48 48.34
C GLU I 45 22.67 -21.60 47.46
N LEU I 46 23.38 -22.73 47.47
CA LEU I 46 22.99 -23.93 46.72
C LEU I 46 22.65 -25.01 47.73
N ARG I 47 21.36 -25.20 47.98
CA ARG I 47 20.88 -26.19 48.95
C ARG I 47 19.85 -27.09 48.29
N ASP I 48 20.01 -28.40 48.46
CA ASP I 48 19.08 -29.41 47.94
C ASP I 48 18.88 -29.26 46.44
N ASN I 49 19.98 -29.02 45.72
CA ASN I 49 19.98 -28.81 44.26
C ASN I 49 19.08 -27.63 43.86
N GLN I 50 18.96 -26.64 44.74
CA GLN I 50 18.13 -25.47 44.49
C GLN I 50 18.91 -24.22 44.88
N LEU I 51 18.54 -23.10 44.27
CA LEU I 51 19.19 -21.81 44.52
C LEU I 51 18.34 -20.97 45.45
N VAL I 52 18.96 -20.45 46.51
CA VAL I 52 18.30 -19.62 47.51
C VAL I 52 18.89 -18.23 47.43
N VAL I 53 18.02 -17.25 47.17
CA VAL I 53 18.42 -15.84 47.06
C VAL I 53 18.60 -15.26 48.45
N PRO I 54 19.52 -14.30 48.64
CA PRO I 54 19.73 -13.71 49.97
C PRO I 54 18.93 -12.46 50.27
N SER I 55 18.26 -11.87 49.29
CA SER I 55 17.58 -10.60 49.49
C SER I 55 16.41 -10.48 48.52
N GLU I 56 15.52 -9.53 48.82
CA GLU I 56 14.37 -9.26 47.98
C GLU I 56 14.74 -8.23 46.91
N GLY I 57 14.45 -8.55 45.67
CA GLY I 57 14.77 -7.65 44.57
C GLY I 57 14.40 -8.28 43.25
N LEU I 58 14.84 -7.61 42.18
CA LEU I 58 14.57 -8.08 40.82
C LEU I 58 15.75 -8.94 40.35
N TYR I 59 15.43 -10.17 39.94
CA TYR I 59 16.42 -11.13 39.48
C TYR I 59 16.13 -11.57 38.06
N LEU I 60 17.16 -11.57 37.23
CA LEU I 60 17.10 -12.23 35.93
C LEU I 60 17.43 -13.71 36.11
N ILE I 61 16.46 -14.56 35.78
CA ILE I 61 16.57 -16.01 35.91
C ILE I 61 16.68 -16.59 34.51
N TYR I 62 17.74 -17.37 34.28
CA TYR I 62 17.98 -17.98 32.98
C TYR I 62 18.41 -19.43 33.17
N SER I 63 18.17 -20.22 32.14
CA SER I 63 18.57 -21.62 32.14
C SER I 63 18.59 -22.14 30.71
N GLN I 64 19.45 -23.13 30.48
CA GLN I 64 19.52 -23.77 29.17
C GLN I 64 19.78 -25.26 29.35
N VAL I 65 18.95 -26.09 28.72
CA VAL I 65 19.02 -27.54 28.83
C VAL I 65 19.11 -28.13 27.43
N LEU I 66 20.12 -28.96 27.21
CA LEU I 66 20.33 -29.63 25.93
C LEU I 66 20.00 -31.11 26.08
N PHE I 67 19.09 -31.61 25.25
CA PHE I 67 18.69 -33.00 25.26
C PHE I 67 19.31 -33.70 24.05
N LYS I 68 19.89 -34.87 24.29
CA LYS I 68 20.51 -35.68 23.25
C LYS I 68 19.75 -36.99 23.10
N GLY I 69 19.80 -37.57 21.90
CA GLY I 69 19.17 -38.85 21.69
C GLY I 69 19.70 -39.65 20.51
N GLN I 70 19.97 -40.93 20.73
CA GLN I 70 20.42 -41.83 19.68
C GLN I 70 19.18 -42.44 19.02
N GLY I 71 18.76 -41.88 17.90
CA GLY I 71 17.59 -42.34 17.20
C GLY I 71 16.30 -41.85 17.84
N CYS I 72 15.19 -42.22 17.21
CA CYS I 72 13.87 -41.84 17.70
C CYS I 72 13.17 -43.05 18.28
N PRO I 73 12.74 -42.99 19.54
CA PRO I 73 12.05 -44.14 20.15
C PRO I 73 10.68 -44.36 19.52
N SER I 74 10.18 -45.59 19.69
CA SER I 74 8.87 -45.94 19.14
C SER I 74 7.77 -45.10 19.78
N THR I 75 7.81 -44.93 21.09
CA THR I 75 6.85 -44.07 21.77
C THR I 75 7.27 -42.61 21.64
N HIS I 76 6.28 -41.72 21.65
CA HIS I 76 6.56 -40.29 21.56
C HIS I 76 7.23 -39.80 22.83
N VAL I 77 8.17 -38.88 22.69
CA VAL I 77 8.96 -38.37 23.79
C VAL I 77 8.75 -36.86 23.90
N LEU I 78 8.44 -36.40 25.11
CA LEU I 78 8.26 -34.99 25.40
C LEU I 78 9.31 -34.55 26.42
N LEU I 79 9.96 -33.42 26.14
CA LEU I 79 10.99 -32.88 27.01
C LEU I 79 10.47 -31.58 27.63
N THR I 80 10.34 -31.55 28.95
CA THR I 80 9.80 -30.40 29.66
C THR I 80 10.88 -29.80 30.55
N HIS I 81 11.11 -28.51 30.41
CA HIS I 81 12.03 -27.77 31.27
C HIS I 81 11.25 -26.70 32.02
N THR I 82 11.34 -26.70 33.34
CA THR I 82 10.55 -25.79 34.16
C THR I 82 11.41 -25.18 35.25
N ILE I 83 11.44 -23.85 35.30
CA ILE I 83 12.01 -23.12 36.43
C ILE I 83 10.87 -22.76 37.36
N SER I 84 10.91 -23.30 38.57
CA SER I 84 9.83 -23.17 39.54
C SER I 84 10.35 -22.48 40.80
N ARG I 85 9.42 -21.83 41.50
CA ARG I 85 9.75 -21.01 42.68
C ARG I 85 8.92 -21.47 43.86
N ILE I 86 9.58 -21.71 44.99
CA ILE I 86 8.94 -21.98 46.26
C ILE I 86 9.33 -20.83 47.18
N ALA I 87 8.43 -19.88 47.36
CA ALA I 87 8.70 -18.68 48.13
C ALA I 87 8.14 -18.78 49.54
N VAL I 88 8.60 -17.87 50.41
CA VAL I 88 8.05 -17.77 51.75
C VAL I 88 6.68 -17.11 51.77
N SER I 89 6.25 -16.54 50.65
CA SER I 89 4.96 -15.88 50.58
C SER I 89 3.83 -16.79 50.12
N TYR I 90 4.14 -17.94 49.52
CA TYR I 90 3.11 -18.83 49.03
C TYR I 90 3.32 -20.25 49.53
N GLN I 91 4.59 -20.62 49.74
CA GLN I 91 4.98 -21.91 50.31
C GLN I 91 4.52 -23.10 49.46
N THR I 92 4.29 -22.88 48.16
CA THR I 92 4.02 -23.96 47.23
C THR I 92 4.87 -23.74 45.99
N LYS I 93 5.00 -24.80 45.19
CA LYS I 93 5.77 -24.72 43.96
C LYS I 93 4.98 -23.95 42.90
N VAL I 94 5.60 -22.92 42.34
CA VAL I 94 4.98 -22.09 41.31
C VAL I 94 5.92 -22.03 40.12
N ASN I 95 5.42 -22.41 38.94
CA ASN I 95 6.24 -22.47 37.74
C ASN I 95 6.48 -21.06 37.22
N LEU I 96 7.69 -20.52 37.44
CA LEU I 96 8.03 -19.22 36.89
C LEU I 96 8.16 -19.28 35.38
N LEU I 97 8.89 -20.28 34.88
CA LEU I 97 9.13 -20.44 33.44
C LEU I 97 8.92 -21.89 33.07
N SER I 98 8.43 -22.13 31.85
CA SER I 98 8.17 -23.49 31.41
C SER I 98 8.29 -23.57 29.90
N ALA I 99 8.76 -24.72 29.42
CA ALA I 99 8.84 -24.99 27.98
C ALA I 99 8.75 -26.49 27.74
N ILE I 100 8.14 -26.85 26.62
CA ILE I 100 7.95 -28.23 26.21
C ILE I 100 8.43 -28.39 24.78
N LYS I 101 9.10 -29.51 24.50
CA LYS I 101 9.58 -29.83 23.17
C LYS I 101 9.22 -31.26 22.80
N SER I 102 9.08 -31.51 21.50
CA SER I 102 8.80 -32.84 20.96
C SER I 102 9.88 -33.13 19.91
N PRO I 103 11.00 -33.70 20.34
CA PRO I 103 12.13 -33.89 19.40
C PRO I 103 11.84 -34.82 18.25
N CYS I 104 11.05 -35.86 18.45
CA CYS I 104 10.82 -36.89 17.45
C CYS I 104 9.36 -36.86 16.99
N GLN I 105 9.16 -36.89 15.67
CA GLN I 105 7.83 -36.95 15.10
C GLN I 105 7.43 -38.33 14.62
N ARG I 106 8.41 -39.16 14.22
CA ARG I 106 8.15 -40.50 13.73
C ARG I 106 9.24 -41.44 14.22
N GLU I 107 8.89 -42.72 14.29
CA GLU I 107 9.85 -43.73 14.72
C GLU I 107 10.91 -43.96 13.65
N THR I 108 12.15 -44.16 14.10
CA THR I 108 13.23 -44.44 13.16
C THR I 108 13.06 -45.83 12.56
N PRO I 109 13.03 -45.97 11.23
CA PRO I 109 12.86 -47.26 10.55
C PRO I 109 14.02 -48.23 10.83
N ALA I 112 17.09 -48.98 9.95
CA ALA I 112 18.04 -48.02 9.38
C ALA I 112 18.97 -47.47 10.45
N GLU I 113 19.89 -46.60 10.05
CA GLU I 113 20.83 -46.00 10.99
C GLU I 113 20.12 -45.00 11.88
N ALA I 114 20.40 -45.06 13.19
CA ALA I 114 19.79 -44.18 14.16
C ALA I 114 20.55 -42.86 14.18
N LYS I 115 20.05 -41.87 13.43
CA LYS I 115 20.69 -40.58 13.40
C LYS I 115 20.44 -39.83 14.71
N PRO I 116 21.47 -39.28 15.34
CA PRO I 116 21.29 -38.59 16.62
C PRO I 116 20.51 -37.30 16.46
N TRP I 117 19.81 -36.93 17.53
CA TRP I 117 19.06 -35.67 17.59
C TRP I 117 19.47 -34.89 18.82
N TYR I 118 19.46 -33.57 18.67
CA TYR I 118 19.79 -32.63 19.73
C TYR I 118 18.73 -31.54 19.81
N GLU I 119 18.32 -31.20 21.03
CA GLU I 119 17.30 -30.17 21.21
C GLU I 119 17.66 -29.25 22.38
N PRO I 120 17.89 -27.96 22.12
CA PRO I 120 18.12 -27.01 23.21
C PRO I 120 16.84 -26.29 23.62
N ILE I 121 16.69 -26.09 24.93
CA ILE I 121 15.58 -25.35 25.50
C ILE I 121 16.16 -24.27 26.40
N TYR I 122 15.78 -23.02 26.14
CA TYR I 122 16.28 -21.88 26.90
C TYR I 122 15.11 -21.16 27.55
N LEU I 123 15.27 -20.83 28.84
CA LEU I 123 14.31 -20.03 29.58
C LEU I 123 15.01 -18.80 30.13
N GLY I 124 14.31 -17.67 30.10
CA GLY I 124 14.85 -16.43 30.61
C GLY I 124 13.80 -15.39 30.93
N GLY I 125 13.87 -14.81 32.13
CA GLY I 125 12.89 -13.83 32.54
C GLY I 125 13.41 -12.98 33.68
N VAL I 126 12.61 -11.99 34.06
CA VAL I 126 12.91 -11.10 35.18
C VAL I 126 11.76 -11.20 36.18
N PHE I 127 12.09 -11.49 37.43
CA PHE I 127 11.06 -11.70 38.46
C PHE I 127 11.44 -10.98 39.74
N GLN I 128 10.42 -10.57 40.48
CA GLN I 128 10.59 -9.98 41.81
C GLN I 128 10.54 -11.10 42.85
N LEU I 129 11.65 -11.29 43.57
CA LEU I 129 11.79 -12.40 44.49
C LEU I 129 12.09 -11.88 45.89
N GLU I 130 11.46 -12.51 46.88
CA GLU I 130 11.69 -12.14 48.27
C GLU I 130 12.83 -12.98 48.85
N LYS I 131 13.24 -12.64 50.07
CA LYS I 131 14.30 -13.36 50.74
C LYS I 131 13.82 -14.77 51.13
N GLY I 132 14.71 -15.74 50.93
CA GLY I 132 14.40 -17.12 51.27
C GLY I 132 13.72 -17.92 50.18
N ASP I 133 13.42 -17.31 49.04
CA ASP I 133 12.79 -18.03 47.94
C ASP I 133 13.76 -19.06 47.35
N ARG I 134 13.23 -20.23 47.02
CA ARG I 134 14.02 -21.32 46.46
C ARG I 134 13.63 -21.54 45.01
N LEU I 135 14.61 -21.50 44.12
CA LEU I 135 14.39 -21.65 42.69
C LEU I 135 14.98 -22.97 42.22
N SER I 136 14.17 -23.76 41.51
CA SER I 136 14.58 -25.08 41.05
C SER I 136 14.36 -25.20 39.55
N ALA I 137 15.39 -25.61 38.83
CA ALA I 137 15.31 -25.91 37.40
C ALA I 137 15.17 -27.41 37.24
N GLU I 138 13.99 -27.86 36.83
CA GLU I 138 13.67 -29.27 36.76
C GLU I 138 13.36 -29.69 35.33
N ILE I 139 13.62 -30.98 35.06
CA ILE I 139 13.37 -31.57 33.76
C ILE I 139 12.62 -32.89 33.97
N ASN I 140 12.01 -33.38 32.89
CA ASN I 140 11.23 -34.60 32.95
C ASN I 140 12.01 -35.84 32.54
N ARG I 141 13.05 -35.70 31.73
CA ARG I 141 13.83 -36.84 31.24
C ARG I 141 15.30 -36.59 31.54
N PRO I 142 15.74 -36.89 32.76
CA PRO I 142 17.16 -36.71 33.09
C PRO I 142 18.11 -37.59 32.30
N ASP I 143 17.64 -38.73 31.78
CA ASP I 143 18.51 -39.65 31.05
C ASP I 143 18.93 -39.11 29.69
N TYR I 144 18.24 -38.08 29.20
CA TYR I 144 18.55 -37.50 27.90
C TYR I 144 19.50 -36.31 28.00
N LEU I 145 19.97 -35.99 29.20
CA LEU I 145 20.77 -34.79 29.44
C LEU I 145 22.12 -34.84 28.74
N ASP I 146 22.64 -33.66 28.39
CA ASP I 146 23.91 -33.51 27.69
C ASP I 146 24.99 -33.13 28.70
N PHE I 147 25.95 -34.03 28.89
CA PHE I 147 27.09 -33.81 29.77
C PHE I 147 28.41 -33.83 29.01
N ALA I 148 28.34 -33.75 27.68
CA ALA I 148 29.55 -33.92 26.86
C ALA I 148 30.51 -32.74 27.03
N GLU I 149 29.99 -31.51 26.92
CA GLU I 149 30.82 -30.32 27.01
C GLU I 149 30.16 -29.30 27.91
N SER I 150 31.00 -28.44 28.49
CA SER I 150 30.52 -27.40 29.38
C SER I 150 29.80 -26.31 28.59
N GLY I 151 28.90 -25.61 29.27
CA GLY I 151 28.13 -24.55 28.66
C GLY I 151 26.90 -25.00 27.91
N GLN I 152 26.57 -26.29 27.93
CA GLN I 152 25.38 -26.81 27.27
C GLN I 152 24.16 -26.82 28.18
N VAL I 153 24.31 -27.28 29.42
CA VAL I 153 23.22 -27.27 30.40
C VAL I 153 23.69 -26.44 31.58
N TYR I 154 22.93 -25.40 31.92
CA TYR I 154 23.30 -24.52 33.02
C TYR I 154 22.07 -23.80 33.53
N PHE I 155 22.22 -23.25 34.74
CA PHE I 155 21.18 -22.48 35.40
C PHE I 155 21.81 -21.23 35.99
N GLY I 156 21.01 -20.19 36.18
CA GLY I 156 21.56 -18.97 36.75
C GLY I 156 20.55 -17.92 37.15
N ILE I 157 20.90 -17.15 38.18
CA ILE I 157 20.10 -16.02 38.64
C ILE I 157 21.04 -14.87 38.97
N ILE I 158 20.71 -13.67 38.48
CA ILE I 158 21.51 -12.49 38.75
C ILE I 158 20.61 -11.39 39.27
N ALA I 159 20.95 -10.84 40.43
CA ALA I 159 20.16 -9.74 41.01
C ALA I 159 20.37 -8.47 40.20
N LEU I 160 19.32 -7.67 40.09
CA LEU I 160 19.38 -6.45 39.29
C LEU I 160 18.78 -5.27 40.03
N VAL J 17 54.94 -3.92 32.26
CA VAL J 17 54.96 -5.10 31.41
C VAL J 17 55.93 -6.14 31.98
N CYS J 18 55.41 -7.02 32.84
CA CYS J 18 56.22 -8.05 33.43
C CYS J 18 56.59 -9.11 32.40
N PRO J 19 57.71 -9.84 32.60
CA PRO J 19 58.10 -10.87 31.62
C PRO J 19 57.12 -12.02 31.52
N GLN J 20 57.39 -12.94 30.59
CA GLN J 20 56.48 -14.04 30.31
C GLN J 20 56.40 -14.99 31.51
N GLY J 21 55.24 -15.63 31.65
CA GLY J 21 55.00 -16.55 32.74
C GLY J 21 54.52 -15.90 34.03
N LYS J 22 54.27 -14.60 34.03
CA LYS J 22 53.83 -13.89 35.22
C LYS J 22 52.59 -13.05 34.89
N TYR J 23 51.69 -12.96 35.86
CA TYR J 23 50.47 -12.18 35.76
C TYR J 23 50.48 -11.07 36.80
N ILE J 24 49.80 -9.97 36.47
CA ILE J 24 49.71 -8.84 37.37
C ILE J 24 48.72 -9.14 38.49
N HIS J 25 49.06 -8.73 39.70
CA HIS J 25 48.16 -8.90 40.83
C HIS J 25 46.90 -8.04 40.62
N PRO J 26 45.71 -8.60 40.88
CA PRO J 26 44.48 -7.81 40.69
C PRO J 26 44.41 -6.56 41.56
N GLN J 27 44.94 -6.62 42.78
CA GLN J 27 45.02 -5.47 43.66
C GLN J 27 46.48 -5.07 43.83
N ASN J 28 46.70 -3.76 44.03
CA ASN J 28 48.04 -3.18 44.13
C ASN J 28 48.87 -3.50 42.88
N ASN J 29 48.42 -2.94 41.75
CA ASN J 29 48.96 -3.30 40.45
C ASN J 29 50.37 -2.76 40.25
N SER J 30 51.31 -3.24 41.06
CA SER J 30 52.72 -2.96 40.86
C SER J 30 53.58 -4.20 41.09
N ILE J 31 52.99 -5.33 41.49
CA ILE J 31 53.71 -6.57 41.76
C ILE J 31 53.06 -7.67 40.94
N CYS J 32 53.87 -8.42 40.21
CA CYS J 32 53.39 -9.53 39.40
C CYS J 32 53.98 -10.83 39.93
N CYS J 33 53.23 -11.92 39.75
CA CYS J 33 53.63 -13.21 40.28
C CYS J 33 53.42 -14.30 39.23
N THR J 34 54.15 -15.40 39.39
CA THR J 34 54.14 -16.47 38.39
C THR J 34 52.78 -17.15 38.32
N LYS J 35 52.38 -17.49 37.09
CA LYS J 35 51.12 -18.20 36.89
C LYS J 35 51.24 -19.64 37.36
N CYS J 36 50.12 -20.19 37.80
CA CYS J 36 50.06 -21.60 38.17
C CYS J 36 50.22 -22.48 36.93
N HIS J 37 50.89 -23.62 37.11
CA HIS J 37 51.15 -24.53 36.00
C HIS J 37 49.92 -25.38 35.70
N LYS J 38 50.08 -26.33 34.79
CA LYS J 38 49.00 -27.23 34.43
C LYS J 38 48.66 -28.16 35.60
N GLY J 39 47.38 -28.48 35.74
CA GLY J 39 46.92 -29.31 36.82
C GLY J 39 46.66 -28.58 38.12
N THR J 40 46.85 -27.27 38.16
CA THR J 40 46.66 -26.48 39.36
C THR J 40 45.82 -25.24 39.05
N TYR J 41 45.08 -24.79 40.07
CA TYR J 41 44.27 -23.59 39.97
C TYR J 41 44.62 -22.66 41.14
N LEU J 42 44.40 -21.37 40.91
CA LEU J 42 44.69 -20.37 41.93
C LEU J 42 43.68 -20.47 43.06
N TYR J 43 44.18 -20.58 44.30
CA TYR J 43 43.35 -20.53 45.48
C TYR J 43 43.49 -19.23 46.25
N ASN J 44 44.71 -18.69 46.31
CA ASN J 44 44.96 -17.39 46.93
C ASN J 44 46.02 -16.67 46.11
N ASP J 45 46.03 -15.34 46.23
CA ASP J 45 46.97 -14.52 45.50
C ASP J 45 48.33 -14.53 46.18
N CYS J 46 49.26 -13.75 45.64
CA CYS J 46 50.62 -13.74 46.16
C CYS J 46 50.66 -12.98 47.49
N PRO J 47 51.17 -13.60 48.57
CA PRO J 47 51.32 -12.92 49.87
C PRO J 47 52.57 -12.05 49.95
N GLY J 48 52.76 -11.20 48.95
CA GLY J 48 53.92 -10.34 48.89
C GLY J 48 54.78 -10.60 47.67
N PRO J 49 55.68 -9.68 47.35
CA PRO J 49 56.54 -9.85 46.17
C PRO J 49 57.60 -10.91 46.41
N GLY J 50 57.76 -11.80 45.43
CA GLY J 50 58.77 -12.84 45.47
C GLY J 50 58.29 -14.18 46.00
N GLN J 51 57.18 -14.21 46.72
CA GLN J 51 56.67 -15.45 47.27
C GLN J 51 55.97 -16.27 46.19
N ASP J 52 55.77 -17.55 46.47
CA ASP J 52 55.10 -18.45 45.55
C ASP J 52 53.59 -18.24 45.63
N THR J 53 52.91 -18.58 44.52
CA THR J 53 51.47 -18.45 44.43
C THR J 53 50.79 -19.70 44.97
N ASP J 54 49.61 -19.51 45.57
CA ASP J 54 48.83 -20.60 46.11
C ASP J 54 48.13 -21.33 44.97
N CYS J 55 48.75 -22.41 44.50
CA CYS J 55 48.20 -23.24 43.43
C CYS J 55 47.81 -24.58 44.02
N ARG J 56 46.56 -24.97 43.84
CA ARG J 56 46.02 -26.21 44.39
C ARG J 56 45.65 -27.15 43.26
N GLU J 57 45.86 -28.46 43.48
CA GLU J 57 45.57 -29.45 42.47
C GLU J 57 44.06 -29.54 42.22
N CYS J 58 43.69 -29.71 40.95
CA CYS J 58 42.29 -29.84 40.59
C CYS J 58 41.70 -31.13 41.16
N GLU J 59 40.44 -31.06 41.54
CA GLU J 59 39.73 -32.21 42.10
C GLU J 59 39.30 -33.14 40.96
N SER J 60 38.54 -34.19 41.31
CA SER J 60 38.06 -35.13 40.32
C SER J 60 37.05 -34.47 39.39
N GLY J 61 37.16 -34.78 38.10
CA GLY J 61 36.28 -34.19 37.11
C GLY J 61 36.66 -32.80 36.65
N SER J 62 37.80 -32.28 37.10
CA SER J 62 38.24 -30.94 36.74
C SER J 62 39.69 -30.99 36.28
N PHE J 63 40.06 -30.07 35.39
CA PHE J 63 41.38 -30.07 34.80
C PHE J 63 41.75 -28.66 34.35
N THR J 64 43.06 -28.45 34.17
CA THR J 64 43.61 -27.25 33.56
C THR J 64 44.71 -27.67 32.61
N ALA J 65 44.54 -27.36 31.32
CA ALA J 65 45.42 -27.86 30.27
C ALA J 65 46.54 -26.90 29.91
N SER J 66 46.64 -25.75 30.58
CA SER J 66 47.68 -24.79 30.26
C SER J 66 47.97 -23.95 31.49
N GLU J 67 49.03 -23.15 31.41
CA GLU J 67 49.38 -22.23 32.49
C GLU J 67 48.26 -21.21 32.67
N ASN J 68 47.85 -20.99 33.92
CA ASN J 68 46.68 -20.17 34.18
C ASN J 68 46.73 -19.65 35.61
N HIS J 69 45.93 -18.62 35.86
CA HIS J 69 45.65 -18.13 37.21
C HIS J 69 44.14 -18.10 37.45
N LEU J 70 43.43 -19.05 36.86
CA LEU J 70 41.98 -19.10 36.99
C LEU J 70 41.58 -19.55 38.39
N ARG J 71 40.42 -19.07 38.85
CA ARG J 71 39.96 -19.37 40.19
C ARG J 71 39.47 -20.80 40.33
N HIS J 72 39.18 -21.49 39.21
CA HIS J 72 38.70 -22.86 39.25
C HIS J 72 39.16 -23.58 37.98
N CYS J 73 39.14 -24.90 38.05
CA CYS J 73 39.57 -25.73 36.92
C CYS J 73 38.40 -25.98 35.96
N LEU J 74 38.75 -26.16 34.68
CA LEU J 74 37.76 -26.47 33.68
C LEU J 74 37.19 -27.88 33.87
N SER J 75 35.90 -28.03 33.57
CA SER J 75 35.26 -29.33 33.64
C SER J 75 35.65 -30.16 32.43
N CYS J 76 36.22 -31.34 32.67
CA CYS J 76 36.67 -32.19 31.58
C CYS J 76 35.48 -32.77 30.83
N SER J 77 35.66 -32.94 29.52
CA SER J 77 34.57 -33.37 28.65
C SER J 77 34.26 -34.85 28.85
N LYS J 78 33.13 -35.27 28.31
CA LYS J 78 32.71 -36.66 28.31
C LYS J 78 32.48 -37.12 26.86
N CYS J 79 32.84 -38.37 26.61
CA CYS J 79 32.67 -38.93 25.27
C CYS J 79 31.20 -39.20 24.98
N ARG J 80 30.77 -38.81 23.78
CA ARG J 80 29.37 -38.93 23.38
C ARG J 80 29.09 -40.38 22.97
N LYS J 81 28.12 -41.01 23.63
CA LYS J 81 27.78 -42.40 23.32
C LYS J 81 26.98 -42.51 22.03
N GLU J 82 26.16 -41.51 21.70
CA GLU J 82 25.36 -41.54 20.48
C GLU J 82 26.19 -41.30 19.23
N MET J 83 27.42 -40.80 19.38
CA MET J 83 28.31 -40.61 18.24
C MET J 83 29.26 -41.77 18.04
N GLY J 84 29.15 -42.82 18.86
CA GLY J 84 30.06 -43.95 18.77
C GLY J 84 31.44 -43.70 19.34
N GLN J 85 31.63 -42.60 20.08
CA GLN J 85 32.94 -42.25 20.61
C GLN J 85 33.33 -43.18 21.75
N VAL J 86 34.64 -43.37 21.91
CA VAL J 86 35.20 -44.17 22.98
C VAL J 86 36.26 -43.34 23.71
N GLU J 87 36.47 -43.69 24.97
CA GLU J 87 37.35 -42.92 25.86
C GLU J 87 38.77 -43.45 25.72
N ILE J 88 39.58 -42.79 24.88
CA ILE J 88 40.97 -43.20 24.72
C ILE J 88 41.78 -42.88 25.97
N SER J 89 41.59 -41.69 26.53
CA SER J 89 42.30 -41.26 27.72
C SER J 89 41.31 -40.74 28.75
N SER J 90 41.61 -40.98 30.02
CA SER J 90 40.72 -40.60 31.11
C SER J 90 40.90 -39.11 31.44
N CYS J 91 39.98 -38.62 32.26
CA CYS J 91 39.99 -37.22 32.71
C CYS J 91 41.03 -37.07 33.80
N THR J 92 42.19 -36.53 33.45
CA THR J 92 43.27 -36.31 34.40
C THR J 92 43.18 -34.88 34.95
N VAL J 93 44.18 -34.47 35.73
CA VAL J 93 44.18 -33.14 36.30
C VAL J 93 44.79 -32.10 35.36
N ASP J 94 45.62 -32.51 34.41
CA ASP J 94 46.28 -31.58 33.50
C ASP J 94 45.96 -31.82 32.03
N ARG J 95 45.25 -32.89 31.69
CA ARG J 95 44.91 -33.19 30.31
C ARG J 95 43.42 -33.44 30.19
N ASP J 96 42.82 -32.91 29.12
CA ASP J 96 41.40 -33.12 28.87
C ASP J 96 41.13 -34.56 28.45
N THR J 97 39.88 -34.97 28.62
CA THR J 97 39.47 -36.31 28.19
C THR J 97 39.59 -36.43 26.68
N VAL J 98 40.19 -37.53 26.23
CA VAL J 98 40.39 -37.79 24.81
C VAL J 98 39.35 -38.79 24.35
N CYS J 99 38.57 -38.42 23.34
CA CYS J 99 37.54 -39.28 22.77
C CYS J 99 37.87 -39.54 21.31
N GLY J 100 37.67 -40.78 20.89
CA GLY J 100 37.99 -41.20 19.54
C GLY J 100 37.05 -42.27 19.05
N CYS J 101 37.52 -43.07 18.10
CA CYS J 101 36.75 -44.15 17.52
C CYS J 101 37.53 -45.46 17.66
N ARG J 102 36.81 -46.57 17.53
CA ARG J 102 37.40 -47.89 17.68
C ARG J 102 38.11 -48.29 16.39
N LYS J 103 38.49 -49.57 16.29
CA LYS J 103 39.21 -50.05 15.12
C LYS J 103 38.33 -50.00 13.88
N ASN J 104 38.95 -49.68 12.73
CA ASN J 104 38.28 -49.62 11.44
C ASN J 104 37.13 -48.60 11.43
N GLN J 105 37.36 -47.46 12.08
CA GLN J 105 36.40 -46.38 12.10
C GLN J 105 37.13 -45.05 11.96
N TYR J 106 36.44 -44.07 11.39
CA TYR J 106 36.98 -42.73 11.18
C TYR J 106 36.00 -41.70 11.71
N ARG J 107 36.53 -40.56 12.13
CA ARG J 107 35.72 -39.49 12.69
C ARG J 107 35.41 -38.45 11.62
N HIS J 108 34.14 -38.06 11.54
CA HIS J 108 33.68 -37.00 10.66
C HIS J 108 33.30 -35.81 11.53
N TYR J 109 33.92 -34.66 11.26
CA TYR J 109 33.76 -33.48 12.11
C TYR J 109 32.60 -32.65 11.61
N TRP J 110 31.52 -32.60 12.39
CA TRP J 110 30.43 -31.68 12.11
C TRP J 110 30.82 -30.25 12.43
N SER J 111 31.59 -30.05 13.50
CA SER J 111 32.08 -28.74 13.89
C SER J 111 33.52 -28.91 14.38
N GLU J 112 34.03 -27.86 15.04
CA GLU J 112 35.42 -27.91 15.52
C GLU J 112 35.60 -28.94 16.62
N ASN J 113 34.63 -29.05 17.54
CA ASN J 113 34.75 -29.92 18.69
C ASN J 113 33.76 -31.07 18.69
N LEU J 114 32.99 -31.23 17.61
CA LEU J 114 31.98 -32.28 17.51
C LEU J 114 32.32 -33.19 16.33
N PHE J 115 32.35 -34.49 16.59
CA PHE J 115 32.63 -35.46 15.55
C PHE J 115 31.84 -36.73 15.81
N GLN J 116 31.56 -37.45 14.72
CA GLN J 116 30.81 -38.71 14.77
C GLN J 116 31.65 -39.82 14.14
N CYS J 117 31.65 -40.98 14.79
CA CYS J 117 32.43 -42.13 14.32
C CYS J 117 31.62 -42.93 13.31
N PHE J 118 32.20 -43.16 12.14
CA PHE J 118 31.60 -43.96 11.08
C PHE J 118 32.53 -45.09 10.69
N ASN J 119 31.94 -46.25 10.36
CA ASN J 119 32.73 -47.38 9.91
C ASN J 119 33.41 -47.05 8.58
N CYS J 120 34.65 -47.50 8.42
CA CYS J 120 35.39 -47.25 7.19
C CYS J 120 34.73 -47.96 6.02
N SER J 121 34.63 -47.25 4.89
CA SER J 121 33.97 -47.80 3.71
C SER J 121 34.86 -48.84 3.05
N LEU J 122 34.38 -50.08 3.02
CA LEU J 122 35.13 -51.15 2.36
C LEU J 122 34.92 -51.08 0.85
N CYS J 123 36.00 -51.29 0.11
CA CYS J 123 35.94 -51.20 -1.34
C CYS J 123 35.18 -52.40 -1.91
N LEU J 124 34.22 -52.11 -2.80
CA LEU J 124 33.48 -53.14 -3.52
C LEU J 124 33.62 -52.86 -5.00
N ASN J 125 34.16 -53.83 -5.74
CA ASN J 125 34.47 -53.68 -7.16
C ASN J 125 35.38 -52.48 -7.40
N GLY J 126 36.36 -52.29 -6.51
CA GLY J 126 37.27 -51.17 -6.62
C GLY J 126 38.50 -51.43 -5.77
N THR J 127 39.44 -50.49 -5.87
CA THR J 127 40.71 -50.58 -5.14
C THR J 127 40.85 -49.42 -4.17
N VAL J 128 41.70 -49.61 -3.17
CA VAL J 128 41.92 -48.63 -2.12
C VAL J 128 43.06 -47.71 -2.57
N HIS J 129 42.70 -46.49 -3.00
CA HIS J 129 43.73 -45.52 -3.34
C HIS J 129 44.43 -44.97 -2.11
N LEU J 130 43.69 -44.76 -1.02
CA LEU J 130 44.25 -44.30 0.24
C LEU J 130 43.53 -45.02 1.39
N SER J 131 44.31 -45.45 2.37
CA SER J 131 43.75 -46.20 3.49
C SER J 131 42.92 -45.29 4.39
N CYS J 132 42.12 -45.91 5.26
CA CYS J 132 41.25 -45.19 6.17
C CYS J 132 42.10 -44.47 7.21
N GLN J 133 42.15 -43.14 7.13
CA GLN J 133 42.92 -42.35 8.06
C GLN J 133 42.08 -42.07 9.31
N GLU J 134 42.63 -41.27 10.24
CA GLU J 134 41.90 -40.96 11.47
C GLU J 134 40.71 -40.05 11.19
N LYS J 135 40.91 -39.02 10.37
CA LYS J 135 39.87 -38.03 10.09
C LYS J 135 39.50 -38.02 8.62
N GLN J 136 39.60 -39.17 7.95
CA GLN J 136 39.30 -39.26 6.53
C GLN J 136 38.79 -40.67 6.21
N ASN J 137 37.76 -40.74 5.38
CA ASN J 137 37.21 -42.02 4.97
C ASN J 137 38.14 -42.69 3.96
N THR J 138 37.89 -43.98 3.72
CA THR J 138 38.67 -44.73 2.76
C THR J 138 38.40 -44.22 1.35
N VAL J 139 39.47 -43.89 0.62
CA VAL J 139 39.35 -43.43 -0.76
C VAL J 139 39.36 -44.66 -1.66
N CYS J 140 38.26 -44.86 -2.38
CA CYS J 140 38.11 -46.02 -3.25
C CYS J 140 38.00 -45.56 -4.70
N THR J 141 38.83 -46.15 -5.56
CA THR J 141 38.79 -45.89 -6.99
C THR J 141 38.20 -47.11 -7.70
N CYS J 142 37.18 -46.88 -8.51
CA CYS J 142 36.47 -47.97 -9.18
C CYS J 142 37.20 -48.36 -10.47
N HIS J 143 36.64 -49.34 -11.17
CA HIS J 143 37.18 -49.84 -12.42
C HIS J 143 36.17 -49.60 -13.54
N ALA J 144 36.45 -50.18 -14.71
CA ALA J 144 35.54 -50.04 -15.84
C ALA J 144 34.19 -50.69 -15.52
N GLY J 145 33.12 -49.98 -15.88
CA GLY J 145 31.78 -50.41 -15.58
C GLY J 145 31.23 -49.96 -14.24
N PHE J 146 32.04 -49.29 -13.42
CA PHE J 146 31.62 -48.78 -12.13
C PHE J 146 32.12 -47.36 -11.95
N PHE J 147 31.40 -46.59 -11.14
CA PHE J 147 31.76 -45.21 -10.85
C PHE J 147 31.47 -44.91 -9.39
N LEU J 148 32.15 -43.88 -8.88
CA LEU J 148 32.06 -43.53 -7.47
C LEU J 148 30.80 -42.71 -7.18
N ARG J 149 30.19 -42.98 -6.04
CA ARG J 149 29.02 -42.23 -5.57
C ARG J 149 28.92 -42.45 -4.07
N GLU J 150 29.00 -41.36 -3.31
CA GLU J 150 29.00 -41.41 -1.84
C GLU J 150 30.06 -42.36 -1.31
N ASN J 151 31.24 -42.32 -1.93
CA ASN J 151 32.36 -43.21 -1.62
C ASN J 151 31.97 -44.68 -1.72
N GLU J 152 31.18 -45.00 -2.75
CA GLU J 152 30.81 -46.38 -3.02
C GLU J 152 30.80 -46.58 -4.54
N CYS J 153 31.37 -47.69 -4.99
CA CYS J 153 31.41 -47.99 -6.42
C CYS J 153 30.11 -48.65 -6.84
N VAL J 154 29.39 -48.03 -7.78
CA VAL J 154 28.12 -48.54 -8.26
C VAL J 154 28.17 -48.63 -9.78
N SER J 155 27.38 -49.54 -10.33
CA SER J 155 27.36 -49.75 -11.78
C SER J 155 26.73 -48.55 -12.48
N CYS J 156 27.28 -48.22 -13.65
CA CYS J 156 26.75 -47.11 -14.44
C CYS J 156 25.33 -47.39 -14.92
N SER J 157 25.07 -48.62 -15.35
CA SER J 157 23.74 -49.00 -15.82
C SER J 157 22.89 -49.53 -14.68
N VAL K 17 10.61 -13.61 65.53
CA VAL K 17 10.00 -14.83 65.02
C VAL K 17 8.55 -14.92 65.48
N CYS K 18 7.65 -14.35 64.68
CA CYS K 18 6.24 -14.39 65.00
C CYS K 18 5.67 -15.79 64.81
N PRO K 19 4.58 -16.13 65.53
CA PRO K 19 4.01 -17.48 65.40
C PRO K 19 3.46 -17.78 64.02
N GLN K 20 3.00 -19.03 63.83
CA GLN K 20 2.52 -19.47 62.53
C GLN K 20 1.26 -18.73 62.13
N GLY K 21 1.08 -18.59 60.82
CA GLY K 21 -0.06 -17.87 60.27
C GLY K 21 0.11 -16.37 60.18
N LYS K 22 1.27 -15.84 60.51
CA LYS K 22 1.53 -14.40 60.46
C LYS K 22 2.81 -14.12 59.69
N TYR K 23 2.81 -13.01 58.97
CA TYR K 23 3.95 -12.55 58.20
C TYR K 23 4.41 -11.19 58.72
N ILE K 24 5.71 -10.93 58.57
CA ILE K 24 6.28 -9.67 59.02
C ILE K 24 5.91 -8.56 58.04
N HIS K 25 5.60 -7.38 58.58
CA HIS K 25 5.31 -6.23 57.74
C HIS K 25 6.56 -5.84 56.96
N PRO K 26 6.43 -5.54 55.66
CA PRO K 26 7.61 -5.16 54.87
C PRO K 26 8.30 -3.91 55.38
N GLN K 27 7.55 -2.94 55.88
CA GLN K 27 8.10 -1.74 56.50
C GLN K 27 7.83 -1.77 58.00
N ASN K 28 8.73 -1.15 58.76
CA ASN K 28 8.67 -1.14 60.22
C ASN K 28 8.65 -2.57 60.76
N ASN K 29 9.75 -3.28 60.54
CA ASN K 29 9.81 -4.71 60.81
C ASN K 29 9.83 -5.02 62.30
N SER K 30 8.75 -4.66 63.00
CA SER K 30 8.54 -5.06 64.38
C SER K 30 7.11 -5.49 64.64
N ILE K 31 6.22 -5.40 63.65
CA ILE K 31 4.82 -5.78 63.79
C ILE K 31 4.50 -6.77 62.68
N CYS K 32 3.89 -7.90 63.08
CA CYS K 32 3.49 -8.93 62.12
C CYS K 32 1.97 -9.05 62.12
N CYS K 33 1.43 -9.45 60.97
CA CYS K 33 -0.01 -9.54 60.80
C CYS K 33 -0.37 -10.84 60.09
N THR K 34 -1.62 -11.26 60.27
CA THR K 34 -2.07 -12.55 59.77
C THR K 34 -2.09 -12.58 58.24
N LYS K 35 -1.70 -13.72 57.68
CA LYS K 35 -1.72 -13.90 56.24
C LYS K 35 -3.15 -14.02 55.73
N CYS K 36 -3.37 -13.60 54.48
CA CYS K 36 -4.67 -13.78 53.85
C CYS K 36 -4.92 -15.25 53.56
N HIS K 37 -6.18 -15.65 53.69
CA HIS K 37 -6.57 -17.05 53.48
C HIS K 37 -6.70 -17.35 51.99
N LYS K 38 -7.15 -18.57 51.68
CA LYS K 38 -7.34 -18.98 50.31
C LYS K 38 -8.46 -18.18 49.65
N GLY K 39 -8.29 -17.90 48.36
CA GLY K 39 -9.25 -17.11 47.63
C GLY K 39 -9.10 -15.61 47.78
N THR K 40 -8.13 -15.15 48.55
CA THR K 40 -7.93 -13.73 48.78
C THR K 40 -6.47 -13.36 48.57
N TYR K 41 -6.25 -12.12 48.13
CA TYR K 41 -4.92 -11.58 47.91
C TYR K 41 -4.78 -10.27 48.66
N LEU K 42 -3.53 -9.94 49.01
CA LEU K 42 -3.25 -8.72 49.74
C LEU K 42 -3.45 -7.51 48.84
N TYR K 43 -4.26 -6.55 49.30
CA TYR K 43 -4.43 -5.27 48.62
C TYR K 43 -3.75 -4.13 49.34
N ASN K 44 -3.77 -4.14 50.68
CA ASN K 44 -3.08 -3.15 51.48
C ASN K 44 -2.51 -3.85 52.72
N ASP K 45 -1.49 -3.23 53.30
CA ASP K 45 -0.84 -3.79 54.47
C ASP K 45 -1.64 -3.49 55.73
N CYS K 46 -1.11 -3.90 56.88
CA CYS K 46 -1.83 -3.75 58.13
C CYS K 46 -1.80 -2.29 58.58
N PRO K 47 -2.95 -1.66 58.83
CA PRO K 47 -3.01 -0.27 59.31
C PRO K 47 -2.78 -0.16 60.82
N GLY K 48 -1.71 -0.80 61.31
CA GLY K 48 -1.40 -0.79 62.71
C GLY K 48 -1.42 -2.19 63.30
N PRO K 49 -0.85 -2.33 64.51
CA PRO K 49 -0.81 -3.66 65.15
C PRO K 49 -2.18 -4.07 65.65
N GLY K 50 -2.56 -5.31 65.37
CA GLY K 50 -3.80 -5.89 65.83
C GLY K 50 -4.95 -5.79 64.86
N GLN K 51 -4.87 -4.91 63.87
CA GLN K 51 -5.95 -4.76 62.90
C GLN K 51 -5.90 -5.88 61.88
N ASP K 52 -7.01 -6.05 61.16
CA ASP K 52 -7.10 -7.06 60.12
C ASP K 52 -6.42 -6.58 58.85
N THR K 53 -5.94 -7.54 58.06
CA THR K 53 -5.28 -7.25 56.80
C THR K 53 -6.30 -7.06 55.68
N ASP K 54 -5.93 -6.24 54.70
CA ASP K 54 -6.79 -5.98 53.54
C ASP K 54 -6.63 -7.13 52.56
N CYS K 55 -7.55 -8.09 52.63
CA CYS K 55 -7.57 -9.23 51.73
C CYS K 55 -8.79 -9.11 50.82
N ARG K 56 -8.56 -9.10 49.52
CA ARG K 56 -9.61 -8.93 48.53
C ARG K 56 -9.77 -10.23 47.75
N GLU K 57 -11.01 -10.56 47.40
CA GLU K 57 -11.29 -11.79 46.67
C GLU K 57 -10.71 -11.71 45.25
N CYS K 58 -10.16 -12.84 44.79
CA CYS K 58 -9.59 -12.91 43.45
C CYS K 58 -10.68 -12.73 42.40
N GLU K 59 -10.30 -12.10 41.29
CA GLU K 59 -11.23 -11.87 40.18
C GLU K 59 -11.37 -13.14 39.36
N SER K 60 -12.11 -13.06 38.25
CA SER K 60 -12.29 -14.22 37.39
C SER K 60 -10.99 -14.57 36.69
N GLY K 61 -10.71 -15.86 36.61
CA GLY K 61 -9.48 -16.33 36.00
C GLY K 61 -8.26 -16.28 36.91
N SER K 62 -8.43 -15.95 38.18
CA SER K 62 -7.33 -15.88 39.13
C SER K 62 -7.70 -16.61 40.41
N PHE K 63 -6.70 -17.17 41.09
CA PHE K 63 -6.96 -17.98 42.27
C PHE K 63 -5.74 -17.96 43.18
N THR K 64 -5.98 -18.33 44.44
CA THR K 64 -4.92 -18.57 45.42
C THR K 64 -5.29 -19.83 46.19
N ALA K 65 -4.44 -20.86 46.11
CA ALA K 65 -4.76 -22.17 46.66
C ALA K 65 -4.19 -22.39 48.06
N SER K 66 -3.57 -21.38 48.66
CA SER K 66 -2.99 -21.55 49.98
C SER K 66 -2.92 -20.19 50.67
N GLU K 67 -2.63 -20.21 51.97
CA GLU K 67 -2.46 -18.97 52.72
C GLU K 67 -1.27 -18.19 52.17
N ASN K 68 -1.48 -16.89 51.96
CA ASN K 68 -0.48 -16.09 51.28
C ASN K 68 -0.68 -14.63 51.61
N HIS K 69 0.36 -13.83 51.33
CA HIS K 69 0.28 -12.38 51.35
C HIS K 69 0.74 -11.81 50.02
N LEU K 70 0.49 -12.54 48.94
CA LEU K 70 0.91 -12.13 47.60
C LEU K 70 0.09 -10.94 47.12
N ARG K 71 0.72 -10.11 46.29
CA ARG K 71 0.06 -8.91 45.79
C ARG K 71 -0.99 -9.21 44.72
N HIS K 72 -0.93 -10.39 44.11
CA HIS K 72 -1.90 -10.77 43.08
C HIS K 72 -2.11 -12.27 43.13
N CYS K 73 -3.24 -12.71 42.58
CA CYS K 73 -3.61 -14.12 42.58
C CYS K 73 -2.97 -14.84 41.40
N LEU K 74 -2.72 -16.13 41.60
CA LEU K 74 -2.18 -16.96 40.53
C LEU K 74 -3.19 -17.16 39.41
N SER K 75 -2.70 -17.24 38.18
CA SER K 75 -3.54 -17.50 37.03
C SER K 75 -3.90 -18.99 36.99
N CYS K 76 -5.19 -19.29 37.00
CA CYS K 76 -5.61 -20.69 37.00
C CYS K 76 -5.36 -21.33 35.64
N SER K 77 -5.02 -22.61 35.66
CA SER K 77 -4.61 -23.33 34.47
C SER K 77 -5.80 -23.60 33.55
N LYS K 78 -5.49 -24.01 32.32
CA LYS K 78 -6.49 -24.43 31.35
C LYS K 78 -6.17 -25.84 30.87
N CYS K 79 -7.23 -26.62 30.65
CA CYS K 79 -7.07 -27.99 30.21
C CYS K 79 -6.62 -28.03 28.75
N ARG K 80 -5.64 -28.89 28.47
CA ARG K 80 -5.08 -29.01 27.14
C ARG K 80 -5.99 -29.85 26.25
N LYS K 81 -6.44 -29.26 25.14
CA LYS K 81 -7.32 -29.98 24.23
C LYS K 81 -6.58 -31.01 23.40
N GLU K 82 -5.32 -30.75 23.05
CA GLU K 82 -4.52 -31.69 22.28
C GLU K 82 -4.09 -32.90 23.08
N MET K 83 -4.18 -32.84 24.41
CA MET K 83 -3.86 -33.96 25.27
C MET K 83 -5.07 -34.81 25.62
N GLY K 84 -6.25 -34.45 25.10
CA GLY K 84 -7.47 -35.14 25.46
C GLY K 84 -8.01 -34.82 26.83
N GLN K 85 -7.47 -33.80 27.49
CA GLN K 85 -7.89 -33.47 28.84
C GLN K 85 -9.28 -32.85 28.85
N VAL K 86 -9.99 -33.07 29.94
CA VAL K 86 -11.33 -32.52 30.15
C VAL K 86 -11.35 -31.80 31.48
N GLU K 87 -12.27 -30.83 31.59
CA GLU K 87 -12.35 -29.95 32.75
C GLU K 87 -13.25 -30.58 33.80
N ILE K 88 -12.64 -31.27 34.76
CA ILE K 88 -13.42 -31.89 35.83
C ILE K 88 -13.99 -30.81 36.76
N SER K 89 -13.17 -29.83 37.13
CA SER K 89 -13.60 -28.75 38.00
C SER K 89 -13.22 -27.41 37.37
N SER K 90 -14.06 -26.41 37.59
CA SER K 90 -13.87 -25.10 37.01
C SER K 90 -12.84 -24.30 37.79
N CYS K 91 -12.47 -23.14 37.25
CA CYS K 91 -11.50 -22.25 37.89
C CYS K 91 -12.24 -21.41 38.93
N THR K 92 -12.07 -21.79 40.20
CA THR K 92 -12.69 -21.07 41.30
C THR K 92 -11.69 -20.05 41.85
N VAL K 93 -12.05 -19.39 42.96
CA VAL K 93 -11.17 -18.40 43.55
C VAL K 93 -10.13 -19.00 44.48
N ASP K 94 -10.39 -20.20 45.03
CA ASP K 94 -9.48 -20.81 45.98
C ASP K 94 -8.94 -22.16 45.52
N ARG K 95 -9.42 -22.72 44.41
CA ARG K 95 -8.97 -24.01 43.92
C ARG K 95 -8.57 -23.88 42.46
N ASP K 96 -7.46 -24.50 42.10
CA ASP K 96 -6.98 -24.50 40.72
C ASP K 96 -7.90 -25.34 39.84
N THR K 97 -7.84 -25.09 38.54
CA THR K 97 -8.62 -25.86 37.58
C THR K 97 -8.14 -27.31 37.57
N VAL K 98 -9.09 -28.24 37.63
CA VAL K 98 -8.80 -29.66 37.64
C VAL K 98 -9.04 -30.21 36.25
N CYS K 99 -8.00 -30.80 35.66
CA CYS K 99 -8.08 -31.41 34.34
C CYS K 99 -7.80 -32.90 34.47
N GLY K 100 -8.59 -33.70 33.76
CA GLY K 100 -8.48 -35.14 33.82
C GLY K 100 -8.80 -35.78 32.49
N CYS K 101 -9.23 -37.04 32.54
CA CYS K 101 -9.59 -37.79 31.35
C CYS K 101 -11.02 -38.30 31.49
N ARG K 102 -11.61 -38.65 30.35
CA ARG K 102 -12.98 -39.16 30.31
C ARG K 102 -13.00 -40.63 30.70
N LYS K 103 -14.14 -41.28 30.47
CA LYS K 103 -14.31 -42.68 30.86
C LYS K 103 -13.41 -43.58 30.03
N ASN K 104 -12.90 -44.64 30.66
CA ASN K 104 -12.03 -45.64 30.04
C ASN K 104 -10.77 -45.01 29.46
N GLN K 105 -10.21 -44.03 30.17
CA GLN K 105 -8.97 -43.40 29.78
C GLN K 105 -8.09 -43.20 31.00
N TYR K 106 -6.77 -43.25 30.79
CA TYR K 106 -5.79 -43.08 31.84
C TYR K 106 -4.80 -42.00 31.43
N ARG K 107 -4.23 -41.32 32.42
CA ARG K 107 -3.29 -40.24 32.18
C ARG K 107 -1.86 -40.76 32.28
N HIS K 108 -1.05 -40.44 31.29
CA HIS K 108 0.38 -40.74 31.29
C HIS K 108 1.14 -39.44 31.51
N TYR K 109 1.94 -39.40 32.56
CA TYR K 109 2.61 -38.17 32.98
C TYR K 109 3.94 -38.06 32.27
N TRP K 110 4.04 -37.11 31.33
CA TRP K 110 5.33 -36.80 30.73
C TRP K 110 6.24 -36.07 31.71
N SER K 111 5.66 -35.17 32.52
CA SER K 111 6.40 -34.44 33.53
C SER K 111 5.56 -34.38 34.80
N GLU K 112 5.96 -33.51 35.73
CA GLU K 112 5.22 -33.38 36.98
C GLU K 112 3.82 -32.81 36.76
N ASN K 113 3.69 -31.82 35.89
CA ASN K 113 2.43 -31.12 35.68
C ASN K 113 1.83 -31.36 34.29
N LEU K 114 2.46 -32.18 33.47
CA LEU K 114 2.00 -32.44 32.11
C LEU K 114 1.63 -33.91 31.98
N PHE K 115 0.44 -34.18 31.45
CA PHE K 115 -0.03 -35.54 31.25
C PHE K 115 -0.89 -35.59 30.00
N GLN K 116 -0.97 -36.78 29.40
CA GLN K 116 -1.75 -37.02 28.20
C GLN K 116 -2.72 -38.17 28.44
N CYS K 117 -3.95 -38.00 27.96
CA CYS K 117 -4.99 -39.00 28.14
C CYS K 117 -4.92 -40.03 27.01
N PHE K 118 -4.82 -41.30 27.40
CA PHE K 118 -4.80 -42.41 26.46
C PHE K 118 -5.91 -43.40 26.80
N ASN K 119 -6.49 -43.98 25.76
CA ASN K 119 -7.52 -44.99 25.96
C ASN K 119 -6.93 -46.22 26.65
N CYS K 120 -7.71 -46.80 27.57
CA CYS K 120 -7.23 -47.97 28.30
C CYS K 120 -7.07 -49.15 27.35
N SER K 121 -5.96 -49.87 27.51
CA SER K 121 -5.65 -50.98 26.62
C SER K 121 -6.54 -52.17 26.94
N LEU K 122 -7.38 -52.54 25.98
CA LEU K 122 -8.25 -53.70 26.13
C LEU K 122 -7.46 -54.98 25.90
N CYS K 123 -7.74 -55.99 26.74
CA CYS K 123 -7.01 -57.25 26.65
C CYS K 123 -7.45 -58.04 25.42
N LEU K 124 -6.47 -58.51 24.64
CA LEU K 124 -6.72 -59.38 23.50
C LEU K 124 -5.91 -60.64 23.68
N ASN K 125 -6.60 -61.78 23.72
CA ASN K 125 -5.97 -63.09 24.00
C ASN K 125 -5.21 -63.06 25.32
N GLY K 126 -5.81 -62.44 26.32
CA GLY K 126 -5.19 -62.32 27.63
C GLY K 126 -6.21 -61.93 28.67
N THR K 127 -5.74 -61.86 29.92
CA THR K 127 -6.59 -61.54 31.06
C THR K 127 -6.10 -60.25 31.73
N VAL K 128 -7.01 -59.63 32.48
CA VAL K 128 -6.74 -58.37 33.15
C VAL K 128 -6.20 -58.68 34.54
N HIS K 129 -4.88 -58.50 34.73
CA HIS K 129 -4.30 -58.68 36.06
C HIS K 129 -4.63 -57.51 36.97
N LEU K 130 -4.70 -56.29 36.43
CA LEU K 130 -5.06 -55.11 37.18
C LEU K 130 -5.87 -54.19 36.29
N SER K 131 -6.95 -53.63 36.85
CA SER K 131 -7.84 -52.79 36.08
C SER K 131 -7.17 -51.44 35.77
N CYS K 132 -7.78 -50.71 34.84
CA CYS K 132 -7.25 -49.42 34.41
C CYS K 132 -7.43 -48.40 35.53
N GLN K 133 -6.33 -47.99 36.14
CA GLN K 133 -6.35 -47.01 37.22
C GLN K 133 -6.36 -45.60 36.63
N GLU K 134 -6.28 -44.59 37.50
CA GLU K 134 -6.28 -43.21 37.04
C GLU K 134 -4.96 -42.89 36.34
N LYS K 135 -3.83 -43.26 36.95
CA LYS K 135 -2.51 -42.94 36.43
C LYS K 135 -1.74 -44.20 36.03
N GLN K 136 -2.45 -45.24 35.60
CA GLN K 136 -1.81 -46.48 35.19
C GLN K 136 -2.66 -47.16 34.12
N ASN K 137 -2.00 -47.68 33.11
CA ASN K 137 -2.68 -48.41 32.05
C ASN K 137 -3.11 -49.78 32.55
N THR K 138 -3.99 -50.42 31.77
CA THR K 138 -4.46 -51.76 32.12
C THR K 138 -3.33 -52.77 32.02
N VAL K 139 -3.16 -53.55 33.07
CA VAL K 139 -2.14 -54.59 33.10
C VAL K 139 -2.75 -55.87 32.53
N CYS K 140 -2.19 -56.36 31.44
CA CYS K 140 -2.71 -57.54 30.75
C CYS K 140 -1.66 -58.64 30.78
N THR K 141 -2.08 -59.83 31.23
CA THR K 141 -1.23 -61.01 31.23
C THR K 141 -1.70 -61.96 30.15
N CYS K 142 -0.78 -62.37 29.28
CA CYS K 142 -1.12 -63.22 28.15
C CYS K 142 -1.14 -64.69 28.57
N HIS K 143 -1.44 -65.56 27.61
CA HIS K 143 -1.52 -67.00 27.82
C HIS K 143 -0.47 -67.69 26.96
N ALA K 144 -0.55 -69.02 26.91
CA ALA K 144 0.38 -69.79 26.09
C ALA K 144 0.20 -69.45 24.62
N GLY K 145 1.34 -69.26 23.94
CA GLY K 145 1.33 -68.85 22.55
C GLY K 145 1.36 -67.36 22.32
N PHE K 146 1.25 -66.55 23.37
CA PHE K 146 1.27 -65.10 23.26
C PHE K 146 2.19 -64.52 24.33
N PHE K 147 2.75 -63.35 24.05
CA PHE K 147 3.62 -62.66 24.98
C PHE K 147 3.34 -61.17 24.93
N LEU K 148 3.73 -60.48 25.99
CA LEU K 148 3.45 -59.05 26.13
C LEU K 148 4.47 -58.22 25.37
N ARG K 149 3.97 -57.15 24.75
CA ARG K 149 4.81 -56.20 24.03
C ARG K 149 4.03 -54.90 23.92
N GLU K 150 4.57 -53.82 24.49
CA GLU K 150 3.89 -52.51 24.53
C GLU K 150 2.49 -52.63 25.11
N ASN K 151 2.36 -53.44 26.18
CA ASN K 151 1.08 -53.73 26.83
C ASN K 151 0.06 -54.29 25.84
N GLU K 152 0.52 -55.15 24.94
CA GLU K 152 -0.35 -55.83 24.00
C GLU K 152 0.12 -57.26 23.83
N CYS K 153 -0.81 -58.21 23.85
CA CYS K 153 -0.45 -59.62 23.69
C CYS K 153 -0.35 -59.95 22.21
N VAL K 154 0.84 -60.41 21.79
CA VAL K 154 1.09 -60.75 20.41
C VAL K 154 1.66 -62.17 20.34
N SER K 155 1.42 -62.83 19.21
CA SER K 155 1.88 -64.20 19.04
C SER K 155 3.41 -64.25 18.94
N CYS K 156 3.98 -65.31 19.52
CA CYS K 156 5.43 -65.48 19.48
C CYS K 156 5.92 -65.71 18.05
N SER K 157 5.19 -66.50 17.28
CA SER K 157 5.57 -66.78 15.90
C SER K 157 4.94 -65.75 14.95
N VAL L 17 5.46 22.10 22.25
CA VAL L 17 4.94 21.36 21.11
C VAL L 17 5.30 22.07 19.82
N CYS L 18 6.43 21.71 19.24
CA CYS L 18 6.89 22.32 18.01
C CYS L 18 6.05 21.82 16.83
N PRO L 19 5.96 22.61 15.74
CA PRO L 19 5.18 22.18 14.57
C PRO L 19 5.74 20.93 13.91
N GLN L 20 4.99 20.36 12.97
CA GLN L 20 5.37 19.09 12.37
C GLN L 20 6.63 19.24 11.52
N GLY L 21 7.35 18.13 11.37
CA GLY L 21 8.61 18.12 10.67
C GLY L 21 9.81 18.45 11.52
N LYS L 22 9.63 18.70 12.81
CA LYS L 22 10.70 19.06 13.72
C LYS L 22 10.66 18.19 14.96
N TYR L 23 11.85 17.88 15.47
CA TYR L 23 12.02 17.11 16.69
C TYR L 23 12.72 17.97 17.74
N ILE L 24 12.44 17.67 19.00
CA ILE L 24 13.04 18.40 20.11
C ILE L 24 14.49 17.97 20.28
N HIS L 25 15.36 18.94 20.54
CA HIS L 25 16.76 18.65 20.81
C HIS L 25 16.89 17.82 22.08
N PRO L 26 17.70 16.76 22.08
CA PRO L 26 17.84 15.94 23.30
C PRO L 26 18.39 16.70 24.48
N GLN L 27 19.28 17.66 24.26
CA GLN L 27 19.80 18.52 25.30
C GLN L 27 19.29 19.94 25.08
N ASN L 28 19.11 20.68 26.18
CA ASN L 28 18.57 22.04 26.16
C ASN L 28 17.19 22.06 25.50
N ASN L 29 16.24 21.40 26.17
CA ASN L 29 14.93 21.12 25.58
C ASN L 29 14.08 22.38 25.46
N SER L 30 14.56 23.35 24.70
CA SER L 30 13.76 24.52 24.34
C SER L 30 13.93 24.90 22.87
N ILE L 31 14.77 24.19 22.12
CA ILE L 31 14.99 24.45 20.70
C ILE L 31 14.74 23.16 19.95
N CYS L 32 13.92 23.23 18.91
CA CYS L 32 13.62 22.09 18.06
C CYS L 32 14.16 22.33 16.66
N CYS L 33 14.49 21.25 15.97
CA CYS L 33 15.09 21.35 14.64
C CYS L 33 14.49 20.31 13.71
N THR L 34 14.59 20.59 12.41
CA THR L 34 13.93 19.76 11.40
C THR L 34 14.53 18.35 11.36
N LYS L 35 13.67 17.37 11.13
CA LYS L 35 14.13 15.99 11.04
C LYS L 35 14.92 15.77 9.74
N CYS L 36 15.66 14.66 9.72
CA CYS L 36 16.35 14.27 8.50
C CYS L 36 15.39 13.52 7.58
N HIS L 37 15.54 13.77 6.28
CA HIS L 37 14.64 13.20 5.29
C HIS L 37 14.99 11.74 5.02
N LYS L 38 14.27 11.15 4.06
CA LYS L 38 14.55 9.78 3.65
C LYS L 38 15.92 9.71 2.97
N GLY L 39 16.62 8.60 3.22
CA GLY L 39 17.96 8.42 2.70
C GLY L 39 19.05 9.06 3.52
N THR L 40 18.72 9.73 4.62
CA THR L 40 19.70 10.40 5.46
C THR L 40 19.49 10.01 6.92
N TYR L 41 20.59 9.98 7.66
CA TYR L 41 20.58 9.70 9.09
C TYR L 41 21.27 10.83 9.84
N LEU L 42 20.89 11.00 11.10
CA LEU L 42 21.49 12.04 11.92
C LEU L 42 22.92 11.69 12.29
N TYR L 43 23.84 12.61 12.01
CA TYR L 43 25.22 12.50 12.45
C TYR L 43 25.57 13.43 13.59
N ASN L 44 25.03 14.65 13.57
CA ASN L 44 25.18 15.60 14.66
C ASN L 44 23.88 16.36 14.82
N ASP L 45 23.69 16.92 16.01
CA ASP L 45 22.48 17.67 16.31
C ASP L 45 22.59 19.09 15.74
N CYS L 46 21.59 19.90 16.04
CA CYS L 46 21.56 21.26 15.51
C CYS L 46 22.57 22.14 16.23
N PRO L 47 23.46 22.83 15.50
CA PRO L 47 24.43 23.76 16.10
C PRO L 47 23.83 25.12 16.42
N GLY L 48 22.68 25.13 17.10
CA GLY L 48 21.99 26.35 17.42
C GLY L 48 20.63 26.43 16.77
N PRO L 49 19.80 27.37 17.21
CA PRO L 49 18.45 27.51 16.63
C PRO L 49 18.52 28.13 15.24
N GLY L 50 17.79 27.52 14.30
CA GLY L 50 17.67 28.01 12.95
C GLY L 50 18.67 27.43 11.97
N GLN L 51 19.69 26.72 12.46
CA GLN L 51 20.65 26.10 11.57
C GLN L 51 20.11 24.76 11.06
N ASP L 52 20.77 24.23 10.04
CA ASP L 52 20.38 22.95 9.48
C ASP L 52 20.95 21.80 10.32
N THR L 53 20.27 20.66 10.26
CA THR L 53 20.72 19.46 10.96
C THR L 53 21.73 18.70 10.11
N ASP L 54 22.65 18.02 10.78
CA ASP L 54 23.67 17.23 10.10
C ASP L 54 23.05 15.89 9.72
N CYS L 55 22.58 15.81 8.47
CA CYS L 55 22.01 14.59 7.92
C CYS L 55 22.96 14.06 6.85
N ARG L 56 23.42 12.82 7.03
CA ARG L 56 24.37 12.20 6.13
C ARG L 56 23.71 11.05 5.38
N GLU L 57 24.08 10.89 4.11
CA GLU L 57 23.49 9.85 3.28
C GLU L 57 23.86 8.46 3.81
N CYS L 58 22.91 7.54 3.76
CA CYS L 58 23.15 6.17 4.19
C CYS L 58 24.17 5.50 3.29
N GLU L 59 24.99 4.63 3.89
CA GLU L 59 26.01 3.90 3.15
C GLU L 59 25.37 2.72 2.42
N SER L 60 26.20 1.90 1.78
CA SER L 60 25.69 0.73 1.08
C SER L 60 25.11 -0.29 2.04
N GLY L 61 23.98 -0.87 1.68
CA GLY L 61 23.31 -1.83 2.53
C GLY L 61 22.49 -1.23 3.64
N SER L 62 22.33 0.08 3.68
CA SER L 62 21.56 0.76 4.72
C SER L 62 20.60 1.74 4.08
N PHE L 63 19.47 1.97 4.75
CA PHE L 63 18.42 2.81 4.19
C PHE L 63 17.57 3.40 5.31
N THR L 64 16.85 4.47 4.97
CA THR L 64 15.83 5.06 5.84
C THR L 64 14.62 5.38 4.97
N ALA L 65 13.48 4.77 5.30
CA ALA L 65 12.29 4.83 4.46
C ALA L 65 11.32 5.94 4.86
N SER L 66 11.65 6.75 5.85
CA SER L 66 10.75 7.81 6.29
C SER L 66 11.58 8.91 6.95
N GLU L 67 10.92 10.04 7.23
CA GLU L 67 11.58 11.12 7.95
C GLU L 67 11.97 10.65 9.34
N ASN L 68 13.19 10.96 9.75
CA ASN L 68 13.74 10.40 10.97
C ASN L 68 14.84 11.29 11.51
N HIS L 69 15.16 11.08 12.79
CA HIS L 69 16.36 11.61 13.39
C HIS L 69 17.17 10.48 14.04
N LEU L 70 17.12 9.30 13.44
CA LEU L 70 17.80 8.13 13.96
C LEU L 70 19.31 8.27 13.77
N ARG L 71 20.07 7.67 14.70
CA ARG L 71 21.52 7.77 14.67
C ARG L 71 22.14 6.89 13.59
N HIS L 72 21.41 5.90 13.08
CA HIS L 72 21.93 5.02 12.04
C HIS L 72 20.78 4.57 11.15
N CYS L 73 21.13 4.17 9.94
CA CYS L 73 20.13 3.74 8.96
C CYS L 73 19.76 2.28 9.17
N LEU L 74 18.53 1.94 8.79
CA LEU L 74 18.06 0.58 8.87
C LEU L 74 18.75 -0.31 7.85
N SER L 75 18.98 -1.57 8.23
CA SER L 75 19.57 -2.54 7.32
C SER L 75 18.52 -3.04 6.35
N CYS L 76 18.77 -2.88 5.05
CA CYS L 76 17.79 -3.30 4.05
C CYS L 76 17.74 -4.83 3.98
N SER L 77 16.53 -5.34 3.75
CA SER L 77 16.30 -6.78 3.78
C SER L 77 16.89 -7.46 2.55
N LYS L 78 16.94 -8.78 2.60
CA LYS L 78 17.38 -9.61 1.49
C LYS L 78 16.27 -10.58 1.10
N CYS L 79 16.13 -10.82 -0.19
CA CYS L 79 15.12 -11.73 -0.69
C CYS L 79 15.46 -13.17 -0.34
N ARG L 80 14.46 -13.91 0.12
CA ARG L 80 14.65 -15.29 0.53
C ARG L 80 14.72 -16.19 -0.69
N LYS L 81 15.84 -16.91 -0.84
CA LYS L 81 15.99 -17.82 -1.96
C LYS L 81 15.19 -19.09 -1.80
N GLU L 82 14.99 -19.54 -0.56
CA GLU L 82 14.23 -20.77 -0.29
C GLU L 82 12.73 -20.57 -0.47
N MET L 83 12.26 -19.32 -0.49
CA MET L 83 10.84 -19.03 -0.72
C MET L 83 10.54 -18.75 -2.19
N GLY L 84 11.54 -18.83 -3.06
CA GLY L 84 11.35 -18.50 -4.46
C GLY L 84 11.26 -17.02 -4.76
N GLN L 85 11.62 -16.17 -3.80
CA GLN L 85 11.51 -14.73 -4.00
C GLN L 85 12.59 -14.22 -4.96
N VAL L 86 12.27 -13.14 -5.66
CA VAL L 86 13.19 -12.49 -6.58
C VAL L 86 13.26 -11.01 -6.24
N GLU L 87 14.38 -10.40 -6.61
CA GLU L 87 14.68 -9.01 -6.23
C GLU L 87 14.11 -8.10 -7.31
N ILE L 88 12.91 -7.56 -7.05
CA ILE L 88 12.30 -6.64 -8.01
C ILE L 88 13.05 -5.30 -8.01
N SER L 89 13.37 -4.79 -6.83
CA SER L 89 14.08 -3.53 -6.69
C SER L 89 15.28 -3.72 -5.77
N SER L 90 16.36 -3.01 -6.07
CA SER L 90 17.59 -3.11 -5.30
C SER L 90 17.50 -2.32 -4.00
N CYS L 91 18.49 -2.53 -3.15
CA CYS L 91 18.57 -1.83 -1.86
C CYS L 91 19.12 -0.44 -2.12
N THR L 92 18.23 0.55 -2.14
CA THR L 92 18.63 1.94 -2.34
C THR L 92 18.84 2.60 -0.98
N VAL L 93 19.13 3.91 -0.99
CA VAL L 93 19.36 4.63 0.26
C VAL L 93 18.08 5.04 0.96
N ASP L 94 16.95 5.12 0.23
CA ASP L 94 15.70 5.56 0.82
C ASP L 94 14.56 4.55 0.69
N ARG L 95 14.72 3.51 -0.13
CA ARG L 95 13.66 2.53 -0.33
C ARG L 95 14.18 1.15 0.04
N ASP L 96 13.37 0.40 0.78
CA ASP L 96 13.74 -0.94 1.17
C ASP L 96 13.77 -1.87 -0.04
N THR L 97 14.51 -2.97 0.09
CA THR L 97 14.57 -3.96 -0.97
C THR L 97 13.20 -4.57 -1.20
N VAL L 98 12.78 -4.62 -2.46
CA VAL L 98 11.48 -5.16 -2.84
C VAL L 98 11.68 -6.58 -3.34
N CYS L 99 11.01 -7.52 -2.70
CA CYS L 99 11.07 -8.94 -3.08
C CYS L 99 9.70 -9.40 -3.49
N GLY L 100 9.65 -10.17 -4.57
CA GLY L 100 8.39 -10.64 -5.13
C GLY L 100 8.53 -12.02 -5.74
N CYS L 101 7.66 -12.31 -6.69
CA CYS L 101 7.66 -13.59 -7.39
C CYS L 101 7.78 -13.35 -8.89
N ARG L 102 8.18 -14.40 -9.60
CA ARG L 102 8.37 -14.31 -11.05
C ARG L 102 7.02 -14.45 -11.75
N LYS L 103 7.05 -14.63 -13.07
CA LYS L 103 5.84 -14.74 -13.86
C LYS L 103 5.05 -16.00 -13.48
N ASN L 104 3.72 -15.88 -13.50
CA ASN L 104 2.80 -16.99 -13.22
C ASN L 104 3.03 -17.57 -11.83
N GLN L 105 3.28 -16.69 -10.85
CA GLN L 105 3.42 -17.09 -9.46
C GLN L 105 2.72 -16.07 -8.57
N TYR L 106 2.29 -16.53 -7.39
CA TYR L 106 1.62 -15.68 -6.43
C TYR L 106 2.25 -15.89 -5.05
N ARG L 107 2.19 -14.85 -4.23
CA ARG L 107 2.78 -14.88 -2.90
C ARG L 107 1.72 -15.22 -1.86
N HIS L 108 2.03 -16.19 -1.01
CA HIS L 108 1.19 -16.58 0.11
C HIS L 108 1.86 -16.13 1.40
N TYR L 109 1.16 -15.32 2.19
CA TYR L 109 1.75 -14.66 3.36
C TYR L 109 1.58 -15.56 4.58
N TRP L 110 2.69 -16.06 5.11
CA TRP L 110 2.64 -16.77 6.39
C TRP L 110 2.48 -15.78 7.54
N SER L 111 3.10 -14.62 7.44
CA SER L 111 2.98 -13.56 8.44
C SER L 111 2.90 -12.23 7.72
N GLU L 112 3.07 -11.13 8.47
CA GLU L 112 2.98 -9.81 7.87
C GLU L 112 4.12 -9.55 6.90
N ASN L 113 5.33 -9.99 7.22
CA ASN L 113 6.51 -9.70 6.42
C ASN L 113 7.12 -10.95 5.78
N LEU L 114 6.47 -12.11 5.92
CA LEU L 114 6.98 -13.36 5.38
C LEU L 114 5.99 -13.91 4.36
N PHE L 115 6.50 -14.25 3.17
CA PHE L 115 5.64 -14.82 2.13
C PHE L 115 6.45 -15.82 1.32
N GLN L 116 5.73 -16.77 0.72
CA GLN L 116 6.32 -17.81 -0.12
C GLN L 116 5.68 -17.77 -1.50
N CYS L 117 6.50 -17.90 -2.54
CA CYS L 117 6.02 -17.87 -3.91
C CYS L 117 5.60 -19.26 -4.35
N PHE L 118 4.36 -19.38 -4.82
CA PHE L 118 3.82 -20.63 -5.33
C PHE L 118 3.36 -20.43 -6.77
N ASN L 119 3.51 -21.47 -7.58
CA ASN L 119 3.04 -21.42 -8.95
C ASN L 119 1.52 -21.34 -8.97
N CYS L 120 1.00 -20.51 -9.88
CA CYS L 120 -0.44 -20.34 -10.00
C CYS L 120 -1.09 -21.64 -10.44
N SER L 121 -2.22 -21.96 -9.81
CA SER L 121 -2.88 -23.23 -10.07
C SER L 121 -3.62 -23.17 -11.41
N LEU L 122 -3.15 -23.96 -12.37
CA LEU L 122 -3.81 -24.05 -13.66
C LEU L 122 -5.09 -24.85 -13.54
N CYS L 123 -6.15 -24.37 -14.17
CA CYS L 123 -7.43 -25.05 -14.10
C CYS L 123 -7.40 -26.35 -14.91
N LEU L 124 -7.84 -27.44 -14.28
CA LEU L 124 -7.97 -28.73 -14.95
C LEU L 124 -9.41 -29.19 -14.80
N ASN L 125 -10.08 -29.40 -15.94
CA ASN L 125 -11.51 -29.71 -15.98
C ASN L 125 -12.32 -28.64 -15.26
N GLY L 126 -11.93 -27.39 -15.44
CA GLY L 126 -12.59 -26.27 -14.79
C GLY L 126 -12.31 -24.99 -15.54
N THR L 127 -12.94 -23.92 -15.07
CA THR L 127 -12.80 -22.59 -15.66
C THR L 127 -12.23 -21.62 -14.64
N VAL L 128 -11.57 -20.58 -15.14
CA VAL L 128 -10.94 -19.57 -14.30
C VAL L 128 -11.98 -18.50 -13.98
N HIS L 129 -12.50 -18.54 -12.74
CA HIS L 129 -13.42 -17.50 -12.31
C HIS L 129 -12.71 -16.18 -12.04
N LEU L 130 -11.49 -16.23 -11.51
CA LEU L 130 -10.69 -15.05 -11.27
C LEU L 130 -9.23 -15.39 -11.56
N SER L 131 -8.54 -14.49 -12.25
CA SER L 131 -7.17 -14.73 -12.65
C SER L 131 -6.23 -14.68 -11.45
N CYS L 132 -5.04 -15.22 -11.62
CA CYS L 132 -4.03 -15.25 -10.57
C CYS L 132 -3.57 -13.83 -10.27
N GLN L 133 -3.89 -13.33 -9.09
CA GLN L 133 -3.51 -12.00 -8.67
C GLN L 133 -2.11 -12.03 -8.05
N GLU L 134 -1.69 -10.91 -7.47
CA GLU L 134 -0.37 -10.85 -6.85
C GLU L 134 -0.34 -11.65 -5.55
N LYS L 135 -1.37 -11.49 -4.72
CA LYS L 135 -1.43 -12.14 -3.41
C LYS L 135 -2.61 -13.09 -3.30
N GLN L 136 -3.02 -13.70 -4.42
CA GLN L 136 -4.16 -14.60 -4.42
C GLN L 136 -3.96 -15.65 -5.51
N ASN L 137 -4.31 -16.90 -5.19
CA ASN L 137 -4.20 -17.98 -6.15
C ASN L 137 -5.35 -17.91 -7.15
N THR L 138 -5.20 -18.67 -8.24
CA THR L 138 -6.22 -18.71 -9.28
C THR L 138 -7.49 -19.36 -8.73
N VAL L 139 -8.61 -18.67 -8.86
CA VAL L 139 -9.90 -19.19 -8.44
C VAL L 139 -10.47 -20.02 -9.58
N CYS L 140 -10.71 -21.30 -9.33
CA CYS L 140 -11.16 -22.24 -10.34
C CYS L 140 -12.52 -22.79 -9.96
N THR L 141 -13.46 -22.75 -10.90
CA THR L 141 -14.79 -23.32 -10.73
C THR L 141 -14.90 -24.55 -11.61
N CYS L 142 -15.25 -25.69 -11.01
CA CYS L 142 -15.32 -26.95 -11.72
C CYS L 142 -16.68 -27.09 -12.41
N HIS L 143 -16.81 -28.15 -13.20
CA HIS L 143 -18.05 -28.48 -13.91
C HIS L 143 -18.69 -29.70 -13.27
N ALA L 144 -19.76 -30.18 -13.90
CA ALA L 144 -20.45 -31.37 -13.41
C ALA L 144 -19.51 -32.58 -13.44
N GLY L 145 -19.59 -33.39 -12.39
CA GLY L 145 -18.70 -34.52 -12.23
C GLY L 145 -17.39 -34.22 -11.55
N PHE L 146 -17.11 -32.94 -11.25
CA PHE L 146 -15.90 -32.54 -10.57
C PHE L 146 -16.23 -31.54 -9.47
N PHE L 147 -15.39 -31.51 -8.44
CA PHE L 147 -15.57 -30.59 -7.33
C PHE L 147 -14.20 -30.08 -6.88
N LEU L 148 -14.21 -28.93 -6.21
CA LEU L 148 -12.98 -28.26 -5.81
C LEU L 148 -12.42 -28.85 -4.53
N ARG L 149 -11.09 -28.96 -4.48
CA ARG L 149 -10.38 -29.44 -3.30
C ARG L 149 -8.95 -28.94 -3.39
N GLU L 150 -8.53 -28.14 -2.42
CA GLU L 150 -7.20 -27.53 -2.39
C GLU L 150 -6.92 -26.76 -3.68
N ASN L 151 -7.94 -26.04 -4.16
CA ASN L 151 -7.88 -25.31 -5.43
C ASN L 151 -7.50 -26.22 -6.60
N GLU L 152 -8.05 -27.43 -6.61
CA GLU L 152 -7.88 -28.35 -7.73
C GLU L 152 -9.20 -29.09 -7.95
N CYS L 153 -9.60 -29.22 -9.21
CA CYS L 153 -10.84 -29.91 -9.53
C CYS L 153 -10.58 -31.41 -9.63
N VAL L 154 -11.28 -32.18 -8.81
CA VAL L 154 -11.13 -33.63 -8.77
C VAL L 154 -12.49 -34.28 -8.93
N SER L 155 -12.49 -35.50 -9.46
CA SER L 155 -13.74 -36.22 -9.69
C SER L 155 -14.37 -36.61 -8.37
N CYS L 156 -15.70 -36.57 -8.33
CA CYS L 156 -16.42 -36.96 -7.12
C CYS L 156 -16.24 -38.44 -6.82
N SER L 157 -16.27 -39.28 -7.84
CA SER L 157 -16.09 -40.72 -7.65
C SER L 157 -14.61 -41.09 -7.74
#